data_5MX4
#
_entry.id   5MX4
#
_cell.length_a   74.190
_cell.length_b   129.492
_cell.length_c   156.019
_cell.angle_alpha   90.000
_cell.angle_beta   90.000
_cell.angle_gamma   90.000
#
_symmetry.space_group_name_H-M   'P 21 21 21'
#
loop_
_entity.id
_entity.type
_entity.pdbx_description
1 polymer 'Purine nucleoside phosphorylase DeoD-type'
2 non-polymer HYPOXANTHINE
3 non-polymer 'PHOSPHATE ION'
4 water water
#
_entity_poly.entity_id   1
_entity_poly.type   'polypeptide(L)'
_entity_poly.pdbx_seq_one_letter_code
;MTPHINAKIGDFYPQCLLCGDPLRVSYIAKKFLQDAKEITNVRNMLGFSGKYKGKGISLMGHGMGIASCTIYVTELIKTY
QVKELLRIGTCGAISPKVGLKDIIMATGASTDSKTNRVRFLNHDLSATPDFELSLRAYQTAKRLGIDLKIGNVFSSDFFY
SFETHAFDLMAQYNHLAIEMEAAGLYATAMELNAKALCLCSVSDHLITKEALSPKERIESFDNMIILALEMMS
;
_entity_poly.pdbx_strand_id   A,B,C,D,E,F
#
loop_
_chem_comp.id
_chem_comp.type
_chem_comp.name
_chem_comp.formula
HPA non-polymer HYPOXANTHINE 'C5 H4 N4 O'
PO4 non-polymer 'PHOSPHATE ION' 'O4 P -3'
#
# COMPACT_ATOMS: atom_id res chain seq x y z
N MET A 1 30.30 5.90 22.98
CA MET A 1 30.42 7.07 22.12
C MET A 1 29.36 7.08 21.01
N THR A 2 28.56 6.03 20.99
CA THR A 2 27.26 5.98 20.32
C THR A 2 26.24 5.65 21.39
N PRO A 3 24.97 6.00 21.20
CA PRO A 3 24.00 5.79 22.29
C PRO A 3 23.82 4.31 22.69
N HIS A 4 24.36 3.36 21.95
CA HIS A 4 24.15 1.96 22.27
C HIS A 4 25.42 1.14 22.37
N ILE A 5 26.59 1.75 22.12
CA ILE A 5 27.87 1.08 22.26
C ILE A 5 28.81 2.02 23.01
N ASN A 6 29.44 1.53 24.08
CA ASN A 6 30.41 2.30 24.84
C ASN A 6 31.85 1.83 24.60
N ALA A 7 32.12 1.20 23.46
CA ALA A 7 33.48 0.83 23.13
C ALA A 7 34.29 2.06 22.73
N LYS A 8 35.61 1.90 22.73
CA LYS A 8 36.49 2.95 22.25
C LYS A 8 36.74 2.73 20.76
N ILE A 9 36.99 3.84 20.05
CA ILE A 9 37.23 3.73 18.62
C ILE A 9 38.51 2.92 18.40
N GLY A 10 38.45 1.96 17.49
CA GLY A 10 39.53 1.01 17.29
C GLY A 10 39.36 -0.31 18.03
N ASP A 11 38.40 -0.40 18.96
CA ASP A 11 38.23 -1.61 19.75
C ASP A 11 37.68 -2.77 18.95
N PHE A 12 37.09 -2.51 17.78
CA PHE A 12 36.49 -3.53 16.93
C PHE A 12 37.46 -3.86 15.79
N TYR A 13 37.69 -5.15 15.54
CA TYR A 13 38.32 -5.56 14.31
C TYR A 13 37.36 -5.30 13.14
N PRO A 14 37.87 -5.23 11.90
CA PRO A 14 37.00 -4.96 10.75
C PRO A 14 36.10 -6.13 10.38
N GLN A 15 36.23 -7.27 11.04
CA GLN A 15 35.36 -8.42 10.86
C GLN A 15 34.63 -8.66 12.17
N CYS A 16 33.30 -8.75 12.11
CA CYS A 16 32.51 -8.94 13.31
C CYS A 16 31.48 -10.04 13.14
N LEU A 17 31.45 -10.96 14.10
CA LEU A 17 30.40 -11.96 14.21
C LEU A 17 29.24 -11.40 15.03
N LEU A 18 28.01 -11.66 14.59
CA LEU A 18 26.83 -11.09 15.23
C LEU A 18 25.90 -12.18 15.72
N CYS A 19 25.33 -11.97 16.90
CA CYS A 19 24.21 -12.77 17.40
C CYS A 19 23.15 -11.85 17.99
N GLY A 20 21.92 -12.35 18.09
CA GLY A 20 20.90 -11.60 18.81
C GLY A 20 21.14 -11.64 20.30
N ASP A 21 21.50 -12.81 20.82
CA ASP A 21 21.62 -13.04 22.25
C ASP A 21 22.99 -12.59 22.74
N PRO A 22 23.08 -11.62 23.65
CA PRO A 22 24.41 -11.23 24.15
C PRO A 22 25.09 -12.33 24.96
N LEU A 23 24.31 -13.24 25.57
CA LEU A 23 24.91 -14.34 26.32
C LEU A 23 25.56 -15.37 25.40
N ARG A 24 25.03 -15.51 24.17
CA ARG A 24 25.71 -16.36 23.20
C ARG A 24 27.04 -15.77 22.78
N VAL A 25 27.09 -14.44 22.60
CA VAL A 25 28.36 -13.77 22.31
C VAL A 25 29.36 -14.07 23.43
N SER A 26 28.93 -13.94 24.68
CA SER A 26 29.75 -14.31 25.83
C SER A 26 30.28 -15.74 25.70
N TYR A 27 29.36 -16.69 25.52
CA TYR A 27 29.74 -18.10 25.35
C TYR A 27 30.81 -18.25 24.28
N ILE A 28 30.64 -17.58 23.13
CA ILE A 28 31.60 -17.70 22.05
C ILE A 28 32.96 -17.13 22.46
N ALA A 29 32.95 -15.98 23.14
CA ALA A 29 34.20 -15.32 23.49
C ALA A 29 35.02 -16.15 24.48
N LYS A 30 34.34 -16.85 25.39
CA LYS A 30 35.06 -17.66 26.36
C LYS A 30 35.53 -18.98 25.76
N LYS A 31 34.70 -19.63 24.96
CA LYS A 31 35.01 -20.98 24.52
C LYS A 31 35.94 -20.99 23.30
N PHE A 32 35.82 -20.00 22.41
CA PHE A 32 36.47 -20.11 21.11
C PHE A 32 37.57 -19.09 20.85
N LEU A 33 37.74 -18.07 21.69
CA LEU A 33 38.75 -17.05 21.42
C LEU A 33 39.85 -17.09 22.47
N GLN A 34 41.05 -16.63 22.06
CA GLN A 34 42.13 -16.33 22.99
C GLN A 34 42.14 -14.84 23.29
N ASP A 35 42.41 -14.50 24.55
CA ASP A 35 42.65 -13.10 24.94
C ASP A 35 41.45 -12.23 24.64
N ALA A 36 40.26 -12.76 24.89
CA ALA A 36 39.05 -12.02 24.60
C ALA A 36 38.85 -10.93 25.65
N LYS A 37 38.43 -9.76 25.20
CA LYS A 37 38.17 -8.65 26.09
C LYS A 37 36.78 -8.09 25.77
N GLU A 38 35.95 -8.01 26.79
CA GLU A 38 34.68 -7.30 26.66
C GLU A 38 34.93 -5.83 26.38
N ILE A 39 34.36 -5.33 25.30
CA ILE A 39 34.59 -3.95 24.87
C ILE A 39 33.34 -3.07 24.91
N THR A 40 32.14 -3.64 25.11
CA THR A 40 30.94 -2.83 25.22
C THR A 40 29.89 -3.61 26.00
N ASN A 41 28.93 -2.88 26.58
CA ASN A 41 27.92 -3.50 27.43
C ASN A 41 26.75 -2.57 27.76
N VAL A 42 26.50 -1.55 26.91
CA VAL A 42 25.32 -0.72 27.08
C VAL A 42 24.07 -1.59 26.97
N ARG A 43 23.14 -1.42 27.92
CA ARG A 43 21.89 -2.19 27.97
C ARG A 43 22.15 -3.69 28.10
N ASN A 44 23.29 -4.07 28.68
CA ASN A 44 23.72 -5.46 28.77
C ASN A 44 23.95 -6.12 27.40
N MET A 45 24.03 -5.35 26.33
CA MET A 45 24.32 -5.90 25.01
C MET A 45 25.84 -5.95 24.84
N LEU A 46 26.38 -7.17 24.86
CA LEU A 46 27.81 -7.38 25.01
C LEU A 46 28.52 -7.44 23.66
N GLY A 47 29.70 -6.86 23.62
CA GLY A 47 30.62 -7.05 22.52
C GLY A 47 31.98 -7.42 23.06
N PHE A 48 32.74 -8.12 22.23
CA PHE A 48 34.07 -8.60 22.59
C PHE A 48 34.99 -8.45 21.39
N SER A 49 36.28 -8.29 21.69
CA SER A 49 37.34 -8.50 20.72
C SER A 49 38.29 -9.57 21.24
N GLY A 50 38.92 -10.28 20.30
CA GLY A 50 39.85 -11.33 20.66
C GLY A 50 40.38 -11.99 19.41
N LYS A 51 41.11 -13.08 19.61
CA LYS A 51 41.76 -13.80 18.52
C LYS A 51 41.17 -15.19 18.31
N TYR A 52 41.16 -15.60 17.05
CA TYR A 52 40.80 -16.95 16.67
C TYR A 52 41.84 -17.43 15.67
N LYS A 53 42.54 -18.51 16.02
CA LYS A 53 43.65 -19.04 15.23
C LYS A 53 44.55 -17.90 14.74
N GLY A 54 44.92 -17.04 15.69
CA GLY A 54 45.85 -15.97 15.43
C GLY A 54 45.30 -14.74 14.72
N LYS A 55 44.08 -14.78 14.19
CA LYS A 55 43.52 -13.64 13.48
C LYS A 55 42.52 -12.89 14.36
N GLY A 56 42.49 -11.57 14.16
CA GLY A 56 41.61 -10.74 14.97
C GLY A 56 40.16 -10.88 14.53
N ILE A 57 39.27 -11.01 15.51
CA ILE A 57 37.85 -11.16 15.23
C ILE A 57 37.06 -10.44 16.33
N SER A 58 35.87 -9.95 15.97
CA SER A 58 35.01 -9.26 16.92
C SER A 58 33.64 -9.93 17.00
N LEU A 59 32.99 -9.75 18.15
CA LEU A 59 31.67 -10.31 18.42
C LEU A 59 30.76 -9.21 18.95
N MET A 60 29.46 -9.29 18.62
CA MET A 60 28.54 -8.23 19.04
C MET A 60 27.13 -8.76 19.06
N GLY A 61 26.45 -8.59 20.19
CA GLY A 61 25.02 -8.86 20.24
C GLY A 61 24.22 -7.68 19.71
N HIS A 62 23.01 -7.98 19.21
CA HIS A 62 22.21 -6.93 18.57
C HIS A 62 20.72 -7.05 18.88
N GLY A 63 20.32 -7.86 19.85
CA GLY A 63 18.91 -7.93 20.19
C GLY A 63 18.08 -8.63 19.10
N MET A 64 16.77 -8.49 19.23
CA MET A 64 15.81 -9.20 18.39
C MET A 64 15.04 -8.22 17.53
N GLY A 65 14.80 -8.59 16.28
CA GLY A 65 14.03 -7.77 15.36
C GLY A 65 14.87 -6.84 14.53
N ILE A 66 14.30 -6.47 13.38
CA ILE A 66 14.92 -5.57 12.41
C ILE A 66 15.33 -4.24 13.05
N ALA A 67 14.38 -3.59 13.75
CA ALA A 67 14.66 -2.29 14.36
C ALA A 67 15.89 -2.34 15.27
N SER A 68 15.95 -3.33 16.17
CA SER A 68 17.11 -3.47 17.05
C SER A 68 18.39 -3.79 16.26
N CYS A 69 18.36 -4.85 15.43
CA CYS A 69 19.55 -5.20 14.66
C CYS A 69 20.04 -4.03 13.84
N THR A 70 19.11 -3.23 13.30
CA THR A 70 19.47 -2.07 12.48
C THR A 70 20.26 -1.05 13.30
N ILE A 71 19.88 -0.86 14.56
CA ILE A 71 20.56 0.12 15.40
C ILE A 71 22.04 -0.24 15.58
N TYR A 72 22.32 -1.49 15.95
CA TYR A 72 23.69 -1.87 16.28
C TYR A 72 24.57 -1.96 15.03
N VAL A 73 24.03 -2.50 13.94
CA VAL A 73 24.81 -2.58 12.70
C VAL A 73 25.12 -1.20 12.16
N THR A 74 24.16 -0.27 12.26
CA THR A 74 24.42 1.08 11.78
C THR A 74 25.59 1.70 12.52
N GLU A 75 25.57 1.60 13.85
CA GLU A 75 26.67 2.13 14.66
C GLU A 75 27.97 1.38 14.39
N LEU A 76 27.90 0.05 14.28
CA LEU A 76 29.12 -0.72 14.06
C LEU A 76 29.85 -0.24 12.81
N ILE A 77 29.10 0.04 11.75
CA ILE A 77 29.72 0.42 10.48
C ILE A 77 30.15 1.88 10.53
N LYS A 78 29.28 2.77 11.04
CA LYS A 78 29.52 4.20 10.85
C LYS A 78 30.56 4.73 11.82
N THR A 79 30.52 4.28 13.08
CA THR A 79 31.43 4.78 14.10
C THR A 79 32.64 3.86 14.31
N TYR A 80 32.46 2.54 14.24
CA TYR A 80 33.51 1.61 14.59
C TYR A 80 34.17 0.91 13.41
N GLN A 81 33.82 1.28 12.18
CA GLN A 81 34.53 0.89 10.97
C GLN A 81 34.48 -0.60 10.69
N VAL A 82 33.50 -1.32 11.25
CA VAL A 82 33.33 -2.71 10.85
C VAL A 82 33.03 -2.77 9.36
N LYS A 83 33.67 -3.72 8.66
CA LYS A 83 33.51 -3.86 7.23
C LYS A 83 32.82 -5.15 6.81
N GLU A 84 32.97 -6.21 7.60
CA GLU A 84 32.36 -7.51 7.32
C GLU A 84 31.53 -7.90 8.52
N LEU A 85 30.26 -8.18 8.29
CA LEU A 85 29.34 -8.54 9.36
C LEU A 85 28.76 -9.89 9.05
N LEU A 86 29.14 -10.87 9.85
CA LEU A 86 28.72 -12.25 9.68
C LEU A 86 27.81 -12.59 10.84
N ARG A 87 26.64 -13.07 10.53
CA ARG A 87 25.63 -13.10 11.55
C ARG A 87 25.08 -14.50 11.63
N ILE A 88 24.97 -15.02 12.86
CA ILE A 88 24.63 -16.42 13.09
C ILE A 88 23.52 -16.48 14.12
N GLY A 89 22.65 -17.47 13.96
CA GLY A 89 21.49 -17.58 14.83
C GLY A 89 20.65 -18.77 14.44
N THR A 90 19.55 -18.95 15.16
CA THR A 90 18.68 -20.08 14.86
C THR A 90 17.47 -19.60 14.06
N CYS A 91 16.68 -20.57 13.62
CA CYS A 91 15.51 -20.25 12.82
C CYS A 91 14.59 -21.44 12.85
N GLY A 92 13.33 -21.20 12.50
CA GLY A 92 12.35 -22.25 12.33
C GLY A 92 12.19 -22.62 10.87
N ALA A 93 12.53 -23.86 10.55
CA ALA A 93 12.44 -24.30 9.17
C ALA A 93 10.97 -24.34 8.72
N ILE A 94 10.75 -24.00 7.45
CA ILE A 94 9.40 -24.01 6.92
C ILE A 94 9.35 -24.81 5.62
N SER A 95 10.48 -25.22 5.13
CA SER A 95 10.59 -25.94 3.88
C SER A 95 10.76 -27.44 4.12
N PRO A 96 10.26 -28.31 3.24
CA PRO A 96 10.51 -29.74 3.42
C PRO A 96 11.93 -30.16 3.10
N LYS A 97 12.75 -29.26 2.55
CA LYS A 97 14.10 -29.60 2.11
C LYS A 97 15.18 -29.24 3.13
N VAL A 98 14.79 -28.81 4.33
CA VAL A 98 15.71 -28.59 5.43
C VAL A 98 15.16 -29.29 6.66
N GLY A 99 16.06 -29.67 7.57
CA GLY A 99 15.66 -30.30 8.80
C GLY A 99 16.57 -29.90 9.95
N LEU A 100 16.29 -30.44 11.12
CA LEU A 100 17.05 -30.11 12.32
C LEU A 100 18.55 -30.22 12.06
N LYS A 101 19.31 -29.26 12.59
CA LYS A 101 20.76 -29.18 12.53
C LYS A 101 21.29 -28.65 11.18
N ASP A 102 20.45 -28.45 10.16
CA ASP A 102 20.94 -27.86 8.92
C ASP A 102 21.38 -26.42 9.16
N ILE A 103 22.40 -26.00 8.44
CA ILE A 103 22.83 -24.61 8.43
C ILE A 103 22.40 -24.01 7.11
N ILE A 104 21.64 -22.92 7.18
CA ILE A 104 21.11 -22.23 6.00
C ILE A 104 21.92 -20.96 5.76
N MET A 105 22.31 -20.75 4.52
CA MET A 105 22.90 -19.48 4.09
C MET A 105 21.84 -18.69 3.32
N ALA A 106 21.52 -17.50 3.82
CA ALA A 106 20.41 -16.71 3.31
C ALA A 106 20.94 -15.83 2.18
N THR A 107 20.70 -16.26 0.95
CA THR A 107 21.06 -15.49 -0.23
C THR A 107 20.06 -14.40 -0.51
N GLY A 108 18.91 -14.43 0.16
CA GLY A 108 17.95 -13.35 0.13
C GLY A 108 17.18 -13.39 1.44
N ALA A 109 16.60 -12.24 1.79
CA ALA A 109 15.84 -12.11 3.04
C ALA A 109 14.59 -11.31 2.69
N SER A 110 13.48 -12.02 2.51
CA SER A 110 12.17 -11.41 2.35
C SER A 110 11.71 -10.88 3.71
N THR A 111 10.61 -10.12 3.73
CA THR A 111 10.21 -9.52 5.00
C THR A 111 8.77 -9.05 4.93
N ASP A 112 8.13 -9.00 6.10
CA ASP A 112 6.85 -8.32 6.23
C ASP A 112 7.01 -6.95 6.89
N SER A 113 8.25 -6.50 7.06
CA SER A 113 8.52 -5.18 7.58
C SER A 113 8.13 -4.12 6.55
N LYS A 114 7.87 -2.92 7.05
CA LYS A 114 7.79 -1.77 6.15
C LYS A 114 9.12 -1.04 6.04
N THR A 115 10.15 -1.44 6.80
CA THR A 115 11.40 -0.66 6.85
C THR A 115 12.04 -0.48 5.48
N ASN A 116 11.99 -1.51 4.63
CA ASN A 116 12.68 -1.36 3.36
C ASN A 116 11.86 -0.53 2.37
N ARG A 117 10.54 -0.60 2.41
CA ARG A 117 9.77 0.32 1.57
C ARG A 117 9.99 1.77 1.98
N VAL A 118 10.21 2.00 3.29
CA VAL A 118 10.50 3.34 3.79
C VAL A 118 11.90 3.78 3.35
N ARG A 119 12.85 2.82 3.30
CA ARG A 119 14.20 3.12 2.82
C ARG A 119 14.23 3.36 1.32
N PHE A 120 13.37 2.69 0.57
CA PHE A 120 13.67 2.43 -0.84
C PHE A 120 12.44 2.78 -1.70
N LEU A 121 12.05 4.05 -1.67
CA LEU A 121 11.14 4.64 -2.65
C LEU A 121 9.74 4.04 -2.60
N ASN A 122 9.41 3.33 -1.52
CA ASN A 122 8.21 2.51 -1.42
C ASN A 122 8.13 1.46 -2.53
N HIS A 123 9.27 1.06 -3.08
CA HIS A 123 9.35 -0.04 -4.01
C HIS A 123 9.82 -1.31 -3.28
N ASP A 124 10.07 -2.38 -4.03
CA ASP A 124 10.57 -3.64 -3.49
C ASP A 124 12.09 -3.65 -3.50
N LEU A 125 12.72 -3.51 -2.35
CA LEU A 125 14.15 -3.69 -2.23
C LEU A 125 14.42 -5.18 -1.99
N SER A 126 15.16 -5.82 -2.90
CA SER A 126 15.54 -7.22 -2.68
C SER A 126 16.80 -7.22 -1.82
N ALA A 127 16.61 -7.47 -0.52
CA ALA A 127 17.72 -7.44 0.43
C ALA A 127 18.57 -8.70 0.30
N THR A 128 19.86 -8.52 0.03
CA THR A 128 20.77 -9.61 -0.32
C THR A 128 22.13 -9.44 0.35
N PRO A 129 22.82 -10.53 0.65
CA PRO A 129 24.16 -10.46 1.25
C PRO A 129 25.23 -10.13 0.22
N ASP A 130 26.43 -9.88 0.71
CA ASP A 130 27.55 -9.65 -0.18
C ASP A 130 27.99 -11.00 -0.76
N PHE A 131 28.15 -11.07 -2.08
CA PHE A 131 28.41 -12.36 -2.73
C PHE A 131 29.72 -12.96 -2.27
N GLU A 132 30.78 -12.14 -2.12
CA GLU A 132 32.08 -12.70 -1.80
C GLU A 132 32.05 -13.39 -0.45
N LEU A 133 31.29 -12.84 0.50
CA LEU A 133 31.13 -13.49 1.79
C LEU A 133 30.39 -14.82 1.67
N SER A 134 29.38 -14.89 0.80
CA SER A 134 28.69 -16.15 0.64
C SER A 134 29.60 -17.19 0.02
N LEU A 135 30.48 -16.76 -0.90
CA LEU A 135 31.46 -17.64 -1.51
C LEU A 135 32.42 -18.21 -0.46
N ARG A 136 32.93 -17.35 0.42
CA ARG A 136 33.76 -17.82 1.53
C ARG A 136 33.01 -18.80 2.42
N ALA A 137 31.69 -18.58 2.59
CA ALA A 137 30.89 -19.49 3.39
C ALA A 137 30.72 -20.82 2.67
N TYR A 138 30.37 -20.77 1.39
CA TYR A 138 30.22 -22.00 0.60
C TYR A 138 31.54 -22.78 0.57
N GLN A 139 32.65 -22.10 0.31
CA GLN A 139 33.92 -22.80 0.23
C GLN A 139 34.32 -23.38 1.59
N THR A 140 34.17 -22.61 2.66
CA THR A 140 34.57 -23.10 3.97
C THR A 140 33.75 -24.32 4.38
N ALA A 141 32.44 -24.31 4.09
CA ALA A 141 31.60 -25.42 4.53
C ALA A 141 31.95 -26.71 3.81
N LYS A 142 32.12 -26.65 2.49
CA LYS A 142 32.66 -27.79 1.75
C LYS A 142 33.91 -28.34 2.41
N ARG A 143 34.94 -27.49 2.57
CA ARG A 143 36.18 -27.88 3.22
C ARG A 143 35.95 -28.48 4.61
N LEU A 144 35.05 -27.90 5.40
CA LEU A 144 34.72 -28.48 6.70
C LEU A 144 33.77 -29.69 6.60
N GLY A 145 33.31 -30.04 5.41
CA GLY A 145 32.39 -31.15 5.29
C GLY A 145 31.00 -30.89 5.85
N ILE A 146 30.53 -29.64 5.82
CA ILE A 146 29.17 -29.30 6.20
C ILE A 146 28.31 -29.19 4.94
N ASP A 147 27.12 -29.80 4.98
CA ASP A 147 26.21 -29.78 3.83
C ASP A 147 25.36 -28.51 3.92
N LEU A 148 25.93 -27.42 3.42
CA LEU A 148 25.34 -26.10 3.60
C LEU A 148 24.08 -25.97 2.77
N LYS A 149 22.97 -25.61 3.41
CA LYS A 149 21.71 -25.38 2.73
C LYS A 149 21.63 -23.92 2.32
N ILE A 150 21.01 -23.67 1.17
CA ILE A 150 21.13 -22.35 0.53
C ILE A 150 19.78 -21.90 -0.01
N GLY A 151 19.33 -20.72 0.40
CA GLY A 151 18.08 -20.19 -0.13
C GLY A 151 17.71 -18.88 0.54
N ASN A 152 16.47 -18.45 0.30
CA ASN A 152 15.93 -17.27 0.97
C ASN A 152 15.50 -17.62 2.39
N VAL A 153 15.50 -16.62 3.26
CA VAL A 153 14.78 -16.67 4.52
C VAL A 153 13.74 -15.55 4.51
N PHE A 154 12.76 -15.67 5.42
CA PHE A 154 11.73 -14.66 5.61
C PHE A 154 11.98 -14.00 6.96
N SER A 155 12.31 -12.72 6.95
CA SER A 155 12.54 -11.95 8.18
C SER A 155 11.20 -11.36 8.60
N SER A 156 10.66 -11.83 9.72
CA SER A 156 9.35 -11.37 10.19
C SER A 156 9.48 -10.43 11.39
N ASP A 157 8.61 -9.43 11.44
CA ASP A 157 8.37 -8.66 12.65
C ASP A 157 7.69 -9.47 13.76
N PHE A 158 7.18 -10.66 13.45
CA PHE A 158 6.38 -11.44 14.39
C PHE A 158 7.07 -12.75 14.72
N PHE A 159 7.46 -12.91 15.99
CA PHE A 159 7.78 -14.24 16.50
C PHE A 159 6.53 -15.08 16.59
N TYR A 160 5.47 -14.51 17.16
CA TYR A 160 4.16 -15.17 17.23
C TYR A 160 3.34 -14.72 16.02
N SER A 161 3.39 -15.53 14.98
CA SER A 161 2.86 -15.15 13.68
C SER A 161 1.34 -15.12 13.68
N PHE A 162 0.79 -14.23 12.86
CA PHE A 162 -0.61 -14.22 12.50
C PHE A 162 -0.86 -14.73 11.10
N GLU A 163 0.19 -15.18 10.42
CA GLU A 163 0.10 -15.60 9.03
C GLU A 163 0.71 -16.98 8.85
N THR A 164 0.52 -17.87 9.83
CA THR A 164 1.08 -19.21 9.76
C THR A 164 0.54 -20.03 8.59
N HIS A 165 -0.68 -19.72 8.12
CA HIS A 165 -1.23 -20.38 6.94
C HIS A 165 -0.47 -20.09 5.66
N ALA A 166 0.46 -19.13 5.67
CA ALA A 166 1.19 -18.77 4.46
C ALA A 166 2.55 -19.44 4.35
N PHE A 167 2.93 -20.31 5.30
CA PHE A 167 4.29 -20.84 5.30
C PHE A 167 4.55 -21.72 4.09
N ASP A 168 3.54 -22.41 3.58
CA ASP A 168 3.75 -23.25 2.39
C ASP A 168 3.99 -22.40 1.14
N LEU A 169 3.28 -21.28 1.00
CA LEU A 169 3.56 -20.40 -0.14
C LEU A 169 4.98 -19.82 -0.02
N MET A 170 5.40 -19.46 1.19
CA MET A 170 6.79 -19.02 1.37
C MET A 170 7.76 -20.13 0.97
N ALA A 171 7.47 -21.37 1.38
CA ALA A 171 8.34 -22.49 1.02
C ALA A 171 8.34 -22.72 -0.49
N GLN A 172 7.18 -22.54 -1.13
CA GLN A 172 7.13 -22.63 -2.58
C GLN A 172 8.15 -21.69 -3.23
N TYR A 173 8.25 -20.47 -2.71
CA TYR A 173 9.16 -19.49 -3.30
C TYR A 173 10.56 -19.57 -2.71
N ASN A 174 10.98 -20.76 -2.30
CA ASN A 174 12.36 -21.08 -1.88
C ASN A 174 12.75 -20.39 -0.58
N HIS A 175 11.80 -20.15 0.32
CA HIS A 175 12.15 -19.71 1.67
C HIS A 175 12.32 -20.94 2.55
N LEU A 176 13.53 -21.13 3.06
CA LEU A 176 13.85 -22.33 3.81
C LEU A 176 13.46 -22.23 5.27
N ALA A 177 13.39 -21.01 5.81
CA ALA A 177 13.12 -20.83 7.23
C ALA A 177 12.80 -19.36 7.50
N ILE A 178 12.30 -19.12 8.71
CA ILE A 178 11.87 -17.81 9.18
C ILE A 178 12.77 -17.38 10.34
N GLU A 179 13.27 -16.16 10.27
CA GLU A 179 13.84 -15.52 11.44
C GLU A 179 13.39 -14.06 11.44
N MET A 180 14.15 -13.17 12.07
CA MET A 180 13.62 -11.84 12.36
C MET A 180 14.57 -10.68 12.10
N GLU A 181 15.77 -10.91 11.57
CA GLU A 181 16.74 -9.82 11.47
C GLU A 181 17.36 -9.67 10.09
N ALA A 182 17.45 -10.76 9.33
CA ALA A 182 18.31 -10.77 8.17
C ALA A 182 17.97 -9.65 7.20
N ALA A 183 16.68 -9.40 6.96
CA ALA A 183 16.33 -8.32 6.04
C ALA A 183 16.88 -6.98 6.53
N GLY A 184 16.97 -6.80 7.84
CA GLY A 184 17.47 -5.57 8.42
C GLY A 184 18.98 -5.47 8.29
N LEU A 185 19.67 -6.57 8.62
CA LEU A 185 21.11 -6.63 8.44
C LEU A 185 21.48 -6.37 6.99
N TYR A 186 20.78 -7.01 6.05
CA TYR A 186 21.17 -6.90 4.65
C TYR A 186 20.91 -5.50 4.11
N ALA A 187 19.77 -4.90 4.51
CA ALA A 187 19.42 -3.57 4.00
C ALA A 187 20.33 -2.49 4.56
N THR A 188 20.73 -2.64 5.82
CA THR A 188 21.64 -1.67 6.41
C THR A 188 23.02 -1.77 5.78
N ALA A 189 23.51 -3.00 5.58
CA ALA A 189 24.82 -3.15 4.98
C ALA A 189 24.82 -2.62 3.55
N MET A 190 23.71 -2.83 2.81
CA MET A 190 23.59 -2.22 1.49
C MET A 190 23.55 -0.69 1.61
N GLU A 191 22.83 -0.18 2.63
CA GLU A 191 22.73 1.26 2.81
C GLU A 191 24.11 1.89 3.03
N LEU A 192 24.99 1.20 3.76
CA LEU A 192 26.25 1.78 4.18
C LEU A 192 27.47 1.11 3.54
N ASN A 193 27.26 0.37 2.44
CA ASN A 193 28.37 -0.10 1.61
C ASN A 193 29.33 -1.00 2.40
N ALA A 194 28.77 -1.86 3.25
CA ALA A 194 29.54 -2.86 3.97
C ALA A 194 29.08 -4.26 3.57
N LYS A 195 29.82 -5.26 4.06
CA LYS A 195 29.66 -6.65 3.64
C LYS A 195 28.99 -7.45 4.73
N ALA A 196 27.91 -8.16 4.39
CA ALA A 196 27.10 -8.88 5.37
C ALA A 196 26.69 -10.24 4.82
N LEU A 197 26.60 -11.21 5.73
CA LEU A 197 26.02 -12.51 5.43
C LEU A 197 25.29 -13.00 6.67
N CYS A 198 24.21 -13.76 6.46
CA CYS A 198 23.49 -14.36 7.58
C CYS A 198 23.47 -15.88 7.44
N LEU A 199 23.75 -16.56 8.56
CA LEU A 199 23.72 -18.01 8.69
C LEU A 199 22.76 -18.37 9.81
N CYS A 200 21.98 -19.44 9.60
CA CYS A 200 20.91 -19.84 10.52
C CYS A 200 20.87 -21.35 10.60
N SER A 201 20.92 -21.89 11.81
CA SER A 201 20.79 -23.32 12.02
C SER A 201 19.37 -23.66 12.45
N VAL A 202 18.87 -24.77 11.93
CA VAL A 202 17.50 -25.23 12.19
C VAL A 202 17.44 -25.92 13.56
N SER A 203 16.64 -25.37 14.46
CA SER A 203 16.45 -25.95 15.78
C SER A 203 15.04 -26.49 15.97
N ASP A 204 14.08 -26.04 15.17
CA ASP A 204 12.73 -26.56 15.15
C ASP A 204 12.23 -26.55 13.70
N HIS A 205 11.24 -27.39 13.42
CA HIS A 205 10.55 -27.36 12.14
C HIS A 205 9.11 -26.92 12.36
N LEU A 206 8.75 -25.81 11.75
CA LEU A 206 7.45 -25.20 12.02
C LEU A 206 6.31 -25.95 11.37
N ILE A 207 6.61 -26.83 10.42
CA ILE A 207 5.57 -27.59 9.73
C ILE A 207 5.35 -28.94 10.42
N THR A 208 6.41 -29.74 10.53
CA THR A 208 6.26 -31.11 11.00
C THR A 208 6.58 -31.27 12.48
N LYS A 209 6.98 -30.19 13.16
CA LYS A 209 7.07 -30.04 14.60
C LYS A 209 8.25 -30.73 15.30
N GLU A 210 9.12 -31.49 14.64
CA GLU A 210 10.34 -31.96 15.31
C GLU A 210 11.13 -30.78 15.89
N ALA A 211 11.86 -31.06 16.98
CA ALA A 211 12.60 -30.04 17.72
C ALA A 211 13.84 -30.68 18.32
N LEU A 212 14.91 -29.90 18.40
CA LEU A 212 16.12 -30.37 19.06
C LEU A 212 15.96 -30.26 20.59
N SER A 213 16.62 -31.19 21.30
CA SER A 213 16.71 -31.12 22.76
C SER A 213 17.74 -30.07 23.15
N PRO A 214 17.58 -29.44 24.32
CA PRO A 214 18.35 -28.21 24.62
C PRO A 214 19.87 -28.37 24.51
N LYS A 215 20.40 -29.58 24.61
CA LYS A 215 21.84 -29.78 24.41
C LYS A 215 22.19 -30.28 23.01
N GLU A 216 21.26 -30.93 22.31
CA GLU A 216 21.39 -31.03 20.87
C GLU A 216 21.50 -29.65 20.25
N ARG A 217 20.77 -28.68 20.82
CA ARG A 217 20.81 -27.30 20.34
C ARG A 217 22.22 -26.74 20.41
N ILE A 218 22.88 -26.95 21.54
CA ILE A 218 24.20 -26.37 21.77
C ILE A 218 25.24 -27.02 20.87
N GLU A 219 25.10 -28.31 20.59
CA GLU A 219 26.06 -28.96 19.70
C GLU A 219 25.93 -28.41 18.28
N SER A 220 24.71 -28.11 17.82
CA SER A 220 24.55 -27.62 16.46
C SER A 220 24.88 -26.13 16.36
N PHE A 221 24.62 -25.34 17.41
CA PHE A 221 25.11 -23.97 17.42
C PHE A 221 26.65 -23.93 17.40
N ASP A 222 27.30 -24.85 18.11
CA ASP A 222 28.77 -24.96 18.03
C ASP A 222 29.24 -25.22 16.60
N ASN A 223 28.57 -26.16 15.91
CA ASN A 223 28.89 -26.44 14.51
C ASN A 223 28.81 -25.17 13.67
N MET A 224 27.80 -24.34 13.92
CA MET A 224 27.69 -23.08 13.20
C MET A 224 28.77 -22.09 13.62
N ILE A 225 29.06 -21.98 14.93
CA ILE A 225 30.13 -21.09 15.39
C ILE A 225 31.42 -21.37 14.61
N ILE A 226 31.82 -22.65 14.56
CA ILE A 226 33.09 -23.01 13.95
C ILE A 226 33.09 -22.65 12.48
N LEU A 227 31.98 -22.90 11.78
CA LEU A 227 31.91 -22.48 10.39
C LEU A 227 32.15 -20.98 10.24
N ALA A 228 31.59 -20.18 11.16
CA ALA A 228 31.70 -18.74 11.02
C ALA A 228 33.14 -18.27 11.27
N LEU A 229 33.76 -18.71 12.37
CA LEU A 229 35.13 -18.30 12.65
C LEU A 229 36.07 -18.79 11.56
N GLU A 230 35.82 -19.98 11.02
CA GLU A 230 36.69 -20.50 9.98
C GLU A 230 36.64 -19.64 8.73
N MET A 231 35.45 -19.15 8.35
CA MET A 231 35.42 -18.37 7.11
C MET A 231 35.96 -16.96 7.27
N MET A 232 36.18 -16.50 8.50
CA MET A 232 36.86 -15.23 8.72
C MET A 232 38.36 -15.38 8.95
N SER A 233 38.85 -16.59 9.22
CA SER A 233 40.28 -16.86 9.40
C SER A 233 41.14 -16.23 8.30
N MET B 1 -19.83 33.09 4.71
CA MET B 1 -18.47 33.36 5.17
C MET B 1 -17.55 32.14 4.92
N THR B 2 -18.15 30.97 4.77
CA THR B 2 -17.52 29.79 4.21
C THR B 2 -18.50 29.12 3.27
N PRO B 3 -18.03 28.24 2.38
CA PRO B 3 -18.94 27.68 1.37
C PRO B 3 -20.01 26.77 1.95
N HIS B 4 -19.86 26.26 3.17
CA HIS B 4 -20.81 25.27 3.68
C HIS B 4 -21.53 25.72 4.94
N ILE B 5 -21.24 26.91 5.45
CA ILE B 5 -21.89 27.39 6.67
C ILE B 5 -22.30 28.84 6.46
N ASN B 6 -23.55 29.13 6.79
CA ASN B 6 -24.30 30.36 6.58
C ASN B 6 -24.15 31.40 7.69
N ALA B 7 -23.44 31.08 8.78
CA ALA B 7 -23.51 31.91 9.97
C ALA B 7 -22.58 33.13 9.89
N LYS B 8 -22.99 34.20 10.54
CA LYS B 8 -22.08 35.30 10.78
C LYS B 8 -21.03 34.88 11.81
N ILE B 9 -19.83 35.46 11.70
CA ILE B 9 -18.78 35.11 12.65
C ILE B 9 -19.16 35.63 14.03
N GLY B 10 -18.93 34.82 15.05
CA GLY B 10 -19.45 35.08 16.37
C GLY B 10 -20.76 34.40 16.69
N ASP B 11 -21.45 33.86 15.68
CA ASP B 11 -22.70 33.16 15.96
C ASP B 11 -22.47 31.89 16.75
N PHE B 12 -21.31 31.26 16.57
CA PHE B 12 -21.02 30.01 17.26
C PHE B 12 -20.35 30.27 18.59
N TYR B 13 -20.77 29.53 19.62
CA TYR B 13 -20.07 29.54 20.87
C TYR B 13 -18.84 28.65 20.76
N PRO B 14 -17.83 28.84 21.62
CA PRO B 14 -16.59 28.07 21.47
C PRO B 14 -16.74 26.58 21.75
N GLN B 15 -17.81 26.17 22.44
CA GLN B 15 -18.15 24.77 22.65
C GLN B 15 -19.32 24.39 21.74
N CYS B 16 -19.15 23.33 20.94
CA CYS B 16 -20.15 22.92 19.97
C CYS B 16 -20.43 21.42 20.04
N LEU B 17 -21.72 21.08 19.94
CA LEU B 17 -22.16 19.70 19.82
C LEU B 17 -22.37 19.36 18.34
N LEU B 18 -22.10 18.11 17.99
CA LEU B 18 -22.16 17.68 16.60
C LEU B 18 -22.96 16.40 16.47
N CYS B 19 -23.89 16.36 15.52
CA CYS B 19 -24.49 15.10 15.11
C CYS B 19 -24.32 14.98 13.60
N GLY B 20 -24.37 13.74 13.10
CA GLY B 20 -24.41 13.55 11.66
C GLY B 20 -25.70 14.09 11.06
N ASP B 21 -26.81 13.90 11.75
CA ASP B 21 -28.15 14.21 11.25
C ASP B 21 -28.58 15.59 11.72
N PRO B 22 -28.84 16.54 10.83
CA PRO B 22 -29.29 17.88 11.28
C PRO B 22 -30.71 17.88 11.87
N LEU B 23 -31.47 16.80 11.78
CA LEU B 23 -32.76 16.77 12.50
C LEU B 23 -32.57 16.44 13.97
N ARG B 24 -31.57 15.62 14.31
CA ARG B 24 -31.16 15.52 15.71
C ARG B 24 -30.77 16.89 16.25
N VAL B 25 -30.02 17.68 15.47
CA VAL B 25 -29.57 18.98 15.95
C VAL B 25 -30.76 19.89 16.25
N SER B 26 -31.74 19.92 15.35
CA SER B 26 -32.95 20.71 15.57
C SER B 26 -33.76 20.16 16.74
N TYR B 27 -33.86 18.84 16.85
CA TYR B 27 -34.48 18.23 18.03
C TYR B 27 -33.81 18.70 19.32
N ILE B 28 -32.48 18.65 19.38
CA ILE B 28 -31.78 19.02 20.62
C ILE B 28 -32.13 20.46 21.02
N ALA B 29 -32.11 21.37 20.05
CA ALA B 29 -32.34 22.79 20.33
C ALA B 29 -33.74 23.08 20.85
N LYS B 30 -34.76 22.35 20.41
CA LYS B 30 -36.11 22.75 20.80
C LYS B 30 -36.56 22.11 22.12
N LYS B 31 -35.90 21.04 22.55
CA LYS B 31 -36.26 20.38 23.80
C LYS B 31 -35.32 20.70 24.95
N PHE B 32 -34.10 21.16 24.68
CA PHE B 32 -33.10 21.32 25.72
C PHE B 32 -32.45 22.70 25.78
N LEU B 33 -32.61 23.54 24.76
CA LEU B 33 -31.99 24.84 24.77
C LEU B 33 -33.03 25.94 24.97
N GLN B 34 -32.56 27.02 25.61
CA GLN B 34 -33.32 28.25 25.75
CA GLN B 34 -33.30 28.25 25.78
C GLN B 34 -32.73 29.31 24.83
N ASP B 35 -33.59 30.25 24.40
CA ASP B 35 -33.14 31.35 23.52
C ASP B 35 -32.42 30.85 22.27
N ALA B 36 -32.86 29.71 21.74
CA ALA B 36 -32.10 29.04 20.68
C ALA B 36 -32.47 29.59 19.30
N LYS B 37 -31.46 29.78 18.46
CA LYS B 37 -31.61 30.36 17.15
C LYS B 37 -30.88 29.52 16.12
N GLU B 38 -31.52 29.32 14.96
CA GLU B 38 -30.84 28.71 13.82
C GLU B 38 -29.85 29.72 13.23
N ILE B 39 -28.58 29.34 13.14
CA ILE B 39 -27.55 30.24 12.63
C ILE B 39 -27.04 29.83 11.25
N THR B 40 -27.29 28.60 10.79
CA THR B 40 -26.82 28.18 9.48
C THR B 40 -27.75 27.13 8.91
N ASN B 41 -27.91 27.14 7.59
CA ASN B 41 -28.76 26.15 6.95
C ASN B 41 -28.32 25.80 5.52
N VAL B 42 -27.06 26.04 5.17
CA VAL B 42 -26.56 25.66 3.84
C VAL B 42 -26.72 24.16 3.66
N ARG B 43 -27.24 23.77 2.50
CA ARG B 43 -27.44 22.35 2.15
C ARG B 43 -28.35 21.64 3.12
N ASN B 44 -29.23 22.39 3.79
CA ASN B 44 -30.15 21.89 4.79
C ASN B 44 -29.43 21.37 6.01
N MET B 45 -28.15 21.64 6.16
CA MET B 45 -27.37 21.16 7.30
C MET B 45 -27.49 22.19 8.41
N LEU B 46 -28.41 21.94 9.34
CA LEU B 46 -28.80 22.94 10.32
C LEU B 46 -27.73 23.15 11.39
N GLY B 47 -27.63 24.38 11.86
CA GLY B 47 -26.78 24.71 13.00
C GLY B 47 -27.48 25.71 13.89
N PHE B 48 -27.20 25.61 15.19
CA PHE B 48 -27.89 26.42 16.20
C PHE B 48 -26.94 26.92 17.26
N SER B 49 -27.24 28.10 17.80
CA SER B 49 -26.65 28.59 19.03
C SER B 49 -27.77 28.78 20.05
N GLY B 50 -27.49 28.50 21.32
CA GLY B 50 -28.54 28.60 22.30
C GLY B 50 -27.96 28.61 23.69
N LYS B 51 -28.87 28.53 24.68
CA LYS B 51 -28.52 28.53 26.09
C LYS B 51 -28.99 27.24 26.75
N TYR B 52 -28.12 26.62 27.54
CA TYR B 52 -28.49 25.47 28.36
C TYR B 52 -28.10 25.77 29.81
N LYS B 53 -29.11 25.85 30.69
CA LYS B 53 -28.90 26.21 32.09
C LYS B 53 -27.97 27.43 32.20
N GLY B 54 -28.30 28.46 31.45
CA GLY B 54 -27.56 29.71 31.46
C GLY B 54 -26.37 29.78 30.52
N LYS B 55 -25.75 28.64 30.20
CA LYS B 55 -24.50 28.67 29.44
C LYS B 55 -24.74 28.50 27.95
N GLY B 56 -24.04 29.31 27.17
CA GLY B 56 -24.21 29.29 25.73
C GLY B 56 -23.49 28.10 25.10
N ILE B 57 -24.23 27.35 24.28
CA ILE B 57 -23.74 26.16 23.59
C ILE B 57 -24.17 26.26 22.13
N SER B 58 -23.35 25.72 21.23
CA SER B 58 -23.78 25.62 19.85
C SER B 58 -24.02 24.18 19.43
N LEU B 59 -24.74 24.03 18.32
CA LEU B 59 -25.10 22.74 17.75
C LEU B 59 -24.89 22.82 16.25
N MET B 60 -24.31 21.76 15.68
CA MET B 60 -24.01 21.74 14.24
C MET B 60 -24.07 20.32 13.71
N GLY B 61 -24.87 20.11 12.65
CA GLY B 61 -24.86 18.84 11.95
C GLY B 61 -23.70 18.77 10.95
N HIS B 62 -23.30 17.55 10.58
CA HIS B 62 -22.16 17.45 9.69
C HIS B 62 -22.25 16.38 8.61
N GLY B 63 -23.39 15.69 8.43
CA GLY B 63 -23.51 14.66 7.41
C GLY B 63 -22.82 13.35 7.76
N MET B 64 -22.75 12.46 6.78
CA MET B 64 -22.21 11.13 6.98
C MET B 64 -20.90 10.95 6.23
N GLY B 65 -19.98 10.20 6.83
CA GLY B 65 -18.68 9.94 6.22
C GLY B 65 -17.62 10.94 6.63
N ILE B 66 -16.39 10.43 6.72
CA ILE B 66 -15.22 11.23 7.10
C ILE B 66 -15.10 12.49 6.26
N ALA B 67 -15.28 12.39 4.93
CA ALA B 67 -15.12 13.56 4.08
C ALA B 67 -16.12 14.65 4.42
N SER B 68 -17.39 14.28 4.67
CA SER B 68 -18.38 15.25 5.07
C SER B 68 -18.05 15.85 6.44
N CYS B 69 -17.80 14.98 7.42
CA CYS B 69 -17.48 15.49 8.74
C CYS B 69 -16.32 16.47 8.68
N THR B 70 -15.31 16.15 7.86
CA THR B 70 -14.09 16.94 7.79
C THR B 70 -14.36 18.36 7.27
N ILE B 71 -15.23 18.47 6.26
CA ILE B 71 -15.62 19.79 5.76
C ILE B 71 -16.17 20.67 6.89
N TYR B 72 -17.16 20.16 7.62
CA TYR B 72 -17.86 21.00 8.61
C TYR B 72 -16.96 21.37 9.77
N VAL B 73 -16.28 20.37 10.33
CA VAL B 73 -15.34 20.60 11.44
C VAL B 73 -14.26 21.59 11.01
N THR B 74 -13.74 21.47 9.79
CA THR B 74 -12.71 22.38 9.36
C THR B 74 -13.19 23.82 9.39
N GLU B 75 -14.43 24.06 8.94
CA GLU B 75 -14.93 25.42 8.92
C GLU B 75 -15.29 25.91 10.33
N LEU B 76 -15.72 25.01 11.21
CA LEU B 76 -16.00 25.42 12.59
C LEU B 76 -14.74 25.96 13.28
N ILE B 77 -13.62 25.24 13.15
CA ILE B 77 -12.40 25.61 13.87
C ILE B 77 -11.71 26.80 13.21
N LYS B 78 -11.63 26.81 11.88
CA LYS B 78 -10.80 27.80 11.21
C LYS B 78 -11.48 29.16 11.15
N THR B 79 -12.79 29.16 10.95
CA THR B 79 -13.53 30.38 10.69
C THR B 79 -14.33 30.85 11.90
N TYR B 80 -15.12 29.96 12.51
CA TYR B 80 -16.04 30.32 13.57
C TYR B 80 -15.49 30.05 14.95
N GLN B 81 -14.21 29.68 15.05
CA GLN B 81 -13.43 29.67 16.28
C GLN B 81 -13.94 28.69 17.34
N VAL B 82 -14.70 27.65 16.95
CA VAL B 82 -15.03 26.60 17.90
C VAL B 82 -13.75 25.95 18.39
N LYS B 83 -13.68 25.70 19.70
CA LYS B 83 -12.49 25.15 20.35
C LYS B 83 -12.69 23.74 20.88
N GLU B 84 -13.89 23.40 21.34
CA GLU B 84 -14.21 22.05 21.81
C GLU B 84 -15.34 21.49 20.96
N LEU B 85 -15.16 20.26 20.49
CA LEU B 85 -16.17 19.63 19.65
C LEU B 85 -16.51 18.28 20.24
N LEU B 86 -17.79 18.11 20.59
CA LEU B 86 -18.29 16.91 21.24
C LEU B 86 -19.29 16.29 20.29
N ARG B 87 -18.95 15.13 19.76
CA ARG B 87 -19.75 14.43 18.78
C ARG B 87 -20.61 13.39 19.47
N ILE B 88 -21.91 13.42 19.21
CA ILE B 88 -22.81 12.43 19.77
C ILE B 88 -23.59 11.80 18.61
N GLY B 89 -23.80 10.49 18.68
CA GLY B 89 -24.51 9.82 17.62
C GLY B 89 -24.72 8.36 17.94
N THR B 90 -25.29 7.65 16.97
CA THR B 90 -25.52 6.21 17.08
C THR B 90 -24.39 5.44 16.41
N CYS B 91 -24.38 4.13 16.65
CA CYS B 91 -23.40 3.23 16.07
C CYS B 91 -23.96 1.82 16.12
N GLY B 92 -23.38 0.94 15.29
CA GLY B 92 -23.64 -0.48 15.38
C GLY B 92 -22.56 -1.15 16.22
N ALA B 93 -22.99 -1.75 17.33
CA ALA B 93 -22.06 -2.39 18.25
C ALA B 93 -21.62 -3.74 17.71
N ILE B 94 -20.35 -4.09 17.95
CA ILE B 94 -19.78 -5.33 17.44
C ILE B 94 -19.11 -6.16 18.52
N SER B 95 -19.04 -5.68 19.75
CA SER B 95 -18.33 -6.36 20.81
C SER B 95 -19.30 -6.91 21.85
N PRO B 96 -19.09 -8.15 22.31
CA PRO B 96 -19.96 -8.66 23.39
C PRO B 96 -19.93 -7.77 24.63
N LYS B 97 -18.85 -7.01 24.85
CA LYS B 97 -18.72 -6.15 26.01
C LYS B 97 -19.76 -5.02 26.08
N VAL B 98 -20.52 -4.77 25.02
CA VAL B 98 -21.53 -3.70 25.06
C VAL B 98 -22.87 -4.23 24.56
N GLY B 99 -23.95 -3.65 25.09
CA GLY B 99 -25.29 -3.96 24.66
C GLY B 99 -26.17 -2.73 24.54
N LEU B 100 -27.44 -2.98 24.23
CA LEU B 100 -28.42 -1.92 23.94
C LEU B 100 -28.41 -0.86 25.03
N LYS B 101 -28.69 0.38 24.61
CA LYS B 101 -28.74 1.59 25.44
C LYS B 101 -27.36 2.02 25.94
N ASP B 102 -26.29 1.29 25.63
CA ASP B 102 -24.98 1.69 26.13
C ASP B 102 -24.48 2.92 25.37
N ILE B 103 -23.70 3.73 26.08
CA ILE B 103 -23.04 4.89 25.50
C ILE B 103 -21.54 4.62 25.50
N ILE B 104 -20.94 4.66 24.32
CA ILE B 104 -19.53 4.36 24.13
C ILE B 104 -18.77 5.67 24.04
N MET B 105 -17.70 5.79 24.80
CA MET B 105 -16.73 6.86 24.60
C MET B 105 -15.58 6.31 23.75
N ALA B 106 -15.32 6.95 22.61
CA ALA B 106 -14.33 6.45 21.66
C ALA B 106 -12.97 7.03 22.01
N THR B 107 -12.12 6.23 22.68
CA THR B 107 -10.79 6.71 23.03
C THR B 107 -9.80 6.56 21.88
N GLY B 108 -10.18 5.83 20.83
CA GLY B 108 -9.43 5.78 19.59
C GLY B 108 -10.37 5.43 18.47
N ALA B 109 -10.10 5.98 17.28
CA ALA B 109 -10.92 5.72 16.09
C ALA B 109 -10.06 5.11 14.98
N SER B 110 -10.14 3.79 14.79
CA SER B 110 -9.56 3.11 13.64
C SER B 110 -10.38 3.42 12.38
N THR B 111 -9.83 3.06 11.22
CA THR B 111 -10.54 3.38 9.99
C THR B 111 -10.06 2.55 8.82
N ASP B 112 -10.95 2.36 7.85
CA ASP B 112 -10.59 1.81 6.55
C ASP B 112 -10.43 2.90 5.48
N SER B 113 -10.44 4.18 5.88
CA SER B 113 -10.24 5.32 5.00
C SER B 113 -8.75 5.46 4.68
N LYS B 114 -8.47 6.09 3.55
CA LYS B 114 -7.10 6.48 3.23
C LYS B 114 -6.75 7.89 3.69
N THR B 115 -7.71 8.65 4.24
CA THR B 115 -7.48 10.07 4.51
C THR B 115 -6.31 10.32 5.45
N ASN B 116 -6.14 9.48 6.47
CA ASN B 116 -5.06 9.76 7.43
C ASN B 116 -3.69 9.41 6.88
N ARG B 117 -3.60 8.36 6.05
CA ARG B 117 -2.37 8.09 5.32
C ARG B 117 -2.00 9.27 4.40
N VAL B 118 -3.01 9.87 3.76
CA VAL B 118 -2.76 11.04 2.92
C VAL B 118 -2.32 12.24 3.78
N ARG B 119 -2.94 12.41 4.96
CA ARG B 119 -2.54 13.47 5.87
C ARG B 119 -1.16 13.23 6.48
N PHE B 120 -0.76 11.97 6.70
CA PHE B 120 0.29 11.66 7.66
C PHE B 120 1.31 10.70 7.05
N LEU B 121 2.02 11.15 6.01
CA LEU B 121 3.25 10.50 5.55
C LEU B 121 3.04 9.06 5.06
N ASN B 122 1.79 8.68 4.77
CA ASN B 122 1.41 7.30 4.47
C ASN B 122 1.76 6.33 5.60
N HIS B 123 1.89 6.82 6.82
CA HIS B 123 2.07 5.95 7.97
C HIS B 123 0.73 5.76 8.67
N ASP B 124 0.74 5.19 9.88
CA ASP B 124 -0.45 4.98 10.69
C ASP B 124 -0.58 6.17 11.64
N LEU B 125 -1.58 6.99 11.43
CA LEU B 125 -1.95 8.01 12.42
C LEU B 125 -2.96 7.39 13.38
N SER B 126 -2.61 7.34 14.67
CA SER B 126 -3.55 6.86 15.67
C SER B 126 -4.43 8.03 16.09
N ALA B 127 -5.68 8.03 15.61
CA ALA B 127 -6.59 9.17 15.73
C ALA B 127 -7.30 9.07 17.07
N THR B 128 -7.17 10.12 17.89
CA THR B 128 -7.49 10.05 19.30
C THR B 128 -8.16 11.34 19.74
N PRO B 129 -9.05 11.25 20.74
CA PRO B 129 -9.67 12.45 21.31
C PRO B 129 -8.71 13.21 22.22
N ASP B 130 -9.12 14.43 22.57
CA ASP B 130 -8.45 15.19 23.61
C ASP B 130 -8.72 14.54 24.95
N PHE B 131 -7.65 14.26 25.70
CA PHE B 131 -7.78 13.55 26.97
C PHE B 131 -8.67 14.29 27.96
N GLU B 132 -8.48 15.60 28.09
CA GLU B 132 -9.25 16.35 29.09
C GLU B 132 -10.74 16.24 28.84
N LEU B 133 -11.17 16.41 27.59
CA LEU B 133 -12.57 16.19 27.24
C LEU B 133 -13.03 14.80 27.61
N SER B 134 -12.18 13.78 27.38
CA SER B 134 -12.63 12.43 27.68
C SER B 134 -12.77 12.21 29.18
N LEU B 135 -11.94 12.90 29.98
CA LEU B 135 -12.05 12.78 31.43
C LEU B 135 -13.30 13.49 31.93
N ARG B 136 -13.60 14.67 31.37
CA ARG B 136 -14.85 15.35 31.71
C ARG B 136 -16.07 14.48 31.38
N ALA B 137 -16.01 13.74 30.27
CA ALA B 137 -17.11 12.83 29.95
C ALA B 137 -17.20 11.71 30.98
N TYR B 138 -16.05 11.21 31.42
CA TYR B 138 -16.04 10.14 32.41
C TYR B 138 -16.55 10.66 33.75
N GLN B 139 -16.09 11.83 34.16
CA GLN B 139 -16.50 12.40 35.44
C GLN B 139 -17.98 12.76 35.42
N THR B 140 -18.44 13.43 34.35
CA THR B 140 -19.86 13.76 34.23
C THR B 140 -20.70 12.50 34.26
N ALA B 141 -20.34 11.52 33.43
CA ALA B 141 -21.13 10.29 33.32
C ALA B 141 -21.36 9.64 34.68
N LYS B 142 -20.29 9.55 35.48
CA LYS B 142 -20.42 8.90 36.77
C LYS B 142 -21.26 9.75 37.71
N ARG B 143 -21.06 11.08 37.69
CA ARG B 143 -21.91 11.99 38.45
C ARG B 143 -23.38 11.79 38.13
N LEU B 144 -23.70 11.51 36.85
CA LEU B 144 -25.08 11.26 36.44
C LEU B 144 -25.47 9.80 36.56
N GLY B 145 -24.63 8.98 37.19
CA GLY B 145 -24.89 7.55 37.28
C GLY B 145 -25.09 6.92 35.92
N ILE B 146 -24.17 7.17 35.00
CA ILE B 146 -24.18 6.54 33.69
C ILE B 146 -22.89 5.73 33.57
N ASP B 147 -23.02 4.42 33.43
CA ASP B 147 -21.81 3.61 33.32
C ASP B 147 -21.31 3.68 31.88
N LEU B 148 -20.30 4.52 31.68
CA LEU B 148 -19.69 4.70 30.36
C LEU B 148 -18.99 3.42 29.93
N LYS B 149 -19.21 3.02 28.69
CA LYS B 149 -18.40 1.99 28.05
C LYS B 149 -17.32 2.69 27.25
N ILE B 150 -16.07 2.24 27.41
CA ILE B 150 -14.91 2.96 26.90
C ILE B 150 -14.08 2.04 26.02
N GLY B 151 -13.70 2.51 24.83
CA GLY B 151 -12.84 1.75 23.97
C GLY B 151 -12.68 2.42 22.61
N ASN B 152 -12.22 1.64 21.65
CA ASN B 152 -11.99 2.12 20.30
C ASN B 152 -13.26 2.00 19.47
N VAL B 153 -13.36 2.85 18.47
CA VAL B 153 -14.43 2.76 17.47
C VAL B 153 -13.78 2.57 16.11
N PHE B 154 -14.49 1.89 15.21
CA PHE B 154 -14.02 1.71 13.83
C PHE B 154 -14.82 2.63 12.92
N SER B 155 -14.14 3.62 12.31
CA SER B 155 -14.75 4.59 11.39
C SER B 155 -14.58 4.08 9.97
N SER B 156 -15.67 3.67 9.34
CA SER B 156 -15.63 3.06 8.03
C SER B 156 -16.13 4.01 6.96
N ASP B 157 -15.62 3.82 5.74
CA ASP B 157 -16.16 4.49 4.56
C ASP B 157 -17.43 3.83 4.06
N PHE B 158 -17.87 2.75 4.70
CA PHE B 158 -18.94 1.91 4.19
C PHE B 158 -19.99 1.75 5.27
N PHE B 159 -21.23 2.15 4.96
CA PHE B 159 -22.34 1.76 5.82
C PHE B 159 -22.74 0.32 5.51
N TYR B 160 -22.78 -0.03 4.23
CA TYR B 160 -23.06 -1.40 3.80
C TYR B 160 -21.70 -2.04 3.54
N SER B 161 -21.17 -2.66 4.59
CA SER B 161 -19.81 -3.16 4.63
C SER B 161 -19.62 -4.34 3.66
N PHE B 162 -18.40 -4.46 3.13
CA PHE B 162 -17.97 -5.65 2.41
C PHE B 162 -17.05 -6.52 3.25
N GLU B 163 -16.91 -6.22 4.55
CA GLU B 163 -15.98 -6.97 5.40
C GLU B 163 -16.62 -7.33 6.73
N THR B 164 -17.88 -7.80 6.68
CA THR B 164 -18.56 -8.22 7.90
C THR B 164 -17.87 -9.40 8.55
N HIS B 165 -17.19 -10.24 7.76
CA HIS B 165 -16.37 -11.31 8.32
C HIS B 165 -15.27 -10.79 9.24
N ALA B 166 -14.96 -9.49 9.21
CA ALA B 166 -13.87 -8.92 9.96
C ALA B 166 -14.29 -8.37 11.32
N PHE B 167 -15.58 -8.41 11.64
CA PHE B 167 -16.04 -7.71 12.83
C PHE B 167 -15.53 -8.40 14.09
N ASP B 168 -15.47 -9.73 14.06
CA ASP B 168 -14.94 -10.46 15.22
CA ASP B 168 -14.95 -10.44 15.23
C ASP B 168 -13.53 -10.01 15.55
N LEU B 169 -12.68 -9.88 14.53
CA LEU B 169 -11.31 -9.46 14.77
C LEU B 169 -11.26 -8.02 15.29
N MET B 170 -12.10 -7.13 14.73
CA MET B 170 -12.15 -5.77 15.27
C MET B 170 -12.53 -5.78 16.74
N ALA B 171 -13.51 -6.61 17.10
CA ALA B 171 -13.94 -6.68 18.49
C ALA B 171 -12.81 -7.18 19.37
N GLN B 172 -12.02 -8.12 18.86
CA GLN B 172 -10.89 -8.63 19.62
C GLN B 172 -9.92 -7.48 19.98
N TYR B 173 -9.68 -6.57 19.03
CA TYR B 173 -8.80 -5.43 19.24
C TYR B 173 -9.51 -4.25 19.90
N ASN B 174 -10.55 -4.53 20.69
CA ASN B 174 -11.21 -3.54 21.56
C ASN B 174 -11.95 -2.48 20.75
N HIS B 175 -12.51 -2.84 19.60
CA HIS B 175 -13.41 -1.95 18.88
C HIS B 175 -14.82 -2.34 19.27
N LEU B 176 -15.51 -1.41 19.94
CA LEU B 176 -16.80 -1.70 20.52
C LEU B 176 -17.91 -1.53 19.50
N ALA B 177 -17.72 -0.66 18.50
CA ALA B 177 -18.77 -0.36 17.54
C ALA B 177 -18.19 0.24 16.27
N ILE B 178 -19.05 0.32 15.26
CA ILE B 178 -18.72 0.88 13.95
C ILE B 178 -19.55 2.14 13.74
N GLU B 179 -18.90 3.19 13.29
CA GLU B 179 -19.57 4.37 12.77
C GLU B 179 -18.71 4.90 11.63
N MET B 180 -18.87 6.18 11.26
CA MET B 180 -18.34 6.62 9.97
C MET B 180 -17.68 7.99 9.98
N GLU B 181 -17.44 8.59 11.15
CA GLU B 181 -16.91 9.95 11.20
C GLU B 181 -15.76 10.17 12.18
N ALA B 182 -15.63 9.37 13.23
CA ALA B 182 -14.79 9.74 14.37
C ALA B 182 -13.32 9.91 13.95
N ALA B 183 -12.78 8.99 13.15
CA ALA B 183 -11.39 9.12 12.74
C ALA B 183 -11.17 10.42 11.98
N GLY B 184 -12.18 10.89 11.26
CA GLY B 184 -12.10 12.14 10.52
C GLY B 184 -12.25 13.32 11.46
N LEU B 185 -13.10 13.17 12.48
CA LEU B 185 -13.22 14.22 13.50
C LEU B 185 -11.90 14.38 14.24
N TYR B 186 -11.35 13.28 14.75
CA TYR B 186 -10.14 13.34 15.56
C TYR B 186 -8.94 13.84 14.75
N ALA B 187 -8.76 13.33 13.53
CA ALA B 187 -7.64 13.76 12.71
C ALA B 187 -7.70 15.26 12.45
N THR B 188 -8.87 15.77 12.04
CA THR B 188 -8.99 17.20 11.77
C THR B 188 -8.71 18.02 13.02
N ALA B 189 -9.29 17.62 14.15
CA ALA B 189 -9.06 18.32 15.40
C ALA B 189 -7.58 18.30 15.77
N MET B 190 -6.90 17.18 15.54
CA MET B 190 -5.47 17.11 15.76
C MET B 190 -4.72 18.07 14.83
N GLU B 191 -5.05 18.02 13.53
CA GLU B 191 -4.48 18.93 12.55
C GLU B 191 -4.56 20.39 13.00
N LEU B 192 -5.70 20.81 13.55
CA LEU B 192 -5.97 22.22 13.77
C LEU B 192 -5.97 22.59 15.24
N ASN B 193 -5.39 21.74 16.09
CA ASN B 193 -5.14 22.08 17.49
C ASN B 193 -6.45 22.43 18.23
N ALA B 194 -7.49 21.64 18.01
CA ALA B 194 -8.75 21.79 18.72
C ALA B 194 -9.03 20.53 19.54
N LYS B 195 -10.00 20.63 20.44
CA LYS B 195 -10.30 19.56 21.38
C LYS B 195 -11.57 18.85 20.95
N ALA B 196 -11.52 17.52 20.90
CA ALA B 196 -12.61 16.76 20.29
C ALA B 196 -12.80 15.42 20.97
N LEU B 197 -14.05 14.95 20.96
CA LEU B 197 -14.47 13.71 21.60
C LEU B 197 -15.68 13.15 20.87
N CYS B 198 -15.75 11.85 20.74
CA CYS B 198 -16.90 11.21 20.14
C CYS B 198 -17.59 10.31 21.15
N LEU B 199 -18.91 10.46 21.27
CA LEU B 199 -19.74 9.58 22.07
C LEU B 199 -20.76 8.90 21.15
N CYS B 200 -21.07 7.65 21.47
CA CYS B 200 -21.83 6.76 20.59
C CYS B 200 -22.85 6.00 21.42
N SER B 201 -24.12 6.07 21.02
CA SER B 201 -25.18 5.33 21.69
C SER B 201 -25.40 4.01 20.97
N VAL B 202 -25.42 2.92 21.74
CA VAL B 202 -25.66 1.59 21.17
C VAL B 202 -27.16 1.47 20.95
N SER B 203 -27.58 1.75 19.71
CA SER B 203 -28.96 1.47 19.29
C SER B 203 -29.10 0.02 18.85
N ASP B 204 -28.21 -0.42 17.96
CA ASP B 204 -28.29 -1.74 17.35
C ASP B 204 -26.97 -2.47 17.51
N HIS B 205 -27.05 -3.76 17.70
CA HIS B 205 -25.83 -4.47 17.73
C HIS B 205 -25.69 -4.43 16.20
N LEU B 206 -24.75 -5.15 15.86
CA LEU B 206 -24.58 -5.77 14.54
C LEU B 206 -24.39 -7.27 14.61
N ILE B 207 -23.97 -7.81 15.74
CA ILE B 207 -23.76 -9.26 15.83
C ILE B 207 -24.97 -10.01 16.35
N THR B 208 -25.39 -9.64 17.54
CA THR B 208 -26.52 -10.24 18.22
C THR B 208 -27.77 -10.00 17.39
N LYS B 209 -27.83 -8.84 16.77
CA LYS B 209 -28.93 -8.41 15.92
C LYS B 209 -30.03 -7.78 16.73
N GLU B 210 -29.77 -7.59 18.02
CA GLU B 210 -30.73 -6.93 18.89
C GLU B 210 -30.82 -5.47 18.53
N ALA B 211 -32.03 -5.01 18.26
CA ALA B 211 -32.35 -3.62 17.96
C ALA B 211 -33.46 -3.20 18.93
N LEU B 212 -33.21 -2.16 19.71
CA LEU B 212 -34.24 -1.73 20.65
C LEU B 212 -35.39 -1.04 19.92
N SER B 213 -36.53 -0.96 20.61
CA SER B 213 -37.78 -0.54 20.00
C SER B 213 -37.84 0.97 19.80
N PRO B 214 -38.73 1.46 18.91
CA PRO B 214 -38.93 2.90 18.73
C PRO B 214 -38.99 3.74 20.00
N LYS B 215 -39.72 3.27 21.02
CA LYS B 215 -39.80 4.03 22.27
C LYS B 215 -38.41 4.27 22.85
N GLU B 216 -37.53 3.27 22.77
CA GLU B 216 -36.25 3.31 23.48
C GLU B 216 -35.21 4.19 22.80
N ARG B 217 -35.21 4.26 21.46
CA ARG B 217 -34.25 5.10 20.75
C ARG B 217 -34.25 6.51 21.31
N ILE B 218 -35.43 7.14 21.32
CA ILE B 218 -35.57 8.49 21.84
C ILE B 218 -35.03 8.58 23.26
N GLU B 219 -35.42 7.63 24.11
CA GLU B 219 -35.01 7.67 25.51
C GLU B 219 -33.50 7.54 25.66
N SER B 220 -32.91 6.57 24.95
CA SER B 220 -31.47 6.34 25.09
C SER B 220 -30.68 7.51 24.51
N PHE B 221 -31.18 8.13 23.44
CA PHE B 221 -30.47 9.25 22.85
C PHE B 221 -30.54 10.49 23.75
N ASP B 222 -31.72 10.80 24.27
CA ASP B 222 -31.86 11.87 25.25
C ASP B 222 -30.86 11.72 26.38
N ASN B 223 -30.69 10.49 26.87
CA ASN B 223 -29.67 10.20 27.87
C ASN B 223 -28.29 10.69 27.42
N MET B 224 -27.90 10.37 26.19
CA MET B 224 -26.63 10.87 25.68
C MET B 224 -26.66 12.38 25.52
N ILE B 225 -27.81 12.95 25.17
CA ILE B 225 -27.93 14.40 25.00
C ILE B 225 -27.66 15.11 26.32
N ILE B 226 -28.24 14.60 27.40
CA ILE B 226 -28.06 15.21 28.71
C ILE B 226 -26.60 15.09 29.14
N LEU B 227 -26.05 13.88 29.02
CA LEU B 227 -24.62 13.70 29.27
C LEU B 227 -23.79 14.75 28.55
N ALA B 228 -24.06 14.95 27.26
CA ALA B 228 -23.29 15.89 26.46
C ALA B 228 -23.49 17.32 26.94
N LEU B 229 -24.75 17.71 27.15
CA LEU B 229 -25.02 19.08 27.60
C LEU B 229 -24.43 19.33 28.99
N GLU B 230 -24.34 18.30 29.81
CA GLU B 230 -23.87 18.48 31.17
C GLU B 230 -22.35 18.69 31.21
N MET B 231 -21.59 17.87 30.47
CA MET B 231 -20.15 18.08 30.42
C MET B 231 -19.77 19.38 29.69
N MET B 232 -20.73 20.07 29.10
CA MET B 232 -20.49 21.38 28.50
C MET B 232 -20.99 22.53 29.37
N SER B 233 -21.43 22.26 30.60
CA SER B 233 -22.05 23.28 31.43
C SER B 233 -21.09 23.95 32.43
N MET C 1 14.27 5.84 -35.10
CA MET C 1 14.56 7.12 -34.46
C MET C 1 14.50 7.02 -32.95
N THR C 2 13.97 5.90 -32.46
CA THR C 2 13.96 5.55 -31.05
C THR C 2 14.67 4.22 -30.86
N PRO C 3 15.06 3.86 -29.63
CA PRO C 3 15.77 2.58 -29.45
C PRO C 3 14.94 1.37 -29.79
N HIS C 4 13.64 1.52 -30.05
CA HIS C 4 12.76 0.38 -30.31
C HIS C 4 11.98 0.49 -31.61
N ILE C 5 12.10 1.62 -32.32
CA ILE C 5 11.50 1.83 -33.62
C ILE C 5 12.58 2.47 -34.51
N ASN C 6 12.75 1.94 -35.72
CA ASN C 6 13.73 2.51 -36.65
C ASN C 6 13.08 2.99 -37.94
N ALA C 7 11.91 3.60 -37.82
CA ALA C 7 11.24 4.17 -38.98
C ALA C 7 11.86 5.52 -39.33
N LYS C 8 11.75 5.86 -40.61
CA LYS C 8 12.21 7.14 -41.11
C LYS C 8 11.27 8.26 -40.66
N ILE C 9 11.75 9.50 -40.80
CA ILE C 9 10.92 10.67 -40.52
C ILE C 9 9.66 10.61 -41.37
N GLY C 10 8.51 10.80 -40.74
CA GLY C 10 7.26 10.83 -41.48
C GLY C 10 6.80 9.48 -42.00
N ASP C 11 7.42 8.39 -41.57
CA ASP C 11 6.99 7.09 -42.05
C ASP C 11 5.61 6.71 -41.51
N PHE C 12 5.23 7.26 -40.35
CA PHE C 12 3.97 6.95 -39.71
C PHE C 12 2.90 7.98 -40.10
N TYR C 13 1.73 7.49 -40.51
CA TYR C 13 0.54 8.32 -40.59
C TYR C 13 0.02 8.64 -39.20
N PRO C 14 -0.77 9.71 -39.05
CA PRO C 14 -1.21 10.11 -37.71
C PRO C 14 -2.14 9.12 -37.03
N GLN C 15 -2.84 8.26 -37.77
CA GLN C 15 -3.66 7.18 -37.24
C GLN C 15 -2.88 5.87 -37.29
N CYS C 16 -2.99 5.06 -36.24
CA CYS C 16 -2.17 3.86 -36.12
C CYS C 16 -2.93 2.78 -35.37
N LEU C 17 -3.12 1.62 -36.02
CA LEU C 17 -3.66 0.45 -35.33
C LEU C 17 -2.54 -0.27 -34.61
N LEU C 18 -2.87 -0.87 -33.46
CA LEU C 18 -1.88 -1.56 -32.65
C LEU C 18 -2.29 -3.01 -32.43
N CYS C 19 -1.30 -3.89 -32.38
CA CYS C 19 -1.50 -5.24 -31.89
C CYS C 19 -0.34 -5.57 -30.99
N GLY C 20 -0.56 -6.50 -30.07
CA GLY C 20 0.56 -7.09 -29.35
C GLY C 20 1.43 -7.91 -30.28
N ASP C 21 0.80 -8.66 -31.19
CA ASP C 21 1.51 -9.59 -32.05
C ASP C 21 1.96 -8.89 -33.32
N PRO C 22 3.25 -8.75 -33.57
CA PRO C 22 3.69 -8.15 -34.84
C PRO C 22 3.32 -8.98 -36.06
N LEU C 23 2.95 -10.25 -35.89
CA LEU C 23 2.53 -11.05 -37.04
C LEU C 23 1.06 -10.84 -37.38
N ARG C 24 0.22 -10.54 -36.38
CA ARG C 24 -1.10 -10.01 -36.71
C ARG C 24 -0.96 -8.66 -37.42
N VAL C 25 0.03 -7.88 -37.05
CA VAL C 25 0.29 -6.61 -37.69
C VAL C 25 0.64 -6.82 -39.15
N SER C 26 1.61 -7.71 -39.41
CA SER C 26 2.00 -8.07 -40.77
C SER C 26 0.83 -8.61 -41.58
N TYR C 27 0.00 -9.46 -40.96
CA TYR C 27 -1.14 -10.04 -41.67
C TYR C 27 -2.16 -8.99 -42.10
N ILE C 28 -2.31 -7.90 -41.32
CA ILE C 28 -3.20 -6.82 -41.73
C ILE C 28 -2.63 -6.08 -42.92
N ALA C 29 -1.33 -5.75 -42.87
CA ALA C 29 -0.66 -5.12 -44.00
C ALA C 29 -0.87 -5.92 -45.27
N LYS C 30 -0.54 -7.21 -45.24
CA LYS C 30 -0.49 -7.98 -46.48
C LYS C 30 -1.88 -8.31 -47.00
N LYS C 31 -2.90 -8.27 -46.15
CA LYS C 31 -4.23 -8.61 -46.61
C LYS C 31 -5.09 -7.40 -46.93
N PHE C 32 -4.93 -6.28 -46.22
CA PHE C 32 -5.89 -5.19 -46.30
C PHE C 32 -5.37 -3.87 -46.89
N LEU C 33 -4.07 -3.64 -46.93
CA LEU C 33 -3.57 -2.34 -47.34
C LEU C 33 -2.99 -2.39 -48.75
N GLN C 34 -3.29 -1.36 -49.54
CA GLN C 34 -2.56 -1.09 -50.77
C GLN C 34 -1.24 -0.41 -50.46
N ASP C 35 -0.20 -0.72 -51.24
CA ASP C 35 1.11 -0.09 -51.12
C ASP C 35 1.68 -0.27 -49.71
N ALA C 36 1.50 -1.46 -49.16
CA ALA C 36 1.95 -1.73 -47.81
C ALA C 36 3.47 -1.77 -47.77
N LYS C 37 4.05 -0.94 -46.91
CA LYS C 37 5.49 -0.91 -46.70
C LYS C 37 5.79 -1.23 -45.23
N GLU C 38 6.86 -1.97 -45.00
CA GLU C 38 7.34 -2.26 -43.65
C GLU C 38 8.30 -1.15 -43.22
N ILE C 39 7.91 -0.38 -42.20
CA ILE C 39 8.66 0.83 -41.87
C ILE C 39 9.56 0.66 -40.63
N THR C 40 9.50 -0.46 -39.92
CA THR C 40 10.34 -0.66 -38.74
C THR C 40 10.32 -2.13 -38.39
N ASN C 41 11.40 -2.59 -37.74
CA ASN C 41 11.50 -4.01 -37.40
C ASN C 41 12.48 -4.28 -36.27
N VAL C 42 12.81 -3.26 -35.47
CA VAL C 42 13.66 -3.46 -34.29
C VAL C 42 13.07 -4.59 -33.43
N ARG C 43 13.94 -5.49 -32.99
CA ARG C 43 13.55 -6.61 -32.12
C ARG C 43 12.43 -7.44 -32.72
N ASN C 44 12.32 -7.42 -34.05
CA ASN C 44 11.30 -8.14 -34.80
C ASN C 44 9.91 -7.55 -34.58
N MET C 45 9.81 -6.41 -33.89
CA MET C 45 8.50 -5.79 -33.68
C MET C 45 8.14 -4.98 -34.92
N LEU C 46 7.22 -5.51 -35.74
CA LEU C 46 7.00 -4.95 -37.06
C LEU C 46 6.03 -3.77 -37.01
N GLY C 47 6.36 -2.73 -37.76
CA GLY C 47 5.41 -1.68 -38.06
C GLY C 47 5.30 -1.48 -39.56
N PHE C 48 4.11 -1.04 -40.00
CA PHE C 48 3.81 -0.94 -41.42
C PHE C 48 3.02 0.34 -41.70
N SER C 49 3.21 0.85 -42.93
CA SER C 49 2.39 1.93 -43.47
C SER C 49 1.80 1.49 -44.80
N GLY C 50 0.62 2.03 -45.11
CA GLY C 50 -0.03 1.69 -46.35
C GLY C 50 -1.33 2.46 -46.47
N LYS C 51 -2.20 2.01 -47.39
CA LYS C 51 -3.45 2.69 -47.66
C LYS C 51 -4.62 1.73 -47.55
N TYR C 52 -5.69 2.21 -46.93
CA TYR C 52 -6.97 1.51 -46.88
C TYR C 52 -8.01 2.42 -47.49
N LYS C 53 -8.74 1.90 -48.48
CA LYS C 53 -9.76 2.62 -49.24
C LYS C 53 -9.32 4.06 -49.54
N GLY C 54 -8.06 4.22 -49.95
CA GLY C 54 -7.56 5.52 -50.34
C GLY C 54 -6.76 6.25 -49.28
N LYS C 55 -7.17 6.12 -48.02
CA LYS C 55 -6.54 6.86 -46.93
C LYS C 55 -5.37 6.09 -46.35
N GLY C 56 -4.28 6.82 -46.08
CA GLY C 56 -3.08 6.20 -45.53
C GLY C 56 -3.24 5.94 -44.04
N ILE C 57 -2.93 4.70 -43.63
CA ILE C 57 -3.03 4.24 -42.25
C ILE C 57 -1.75 3.48 -41.91
N SER C 58 -1.35 3.54 -40.64
CA SER C 58 -0.19 2.82 -40.13
C SER C 58 -0.61 1.73 -39.15
N LEU C 59 0.32 0.81 -38.87
CA LEU C 59 0.10 -0.32 -37.98
C LEU C 59 1.39 -0.58 -37.24
N MET C 60 1.30 -0.96 -35.95
CA MET C 60 2.51 -1.10 -35.14
C MET C 60 2.29 -2.17 -34.06
N GLY C 61 3.28 -3.07 -33.92
CA GLY C 61 3.24 -4.04 -32.84
C GLY C 61 3.77 -3.45 -31.54
N HIS C 62 3.28 -3.99 -30.40
CA HIS C 62 3.72 -3.43 -29.12
C HIS C 62 4.06 -4.46 -28.06
N GLY C 63 4.11 -5.76 -28.40
CA GLY C 63 4.51 -6.75 -27.43
C GLY C 63 3.43 -7.02 -26.39
N MET C 64 3.81 -7.80 -25.39
CA MET C 64 2.86 -8.18 -24.35
C MET C 64 3.23 -7.51 -23.03
N GLY C 65 2.22 -7.06 -22.31
CA GLY C 65 2.41 -6.45 -21.00
C GLY C 65 2.39 -4.94 -21.06
N ILE C 66 1.98 -4.33 -19.94
CA ILE C 66 1.89 -2.88 -19.86
C ILE C 66 3.24 -2.23 -20.14
N ALA C 67 4.31 -2.79 -19.60
CA ALA C 67 5.61 -2.14 -19.77
C ALA C 67 6.02 -2.09 -21.24
N SER C 68 5.84 -3.18 -21.98
CA SER C 68 6.20 -3.18 -23.39
C SER C 68 5.33 -2.23 -24.19
N CYS C 69 4.03 -2.23 -23.93
CA CYS C 69 3.12 -1.38 -24.70
C CYS C 69 3.41 0.09 -24.45
N THR C 70 3.78 0.44 -23.21
CA THR C 70 4.11 1.82 -22.89
C THR C 70 5.30 2.31 -23.70
N ILE C 71 6.35 1.49 -23.79
CA ILE C 71 7.55 1.83 -24.55
C ILE C 71 7.18 2.22 -25.98
N TYR C 72 6.44 1.36 -26.67
CA TYR C 72 6.15 1.63 -28.08
C TYR C 72 5.19 2.81 -28.22
N VAL C 73 4.19 2.90 -27.35
CA VAL C 73 3.21 3.97 -27.48
C VAL C 73 3.85 5.31 -27.16
N THR C 74 4.68 5.36 -26.12
CA THR C 74 5.42 6.57 -25.80
C THR C 74 6.22 7.04 -27.02
N GLU C 75 6.91 6.11 -27.68
CA GLU C 75 7.73 6.48 -28.84
C GLU C 75 6.87 6.86 -30.04
N LEU C 76 5.73 6.19 -30.23
CA LEU C 76 4.86 6.53 -31.36
C LEU C 76 4.36 7.98 -31.25
N ILE C 77 4.10 8.44 -30.04
CA ILE C 77 3.54 9.78 -29.84
C ILE C 77 4.65 10.84 -29.90
N LYS C 78 5.76 10.60 -29.20
CA LYS C 78 6.77 11.66 -29.00
C LYS C 78 7.71 11.81 -30.19
N THR C 79 7.97 10.75 -30.95
CA THR C 79 8.94 10.82 -32.04
C THR C 79 8.29 10.74 -33.41
N TYR C 80 7.17 10.03 -33.54
CA TYR C 80 6.51 9.86 -34.81
C TYR C 80 5.15 10.55 -34.87
N GLN C 81 4.84 11.42 -33.89
CA GLN C 81 3.66 12.28 -33.94
C GLN C 81 2.38 11.52 -34.26
N VAL C 82 2.26 10.26 -33.80
CA VAL C 82 0.97 9.58 -33.89
C VAL C 82 -0.03 10.30 -33.00
N LYS C 83 -1.24 10.46 -33.50
CA LYS C 83 -2.30 11.20 -32.80
C LYS C 83 -3.44 10.33 -32.31
N GLU C 84 -3.71 9.22 -32.98
CA GLU C 84 -4.80 8.31 -32.67
C GLU C 84 -4.27 6.90 -32.65
N LEU C 85 -4.43 6.20 -31.54
CA LEU C 85 -3.88 4.87 -31.35
C LEU C 85 -5.03 3.92 -31.03
N LEU C 86 -5.29 2.97 -31.94
CA LEU C 86 -6.40 2.02 -31.82
C LEU C 86 -5.80 0.62 -31.63
N ARG C 87 -5.92 0.09 -30.43
CA ARG C 87 -5.40 -1.23 -30.19
C ARG C 87 -6.50 -2.24 -30.50
N ILE C 88 -6.12 -3.30 -31.20
CA ILE C 88 -7.04 -4.39 -31.55
C ILE C 88 -6.32 -5.67 -31.20
N GLY C 89 -6.59 -6.20 -30.02
CA GLY C 89 -5.91 -7.36 -29.49
C GLY C 89 -6.82 -8.49 -29.09
N THR C 90 -6.30 -9.40 -28.28
CA THR C 90 -7.02 -10.57 -27.82
C THR C 90 -7.21 -10.49 -26.32
N CYS C 91 -8.21 -11.22 -25.81
CA CYS C 91 -8.48 -11.19 -24.38
C CYS C 91 -9.19 -12.47 -23.98
N GLY C 92 -9.15 -12.76 -22.68
CA GLY C 92 -9.82 -13.93 -22.12
C GLY C 92 -11.08 -13.50 -21.39
N ALA C 93 -12.17 -14.21 -21.65
CA ALA C 93 -13.45 -13.84 -21.07
C ALA C 93 -13.58 -14.44 -19.67
N ILE C 94 -14.31 -13.73 -18.81
CA ILE C 94 -14.47 -14.16 -17.43
C ILE C 94 -15.94 -14.23 -17.07
N SER C 95 -16.81 -14.14 -18.07
CA SER C 95 -18.23 -14.32 -17.90
C SER C 95 -18.76 -15.38 -18.85
N PRO C 96 -19.80 -16.12 -18.44
CA PRO C 96 -20.56 -16.92 -19.41
C PRO C 96 -21.31 -16.07 -20.41
N LYS C 97 -21.63 -14.82 -20.05
CA LYS C 97 -22.31 -13.88 -20.94
C LYS C 97 -21.49 -13.56 -22.18
N VAL C 98 -20.22 -13.93 -22.22
CA VAL C 98 -19.30 -13.48 -23.24
C VAL C 98 -18.66 -14.71 -23.87
N GLY C 99 -18.69 -14.78 -25.20
CA GLY C 99 -18.19 -15.93 -25.93
C GLY C 99 -16.93 -15.60 -26.72
N LEU C 100 -16.26 -16.66 -27.18
CA LEU C 100 -15.05 -16.47 -27.95
C LEU C 100 -15.33 -15.66 -29.22
N LYS C 101 -14.27 -15.01 -29.72
CA LYS C 101 -14.25 -13.99 -30.77
C LYS C 101 -15.41 -12.98 -30.70
N ASP C 102 -15.91 -12.74 -29.49
CA ASP C 102 -16.65 -11.49 -29.26
C ASP C 102 -15.68 -10.33 -29.28
N ILE C 103 -16.15 -9.18 -29.80
CA ILE C 103 -15.37 -7.94 -29.78
C ILE C 103 -15.87 -7.06 -28.64
N ILE C 104 -14.95 -6.62 -27.79
CA ILE C 104 -15.26 -5.77 -26.65
C ILE C 104 -14.64 -4.40 -26.89
N MET C 105 -15.34 -3.35 -26.48
CA MET C 105 -14.77 -2.00 -26.44
C MET C 105 -14.56 -1.62 -24.99
N ALA C 106 -13.32 -1.33 -24.61
CA ALA C 106 -12.95 -1.05 -23.23
C ALA C 106 -13.16 0.43 -22.93
N THR C 107 -14.25 0.78 -22.28
CA THR C 107 -14.44 2.14 -21.81
C THR C 107 -13.61 2.47 -20.56
N GLY C 108 -12.98 1.46 -19.95
CA GLY C 108 -12.06 1.67 -18.84
C GLY C 108 -11.21 0.44 -18.67
N ALA C 109 -9.99 0.64 -18.17
CA ALA C 109 -9.04 -0.46 -18.00
C ALA C 109 -8.51 -0.45 -16.55
N SER C 110 -9.11 -1.30 -15.70
CA SER C 110 -8.58 -1.56 -14.37
C SER C 110 -7.28 -2.36 -14.48
N THR C 111 -6.52 -2.45 -13.38
CA THR C 111 -5.24 -3.15 -13.44
C THR C 111 -4.76 -3.56 -12.06
N ASP C 112 -3.94 -4.62 -12.04
CA ASP C 112 -3.18 -5.02 -10.85
C ASP C 112 -1.72 -4.53 -10.93
N SER C 113 -1.39 -3.76 -11.95
CA SER C 113 -0.08 -3.13 -12.09
C SER C 113 0.11 -2.04 -11.03
N LYS C 114 1.36 -1.74 -10.70
CA LYS C 114 1.63 -0.56 -9.90
C LYS C 114 1.95 0.66 -10.75
N THR C 115 1.90 0.54 -12.08
CA THR C 115 2.42 1.60 -12.95
C THR C 115 1.61 2.88 -12.82
N ASN C 116 0.29 2.75 -12.65
CA ASN C 116 -0.52 3.96 -12.60
C ASN C 116 -0.43 4.63 -11.24
N ARG C 117 -0.21 3.87 -10.17
CA ARG C 117 0.07 4.48 -8.88
C ARG C 117 1.42 5.19 -8.89
N VAL C 118 2.42 4.61 -9.56
CA VAL C 118 3.70 5.30 -9.72
C VAL C 118 3.53 6.61 -10.48
N ARG C 119 2.73 6.60 -11.56
CA ARG C 119 2.55 7.78 -12.38
C ARG C 119 1.77 8.87 -11.66
N PHE C 120 0.87 8.48 -10.76
CA PHE C 120 -0.26 9.32 -10.38
C PHE C 120 -0.45 9.32 -8.86
N LEU C 121 0.60 9.73 -8.14
CA LEU C 121 0.52 10.15 -6.75
C LEU C 121 0.19 9.02 -5.78
N ASN C 122 0.31 7.77 -6.23
CA ASN C 122 -0.10 6.60 -5.45
C ASN C 122 -1.60 6.60 -5.15
N HIS C 123 -2.38 7.38 -5.91
CA HIS C 123 -3.83 7.33 -5.88
C HIS C 123 -4.34 6.39 -6.98
N ASP C 124 -5.65 6.43 -7.24
CA ASP C 124 -6.29 5.58 -8.24
C ASP C 124 -6.45 6.40 -9.52
N LEU C 125 -5.64 6.10 -10.54
CA LEU C 125 -5.86 6.67 -11.85
C LEU C 125 -6.96 5.87 -12.55
N SER C 126 -8.00 6.57 -13.01
CA SER C 126 -9.06 5.92 -13.78
C SER C 126 -8.70 5.94 -15.26
N ALA C 127 -8.23 4.80 -15.77
CA ALA C 127 -7.64 4.73 -17.09
C ALA C 127 -8.73 4.52 -18.12
N THR C 128 -8.93 5.51 -18.98
CA THR C 128 -10.05 5.56 -19.90
C THR C 128 -9.60 5.92 -21.31
N PRO C 129 -10.36 5.54 -22.32
CA PRO C 129 -10.03 5.93 -23.70
C PRO C 129 -10.49 7.35 -23.99
N ASP C 130 -10.04 7.87 -25.13
CA ASP C 130 -10.61 9.09 -25.68
C ASP C 130 -12.07 8.84 -26.08
N PHE C 131 -12.98 9.69 -25.58
CA PHE C 131 -14.40 9.45 -25.79
C PHE C 131 -14.76 9.42 -27.27
N GLU C 132 -14.37 10.47 -28.02
CA GLU C 132 -14.74 10.57 -29.43
C GLU C 132 -14.32 9.33 -30.22
N LEU C 133 -13.12 8.80 -29.94
CA LEU C 133 -12.72 7.54 -30.56
C LEU C 133 -13.71 6.44 -30.24
N SER C 134 -14.16 6.35 -28.99
CA SER C 134 -15.10 5.28 -28.66
C SER C 134 -16.46 5.52 -29.30
N LEU C 135 -16.88 6.78 -29.47
CA LEU C 135 -18.10 7.05 -30.22
C LEU C 135 -17.93 6.63 -31.68
N ARG C 136 -16.74 6.83 -32.22
CA ARG C 136 -16.47 6.42 -33.60
C ARG C 136 -16.60 4.90 -33.73
N ALA C 137 -15.95 4.15 -32.82
CA ALA C 137 -16.13 2.70 -32.78
C ALA C 137 -17.60 2.33 -32.72
N TYR C 138 -18.34 2.92 -31.79
CA TYR C 138 -19.75 2.56 -31.63
C TYR C 138 -20.54 2.76 -32.91
N GLN C 139 -20.34 3.90 -33.58
CA GLN C 139 -21.13 4.22 -34.77
C GLN C 139 -20.65 3.46 -35.99
N THR C 140 -19.34 3.25 -36.09
CA THR C 140 -18.78 2.44 -37.16
C THR C 140 -19.28 1.01 -37.05
N ALA C 141 -19.09 0.40 -35.88
CA ALA C 141 -19.54 -0.96 -35.64
C ALA C 141 -21.02 -1.13 -35.99
N LYS C 142 -21.84 -0.12 -35.66
CA LYS C 142 -23.28 -0.21 -35.91
C LYS C 142 -23.60 -0.10 -37.40
N ARG C 143 -22.98 0.87 -38.09
CA ARG C 143 -23.11 0.96 -39.54
C ARG C 143 -22.71 -0.34 -40.23
N LEU C 144 -21.74 -1.06 -39.66
CA LEU C 144 -21.26 -2.30 -40.27
C LEU C 144 -22.06 -3.52 -39.84
N GLY C 145 -22.98 -3.38 -38.90
CA GLY C 145 -23.64 -4.56 -38.39
C GLY C 145 -22.72 -5.51 -37.64
N ILE C 146 -21.59 -5.01 -37.14
CA ILE C 146 -20.70 -5.79 -36.29
C ILE C 146 -21.13 -5.59 -34.84
N ASP C 147 -21.36 -6.69 -34.13
CA ASP C 147 -21.76 -6.56 -32.74
C ASP C 147 -20.56 -6.18 -31.87
N LEU C 148 -20.83 -5.44 -30.80
CA LEU C 148 -19.80 -4.88 -29.94
C LEU C 148 -20.30 -4.89 -28.50
N LYS C 149 -19.56 -5.55 -27.62
CA LYS C 149 -19.82 -5.44 -26.20
C LYS C 149 -18.99 -4.30 -25.62
N ILE C 150 -19.55 -3.62 -24.62
CA ILE C 150 -18.98 -2.40 -24.07
C ILE C 150 -18.88 -2.53 -22.56
N GLY C 151 -17.69 -2.36 -22.02
CA GLY C 151 -17.48 -2.41 -20.58
C GLY C 151 -16.02 -2.15 -20.25
N ASN C 152 -15.67 -2.44 -19.00
CA ASN C 152 -14.25 -2.43 -18.61
C ASN C 152 -13.55 -3.72 -19.03
N VAL C 153 -12.22 -3.65 -19.14
CA VAL C 153 -11.37 -4.83 -19.09
C VAL C 153 -10.46 -4.69 -17.88
N PHE C 154 -9.94 -5.82 -17.42
CA PHE C 154 -8.92 -5.84 -16.39
C PHE C 154 -7.59 -6.10 -17.09
N SER C 155 -6.66 -5.15 -16.98
CA SER C 155 -5.33 -5.29 -17.59
C SER C 155 -4.40 -5.82 -16.52
N SER C 156 -4.07 -7.12 -16.62
CA SER C 156 -3.19 -7.77 -15.65
C SER C 156 -1.74 -7.81 -16.13
N ASP C 157 -0.82 -7.81 -15.15
CA ASP C 157 0.58 -8.19 -15.36
C ASP C 157 0.76 -9.68 -15.53
N PHE C 158 -0.29 -10.47 -15.43
CA PHE C 158 -0.20 -11.93 -15.34
C PHE C 158 -1.09 -12.53 -16.42
N PHE C 159 -0.48 -13.25 -17.37
CA PHE C 159 -1.28 -14.08 -18.25
C PHE C 159 -1.84 -15.27 -17.49
N TYR C 160 -1.01 -15.87 -16.63
CA TYR C 160 -1.35 -17.01 -15.78
C TYR C 160 -1.61 -16.42 -14.40
N SER C 161 -2.89 -16.16 -14.15
CA SER C 161 -3.29 -15.42 -12.97
C SER C 161 -3.09 -16.25 -11.71
N PHE C 162 -2.75 -15.56 -10.62
CA PHE C 162 -2.73 -16.16 -9.28
C PHE C 162 -3.97 -15.82 -8.47
N GLU C 163 -5.01 -15.25 -9.11
CA GLU C 163 -6.23 -14.77 -8.43
C GLU C 163 -7.45 -15.17 -9.27
N THR C 164 -7.48 -16.40 -9.75
CA THR C 164 -8.62 -16.88 -10.52
C THR C 164 -9.88 -16.89 -9.67
N HIS C 165 -9.75 -16.93 -8.34
CA HIS C 165 -10.91 -16.83 -7.46
C HIS C 165 -11.63 -15.50 -7.61
N ALA C 166 -10.96 -14.49 -8.16
CA ALA C 166 -11.51 -13.14 -8.20
C ALA C 166 -12.31 -12.82 -9.46
N PHE C 167 -12.44 -13.78 -10.40
CA PHE C 167 -13.01 -13.46 -11.70
C PHE C 167 -14.47 -13.05 -11.58
N ASP C 168 -15.24 -13.71 -10.71
CA ASP C 168 -16.65 -13.37 -10.59
C ASP C 168 -16.83 -11.96 -10.05
N LEU C 169 -15.97 -11.55 -9.13
CA LEU C 169 -15.99 -10.18 -8.63
C LEU C 169 -15.67 -9.20 -9.75
N MET C 170 -14.66 -9.52 -10.56
CA MET C 170 -14.33 -8.67 -11.71
C MET C 170 -15.52 -8.53 -12.64
N ALA C 171 -16.15 -9.66 -13.00
CA ALA C 171 -17.32 -9.61 -13.87
C ALA C 171 -18.45 -8.84 -13.22
N GLN C 172 -18.60 -8.98 -11.90
CA GLN C 172 -19.61 -8.22 -11.19
C GLN C 172 -19.44 -6.72 -11.38
N TYR C 173 -18.19 -6.24 -11.42
CA TYR C 173 -17.89 -4.83 -11.60
C TYR C 173 -17.75 -4.45 -13.07
N ASN C 174 -18.39 -5.19 -13.96
CA ASN C 174 -18.51 -4.86 -15.38
C ASN C 174 -17.20 -5.02 -16.12
N HIS C 175 -16.36 -5.95 -15.67
CA HIS C 175 -15.18 -6.33 -16.43
C HIS C 175 -15.54 -7.52 -17.32
N LEU C 176 -15.56 -7.27 -18.63
CA LEU C 176 -15.97 -8.28 -19.60
C LEU C 176 -14.85 -9.24 -19.95
N ALA C 177 -13.58 -8.88 -19.71
CA ALA C 177 -12.48 -9.75 -20.11
C ALA C 177 -11.19 -9.29 -19.48
N ILE C 178 -10.17 -10.13 -19.59
CA ILE C 178 -8.84 -9.82 -19.10
C ILE C 178 -7.88 -9.76 -20.29
N GLU C 179 -7.06 -8.72 -20.32
CA GLU C 179 -5.95 -8.61 -21.26
C GLU C 179 -4.83 -7.94 -20.47
N MET C 180 -3.80 -7.41 -21.17
CA MET C 180 -2.55 -7.08 -20.49
C MET C 180 -1.91 -5.75 -20.89
N GLU C 181 -2.55 -4.93 -21.72
CA GLU C 181 -1.93 -3.67 -22.12
C GLU C 181 -2.85 -2.46 -22.08
N ALA C 182 -4.16 -2.61 -22.05
CA ALA C 182 -5.05 -1.46 -22.23
C ALA C 182 -4.83 -0.38 -21.17
N ALA C 183 -4.61 -0.76 -19.91
CA ALA C 183 -4.31 0.25 -18.88
C ALA C 183 -3.04 1.01 -19.19
N GLY C 184 -2.06 0.35 -19.82
CA GLY C 184 -0.82 0.99 -20.19
C GLY C 184 -1.00 1.94 -21.36
N LEU C 185 -1.72 1.47 -22.39
CA LEU C 185 -2.11 2.34 -23.51
C LEU C 185 -2.89 3.56 -23.03
N TYR C 186 -3.95 3.34 -22.23
CA TYR C 186 -4.79 4.45 -21.84
C TYR C 186 -4.01 5.45 -21.01
N ALA C 187 -3.20 4.97 -20.06
CA ALA C 187 -2.44 5.89 -19.20
C ALA C 187 -1.44 6.70 -20.01
N THR C 188 -0.67 6.03 -20.86
CA THR C 188 0.32 6.73 -21.66
C THR C 188 -0.33 7.78 -22.55
N ALA C 189 -1.48 7.43 -23.14
CA ALA C 189 -2.16 8.38 -24.02
C ALA C 189 -2.71 9.58 -23.22
N MET C 190 -3.23 9.33 -22.02
CA MET C 190 -3.60 10.44 -21.14
C MET C 190 -2.38 11.29 -20.80
N GLU C 191 -1.28 10.65 -20.42
CA GLU C 191 -0.06 11.39 -20.04
C GLU C 191 0.41 12.33 -21.13
N LEU C 192 0.38 11.90 -22.39
CA LEU C 192 0.96 12.64 -23.52
C LEU C 192 -0.07 13.25 -24.46
N ASN C 193 -1.34 13.32 -24.04
CA ASN C 193 -2.36 14.15 -24.71
C ASN C 193 -2.71 13.60 -26.10
N ALA C 194 -2.81 12.28 -26.22
CA ALA C 194 -3.16 11.62 -27.47
C ALA C 194 -4.47 10.85 -27.32
N LYS C 195 -5.00 10.41 -28.45
CA LYS C 195 -6.30 9.74 -28.50
C LYS C 195 -6.09 8.23 -28.63
N ALA C 196 -6.61 7.46 -27.68
CA ALA C 196 -6.47 6.01 -27.68
C ALA C 196 -7.81 5.35 -27.40
N LEU C 197 -7.93 4.13 -27.93
CA LEU C 197 -9.07 3.25 -27.73
C LEU C 197 -8.56 1.83 -27.85
N CYS C 198 -9.13 0.93 -27.07
CA CYS C 198 -8.74 -0.47 -27.11
C CYS C 198 -9.95 -1.33 -27.42
N LEU C 199 -9.81 -2.17 -28.44
CA LEU C 199 -10.77 -3.20 -28.80
C LEU C 199 -10.09 -4.54 -28.62
N CYS C 200 -10.84 -5.56 -28.23
CA CYS C 200 -10.23 -6.86 -28.01
CA CYS C 200 -10.21 -6.86 -28.05
C CYS C 200 -11.22 -7.95 -28.32
N SER C 201 -10.77 -8.97 -29.06
CA SER C 201 -11.55 -10.14 -29.37
C SER C 201 -11.23 -11.23 -28.36
N VAL C 202 -12.28 -11.93 -27.92
CA VAL C 202 -12.15 -13.02 -26.96
C VAL C 202 -11.42 -14.18 -27.62
N SER C 203 -10.17 -14.40 -27.21
CA SER C 203 -9.36 -15.51 -27.70
C SER C 203 -9.30 -16.68 -26.72
N ASP C 204 -9.72 -16.49 -25.47
CA ASP C 204 -9.84 -17.55 -24.49
C ASP C 204 -11.10 -17.31 -23.68
N HIS C 205 -11.67 -18.37 -23.11
CA HIS C 205 -12.65 -18.20 -22.05
C HIS C 205 -12.07 -18.80 -20.78
N LEU C 206 -11.97 -18.00 -19.73
CA LEU C 206 -11.24 -18.44 -18.56
C LEU C 206 -12.07 -19.27 -17.60
N ILE C 207 -13.39 -19.30 -17.75
CA ILE C 207 -14.19 -20.21 -16.93
C ILE C 207 -14.26 -21.59 -17.58
N THR C 208 -14.68 -21.66 -18.84
CA THR C 208 -15.02 -22.93 -19.46
C THR C 208 -13.84 -23.57 -20.20
N LYS C 209 -12.77 -22.80 -20.46
CA LYS C 209 -11.45 -23.28 -20.85
C LYS C 209 -11.21 -23.41 -22.35
N GLU C 210 -12.11 -22.90 -23.19
CA GLU C 210 -11.81 -22.90 -24.62
C GLU C 210 -10.74 -21.85 -24.94
N ALA C 211 -9.96 -22.13 -25.98
CA ALA C 211 -8.85 -21.28 -26.37
C ALA C 211 -8.56 -21.45 -27.86
N LEU C 212 -8.31 -20.35 -28.56
CA LEU C 212 -7.88 -20.43 -29.96
C LEU C 212 -6.38 -20.71 -30.04
N SER C 213 -5.92 -21.10 -31.24
CA SER C 213 -4.51 -21.42 -31.47
C SER C 213 -3.74 -20.17 -31.88
N PRO C 214 -2.39 -20.23 -31.84
CA PRO C 214 -1.58 -19.10 -32.36
C PRO C 214 -1.97 -18.62 -33.76
N LYS C 215 -2.26 -19.54 -34.69
CA LYS C 215 -2.64 -19.11 -36.04
C LYS C 215 -4.06 -18.55 -36.06
N GLU C 216 -4.97 -19.13 -35.27
CA GLU C 216 -6.32 -18.59 -35.20
C GLU C 216 -6.34 -17.19 -34.58
N ARG C 217 -5.35 -16.87 -33.74
CA ARG C 217 -5.28 -15.55 -33.12
C ARG C 217 -4.85 -14.47 -34.11
N ILE C 218 -4.48 -14.84 -35.33
CA ILE C 218 -4.10 -13.90 -36.37
C ILE C 218 -5.23 -13.78 -37.38
N GLU C 219 -6.00 -14.87 -37.55
CA GLU C 219 -6.90 -15.01 -38.68
C GLU C 219 -8.39 -15.07 -38.35
N SER C 220 -8.78 -15.27 -37.09
CA SER C 220 -10.18 -15.37 -36.73
C SER C 220 -10.81 -14.02 -36.40
N PHE C 221 -10.09 -12.92 -36.58
CA PHE C 221 -10.46 -11.62 -36.04
C PHE C 221 -10.73 -10.57 -37.12
N ASP C 222 -11.04 -11.01 -38.34
CA ASP C 222 -11.23 -10.08 -39.44
C ASP C 222 -12.25 -9.00 -39.13
N ASN C 223 -13.36 -9.37 -38.50
CA ASN C 223 -14.40 -8.38 -38.23
C ASN C 223 -13.85 -7.26 -37.35
N MET C 224 -13.01 -7.59 -36.37
CA MET C 224 -12.40 -6.55 -35.56
C MET C 224 -11.44 -5.71 -36.39
N ILE C 225 -10.59 -6.37 -37.18
CA ILE C 225 -9.69 -5.66 -38.07
C ILE C 225 -10.47 -4.71 -38.97
N ILE C 226 -11.52 -5.23 -39.62
CA ILE C 226 -12.28 -4.39 -40.54
C ILE C 226 -12.93 -3.26 -39.79
N LEU C 227 -13.38 -3.52 -38.55
CA LEU C 227 -13.94 -2.46 -37.73
C LEU C 227 -12.93 -1.35 -37.52
N ALA C 228 -11.70 -1.71 -37.15
CA ALA C 228 -10.67 -0.71 -36.92
C ALA C 228 -10.38 0.09 -38.18
N LEU C 229 -10.18 -0.59 -39.32
CA LEU C 229 -9.85 0.10 -40.56
C LEU C 229 -10.93 1.11 -40.90
N GLU C 230 -12.19 0.69 -40.78
CA GLU C 230 -13.31 1.54 -41.13
C GLU C 230 -13.37 2.79 -40.25
N MET C 231 -13.19 2.63 -38.92
CA MET C 231 -13.29 3.82 -38.07
C MET C 231 -12.14 4.79 -38.33
N MET C 232 -11.04 4.34 -38.92
CA MET C 232 -9.97 5.27 -39.27
C MET C 232 -10.17 5.93 -40.63
N SER C 233 -11.13 5.47 -41.43
CA SER C 233 -11.30 5.95 -42.82
C SER C 233 -11.61 7.44 -42.87
N MET D 1 9.71 -21.76 30.63
CA MET D 1 8.53 -22.22 29.91
C MET D 1 8.40 -21.56 28.55
N THR D 2 8.69 -20.25 28.48
CA THR D 2 8.70 -19.53 27.21
C THR D 2 10.12 -19.39 26.70
N PRO D 3 10.30 -19.20 25.39
CA PRO D 3 11.66 -19.10 24.84
C PRO D 3 12.37 -17.78 25.12
N HIS D 4 11.77 -16.87 25.88
CA HIS D 4 12.40 -15.56 26.14
C HIS D 4 12.33 -15.15 27.60
N ILE D 5 11.65 -15.90 28.44
CA ILE D 5 11.60 -15.66 29.88
C ILE D 5 11.79 -17.02 30.55
N ASN D 6 12.64 -17.07 31.57
CA ASN D 6 12.91 -18.30 32.30
C ASN D 6 12.35 -18.24 33.73
N ALA D 7 11.29 -17.45 33.92
CA ALA D 7 10.63 -17.40 35.22
C ALA D 7 9.76 -18.63 35.42
N LYS D 8 9.35 -18.83 36.66
CA LYS D 8 8.40 -19.87 37.01
C LYS D 8 7.00 -19.30 36.96
N ILE D 9 6.04 -20.13 36.57
CA ILE D 9 4.68 -19.64 36.39
C ILE D 9 4.11 -19.32 37.78
N GLY D 10 3.97 -18.03 38.06
CA GLY D 10 3.55 -17.57 39.37
C GLY D 10 4.45 -16.49 39.98
N ASP D 11 5.58 -16.20 39.32
CA ASP D 11 6.56 -15.25 39.84
C ASP D 11 6.21 -13.79 39.57
N PHE D 12 5.43 -13.50 38.54
CA PHE D 12 5.08 -12.13 38.22
C PHE D 12 3.83 -11.72 38.99
N TYR D 13 3.89 -10.57 39.65
CA TYR D 13 2.67 -9.96 40.13
C TYR D 13 1.79 -9.60 38.94
N PRO D 14 0.49 -9.33 39.15
CA PRO D 14 -0.35 -8.94 38.01
C PRO D 14 0.02 -7.59 37.41
N GLN D 15 0.71 -6.72 38.17
CA GLN D 15 1.20 -5.43 37.70
C GLN D 15 2.68 -5.54 37.35
N CYS D 16 3.10 -4.88 36.27
CA CYS D 16 4.47 -4.99 35.80
C CYS D 16 4.94 -3.67 35.19
N LEU D 17 6.13 -3.23 35.54
CA LEU D 17 6.75 -2.11 34.86
C LEU D 17 7.66 -2.63 33.76
N LEU D 18 7.92 -1.77 32.77
CA LEU D 18 8.69 -2.18 31.60
C LEU D 18 9.63 -1.08 31.15
N CYS D 19 10.83 -1.47 30.74
CA CYS D 19 11.76 -0.55 30.08
C CYS D 19 12.51 -1.34 29.03
N GLY D 20 12.94 -0.64 27.98
CA GLY D 20 13.76 -1.29 26.97
C GLY D 20 15.05 -1.82 27.55
N ASP D 21 15.80 -0.95 28.27
CA ASP D 21 17.10 -1.19 28.91
C ASP D 21 16.96 -2.02 30.17
N PRO D 22 17.36 -3.29 30.16
CA PRO D 22 17.27 -4.10 31.38
C PRO D 22 18.14 -3.57 32.52
N LEU D 23 19.13 -2.73 32.21
CA LEU D 23 19.91 -2.12 33.29
C LEU D 23 19.09 -1.10 34.04
N ARG D 24 18.18 -0.41 33.33
CA ARG D 24 17.16 0.41 33.96
C ARG D 24 16.34 -0.39 34.94
N VAL D 25 16.01 -1.64 34.57
CA VAL D 25 15.19 -2.50 35.39
C VAL D 25 15.88 -2.77 36.73
N SER D 26 17.14 -3.20 36.68
CA SER D 26 17.85 -3.54 37.92
C SER D 26 18.10 -2.29 38.76
N TYR D 27 18.39 -1.14 38.13
CA TYR D 27 18.51 0.10 38.90
C TYR D 27 17.24 0.40 39.69
N ILE D 28 16.07 0.14 39.10
CA ILE D 28 14.81 0.38 39.79
C ILE D 28 14.60 -0.66 40.89
N ALA D 29 14.95 -1.92 40.61
CA ALA D 29 14.89 -2.95 41.63
C ALA D 29 15.72 -2.56 42.85
N LYS D 30 17.00 -2.23 42.63
CA LYS D 30 17.88 -1.88 43.74
C LYS D 30 17.37 -0.65 44.49
N LYS D 31 17.32 0.49 43.80
CA LYS D 31 17.10 1.77 44.47
C LYS D 31 15.68 1.95 45.00
N PHE D 32 14.69 1.19 44.52
CA PHE D 32 13.31 1.46 44.88
C PHE D 32 12.53 0.28 45.45
N LEU D 33 12.95 -0.96 45.22
CA LEU D 33 12.16 -2.09 45.66
C LEU D 33 12.71 -2.66 46.96
N GLN D 34 11.81 -3.27 47.73
CA GLN D 34 12.20 -4.09 48.87
C GLN D 34 12.09 -5.55 48.47
N ASP D 35 13.02 -6.36 48.97
CA ASP D 35 13.04 -7.80 48.71
C ASP D 35 13.07 -8.09 47.21
N ALA D 36 13.77 -7.22 46.47
CA ALA D 36 13.86 -7.33 45.02
C ALA D 36 14.48 -8.68 44.64
N LYS D 37 13.69 -9.51 43.96
CA LYS D 37 14.12 -10.81 43.47
C LYS D 37 14.26 -10.77 41.96
N GLU D 38 15.33 -11.37 41.43
CA GLU D 38 15.47 -11.56 40.00
C GLU D 38 14.79 -12.86 39.61
N ILE D 39 13.94 -12.80 38.60
CA ILE D 39 13.09 -13.94 38.22
C ILE D 39 13.28 -14.37 36.78
N THR D 40 13.93 -13.58 35.94
CA THR D 40 14.18 -13.96 34.56
C THR D 40 15.45 -13.29 34.05
N ASN D 41 16.19 -13.99 33.21
CA ASN D 41 17.42 -13.41 32.71
C ASN D 41 17.78 -13.89 31.30
N VAL D 42 16.83 -14.50 30.57
CA VAL D 42 17.12 -14.97 29.23
C VAL D 42 17.66 -13.81 28.40
N ARG D 43 18.74 -14.08 27.65
CA ARG D 43 19.36 -13.11 26.76
C ARG D 43 19.74 -11.83 27.50
N ASN D 44 20.06 -11.96 28.78
CA ASN D 44 20.40 -10.84 29.67
C ASN D 44 19.24 -9.87 29.89
N MET D 45 18.03 -10.22 29.45
CA MET D 45 16.87 -9.35 29.65
C MET D 45 16.32 -9.63 31.05
N LEU D 46 16.73 -8.80 32.02
CA LEU D 46 16.44 -9.05 33.43
C LEU D 46 14.99 -8.73 33.77
N GLY D 47 14.46 -9.49 34.72
CA GLY D 47 13.15 -9.20 35.28
C GLY D 47 13.19 -9.34 36.78
N PHE D 48 12.27 -8.63 37.44
CA PHE D 48 12.33 -8.47 38.89
C PHE D 48 10.93 -8.48 39.48
N SER D 49 10.79 -9.12 40.65
CA SER D 49 9.58 -9.06 41.47
C SER D 49 9.98 -8.64 42.87
N GLY D 50 9.29 -7.64 43.39
CA GLY D 50 9.68 -7.02 44.64
C GLY D 50 8.52 -6.34 45.32
N LYS D 51 8.84 -5.34 46.14
CA LYS D 51 7.83 -4.64 46.94
C LYS D 51 8.08 -3.14 46.91
N TYR D 52 6.99 -2.37 46.83
CA TYR D 52 7.03 -0.91 46.95
C TYR D 52 5.95 -0.48 47.93
N LYS D 53 6.34 -0.18 49.17
CA LYS D 53 5.38 0.12 50.25
C LYS D 53 4.40 -1.03 50.45
N GLY D 54 4.94 -2.25 50.54
CA GLY D 54 4.15 -3.41 50.90
C GLY D 54 3.34 -4.05 49.78
N LYS D 55 3.18 -3.40 48.64
CA LYS D 55 2.45 -3.96 47.51
C LYS D 55 3.41 -4.63 46.53
N GLY D 56 2.99 -5.78 46.00
CA GLY D 56 3.80 -6.47 45.00
C GLY D 56 3.77 -5.74 43.67
N ILE D 57 4.92 -5.77 42.98
CA ILE D 57 5.05 -5.20 41.64
C ILE D 57 6.20 -5.90 40.95
N SER D 58 6.15 -5.96 39.63
CA SER D 58 7.21 -6.57 38.84
C SER D 58 7.85 -5.55 37.90
N LEU D 59 9.04 -5.92 37.42
CA LEU D 59 9.78 -5.17 36.43
C LEU D 59 10.18 -6.13 35.32
N MET D 60 10.37 -5.60 34.12
CA MET D 60 10.74 -6.45 32.99
C MET D 60 11.32 -5.61 31.87
N GLY D 61 12.51 -5.97 31.42
CA GLY D 61 13.04 -5.37 30.21
C GLY D 61 12.41 -5.99 28.98
N HIS D 62 12.41 -5.21 27.87
CA HIS D 62 11.81 -5.71 26.64
C HIS D 62 12.61 -5.34 25.40
N GLY D 63 13.84 -4.84 25.54
CA GLY D 63 14.63 -4.57 24.36
C GLY D 63 14.07 -3.42 23.52
N MET D 64 14.67 -3.25 22.35
CA MET D 64 14.39 -2.09 21.51
C MET D 64 13.57 -2.51 20.30
N GLY D 65 12.55 -1.71 20.00
CA GLY D 65 11.76 -1.86 18.81
C GLY D 65 10.50 -2.66 19.05
N ILE D 66 9.56 -2.50 18.11
CA ILE D 66 8.21 -3.08 18.23
C ILE D 66 8.27 -4.61 18.28
N ALA D 67 9.10 -5.22 17.43
CA ALA D 67 9.13 -6.68 17.36
C ALA D 67 9.59 -7.30 18.68
N SER D 68 10.64 -6.74 19.28
CA SER D 68 11.13 -7.24 20.56
C SER D 68 10.10 -6.99 21.67
N CYS D 69 9.56 -5.76 21.75
CA CYS D 69 8.56 -5.45 22.77
C CYS D 69 7.38 -6.41 22.70
N THR D 70 6.93 -6.74 21.50
CA THR D 70 5.76 -7.61 21.32
C THR D 70 6.02 -9.00 21.87
N ILE D 71 7.23 -9.53 21.64
CA ILE D 71 7.59 -10.86 22.13
C ILE D 71 7.44 -10.94 23.65
N TYR D 72 8.12 -10.03 24.36
CA TYR D 72 8.06 -10.06 25.83
C TYR D 72 6.66 -9.76 26.35
N VAL D 73 5.97 -8.79 25.74
CA VAL D 73 4.65 -8.42 26.23
C VAL D 73 3.65 -9.54 25.93
N THR D 74 3.78 -10.22 24.80
CA THR D 74 2.88 -11.33 24.52
C THR D 74 3.07 -12.43 25.56
N GLU D 75 4.32 -12.77 25.86
CA GLU D 75 4.59 -13.87 26.79
C GLU D 75 4.24 -13.50 28.23
N LEU D 76 4.42 -12.23 28.61
CA LEU D 76 4.01 -11.78 29.94
C LEU D 76 2.50 -12.00 30.16
N ILE D 77 1.69 -11.52 29.21
CA ILE D 77 0.24 -11.64 29.31
C ILE D 77 -0.21 -13.10 29.20
N LYS D 78 0.29 -13.82 28.19
CA LYS D 78 -0.28 -15.14 27.88
C LYS D 78 0.20 -16.21 28.86
N THR D 79 1.48 -16.19 29.25
CA THR D 79 2.06 -17.23 30.11
C THR D 79 2.11 -16.84 31.58
N TYR D 80 2.32 -15.56 31.90
CA TYR D 80 2.52 -15.15 33.28
C TYR D 80 1.36 -14.31 33.82
N GLN D 81 0.22 -14.28 33.12
CA GLN D 81 -1.02 -13.67 33.60
C GLN D 81 -0.84 -12.21 34.03
N VAL D 82 0.09 -11.49 33.40
CA VAL D 82 0.23 -10.07 33.72
C VAL D 82 -1.00 -9.34 33.24
N LYS D 83 -1.49 -8.38 34.04
CA LYS D 83 -2.75 -7.71 33.77
C LYS D 83 -2.60 -6.24 33.47
N GLU D 84 -1.63 -5.58 34.08
CA GLU D 84 -1.40 -4.16 33.87
C GLU D 84 0.05 -4.02 33.48
N LEU D 85 0.30 -3.43 32.31
CA LEU D 85 1.66 -3.23 31.83
C LEU D 85 1.89 -1.73 31.73
N LEU D 86 2.91 -1.26 32.41
CA LEU D 86 3.25 0.16 32.44
C LEU D 86 4.67 0.33 31.94
N ARG D 87 4.79 0.93 30.76
CA ARG D 87 6.08 1.15 30.12
C ARG D 87 6.58 2.54 30.48
N ILE D 88 7.82 2.62 30.97
CA ILE D 88 8.47 3.90 31.18
C ILE D 88 9.77 3.90 30.40
N GLY D 89 10.17 5.08 29.94
CA GLY D 89 11.42 5.22 29.20
C GLY D 89 11.61 6.65 28.72
N THR D 90 12.70 6.84 27.98
CA THR D 90 12.99 8.14 27.39
C THR D 90 12.41 8.22 25.97
N CYS D 91 12.51 9.40 25.39
CA CYS D 91 11.92 9.69 24.10
C CYS D 91 12.45 11.02 23.60
N GLY D 92 12.43 11.19 22.29
CA GLY D 92 12.92 12.40 21.66
C GLY D 92 11.76 13.34 21.36
N ALA D 93 11.79 14.49 22.00
CA ALA D 93 10.72 15.47 21.81
C ALA D 93 10.78 16.07 20.42
N ILE D 94 9.61 16.43 19.88
CA ILE D 94 9.54 17.03 18.56
C ILE D 94 8.59 18.21 18.60
N SER D 95 7.93 18.40 19.73
CA SER D 95 6.89 19.41 19.88
C SER D 95 7.39 20.60 20.68
N PRO D 96 7.07 21.84 20.27
CA PRO D 96 7.40 23.00 21.12
C PRO D 96 6.65 23.00 22.44
N LYS D 97 5.60 22.18 22.58
CA LYS D 97 4.79 22.11 23.80
C LYS D 97 5.48 21.34 24.91
N VAL D 98 6.69 20.81 24.69
CA VAL D 98 7.43 20.06 25.68
C VAL D 98 8.88 20.49 25.64
N GLY D 99 9.56 20.24 26.76
CA GLY D 99 11.01 20.38 26.85
C GLY D 99 11.59 19.32 27.75
N LEU D 100 12.86 19.50 28.12
CA LEU D 100 13.53 18.54 29.00
C LEU D 100 12.86 18.47 30.37
N LYS D 101 12.92 17.28 30.97
CA LYS D 101 12.32 16.93 32.27
C LYS D 101 10.83 16.57 32.17
N ASP D 102 10.15 17.00 31.11
CA ASP D 102 8.72 16.76 30.99
C ASP D 102 8.42 15.27 30.89
N ILE D 103 7.35 14.83 31.54
CA ILE D 103 6.86 13.45 31.47
C ILE D 103 5.61 13.44 30.60
N ILE D 104 5.58 12.56 29.59
CA ILE D 104 4.54 12.53 28.57
C ILE D 104 3.73 11.25 28.75
N MET D 105 2.41 11.38 28.77
CA MET D 105 1.51 10.23 28.79
C MET D 105 0.99 10.02 27.38
N ALA D 106 1.19 8.83 26.82
CA ALA D 106 0.92 8.59 25.40
C ALA D 106 -0.50 8.09 25.23
N THR D 107 -1.41 9.00 24.89
CA THR D 107 -2.81 8.62 24.68
C THR D 107 -3.05 7.95 23.32
N GLY D 108 -2.01 7.85 22.49
CA GLY D 108 -2.08 7.18 21.21
C GLY D 108 -0.67 7.03 20.69
N ALA D 109 -0.41 5.98 19.92
CA ALA D 109 0.93 5.76 19.34
C ALA D 109 0.80 5.49 17.83
N SER D 110 1.12 6.51 17.03
CA SER D 110 1.22 6.33 15.59
C SER D 110 2.45 5.47 15.27
N THR D 111 2.64 5.12 13.99
CA THR D 111 3.80 4.28 13.68
C THR D 111 4.06 4.25 12.18
N ASP D 112 5.34 4.01 11.84
CA ASP D 112 5.77 3.71 10.48
C ASP D 112 5.97 2.22 10.25
N SER D 113 5.66 1.40 11.25
CA SER D 113 5.70 -0.05 11.15
C SER D 113 4.57 -0.56 10.26
N LYS D 114 4.74 -1.77 9.71
CA LYS D 114 3.63 -2.44 9.06
C LYS D 114 2.93 -3.43 9.98
N THR D 115 3.35 -3.52 11.25
CA THR D 115 2.83 -4.60 12.10
C THR D 115 1.33 -4.47 12.33
N ASN D 116 0.83 -3.26 12.51
CA ASN D 116 -0.59 -3.15 12.81
C ASN D 116 -1.45 -3.37 11.57
N ARG D 117 -0.97 -2.97 10.39
CA ARG D 117 -1.68 -3.33 9.16
C ARG D 117 -1.74 -4.84 8.98
N VAL D 118 -0.65 -5.54 9.26
CA VAL D 118 -0.67 -7.00 9.19
C VAL D 118 -1.68 -7.58 10.17
N ARG D 119 -1.68 -7.06 11.40
CA ARG D 119 -2.60 -7.56 12.43
C ARG D 119 -4.04 -7.25 12.09
N PHE D 120 -4.28 -6.12 11.43
CA PHE D 120 -5.58 -5.47 11.43
C PHE D 120 -5.98 -5.10 10.00
N LEU D 121 -6.15 -6.13 9.17
CA LEU D 121 -6.93 -6.06 7.94
C LEU D 121 -6.33 -5.12 6.91
N ASN D 122 -5.07 -4.74 7.10
CA ASN D 122 -4.42 -3.69 6.31
C ASN D 122 -5.15 -2.37 6.40
N HIS D 123 -5.88 -2.14 7.49
CA HIS D 123 -6.51 -0.86 7.74
C HIS D 123 -5.69 -0.10 8.77
N ASP D 124 -6.22 1.02 9.27
CA ASP D 124 -5.55 1.86 10.24
C ASP D 124 -6.02 1.45 11.63
N LEU D 125 -5.16 0.74 12.35
CA LEU D 125 -5.41 0.45 13.75
C LEU D 125 -5.03 1.67 14.59
N SER D 126 -5.97 2.20 15.35
CA SER D 126 -5.65 3.32 16.24
C SER D 126 -5.15 2.74 17.56
N ALA D 127 -3.84 2.76 17.74
CA ALA D 127 -3.17 2.09 18.86
C ALA D 127 -3.23 2.99 20.08
N THR D 128 -3.87 2.51 21.15
CA THR D 128 -4.26 3.34 22.28
C THR D 128 -4.10 2.58 23.58
N PRO D 129 -3.90 3.29 24.69
CA PRO D 129 -3.79 2.64 25.99
C PRO D 129 -5.16 2.39 26.62
N ASP D 130 -5.15 1.56 27.66
CA ASP D 130 -6.34 1.35 28.49
C ASP D 130 -6.71 2.63 29.23
N PHE D 131 -8.00 2.96 29.23
CA PHE D 131 -8.40 4.25 29.78
C PHE D 131 -8.19 4.32 31.29
N GLU D 132 -8.64 3.29 32.01
CA GLU D 132 -8.51 3.30 33.47
C GLU D 132 -7.07 3.56 33.89
N LEU D 133 -6.11 2.93 33.21
CA LEU D 133 -4.72 3.15 33.52
C LEU D 133 -4.33 4.61 33.30
N SER D 134 -4.68 5.15 32.13
CA SER D 134 -4.35 6.55 31.84
C SER D 134 -4.97 7.47 32.88
N LEU D 135 -6.13 7.12 33.43
CA LEU D 135 -6.73 7.94 34.46
C LEU D 135 -5.89 7.91 35.74
N ARG D 136 -5.50 6.71 36.17
CA ARG D 136 -4.60 6.59 37.31
C ARG D 136 -3.36 7.45 37.15
N ALA D 137 -2.76 7.43 35.96
CA ALA D 137 -1.55 8.21 35.73
C ALA D 137 -1.83 9.70 35.88
N TYR D 138 -2.99 10.16 35.40
CA TYR D 138 -3.37 11.56 35.50
C TYR D 138 -3.60 11.96 36.96
N GLN D 139 -4.27 11.10 37.74
CA GLN D 139 -4.59 11.43 39.12
C GLN D 139 -3.37 11.34 40.01
N THR D 140 -2.55 10.32 39.82
CA THR D 140 -1.31 10.18 40.57
C THR D 140 -0.40 11.39 40.33
N ALA D 141 -0.24 11.79 39.07
CA ALA D 141 0.59 12.95 38.76
C ALA D 141 -0.01 14.24 39.31
N LYS D 142 -1.33 14.30 39.46
CA LYS D 142 -1.92 15.47 40.11
C LYS D 142 -1.66 15.45 41.60
N ARG D 143 -1.85 14.29 42.23
CA ARG D 143 -1.55 14.12 43.64
C ARG D 143 -0.07 14.38 43.93
N LEU D 144 0.82 14.02 43.01
CA LEU D 144 2.25 14.16 43.24
C LEU D 144 2.83 15.49 42.79
N GLY D 145 2.03 16.39 42.23
CA GLY D 145 2.54 17.66 41.75
C GLY D 145 3.32 17.63 40.45
N ILE D 146 3.09 16.63 39.60
CA ILE D 146 3.80 16.50 38.32
C ILE D 146 2.89 17.00 37.20
N ASP D 147 3.41 17.95 36.41
CA ASP D 147 2.66 18.58 35.31
C ASP D 147 2.71 17.65 34.11
N LEU D 148 1.81 16.66 34.12
CA LEU D 148 1.81 15.62 33.09
C LEU D 148 1.46 16.23 31.73
N LYS D 149 2.34 16.04 30.74
CA LYS D 149 2.03 16.39 29.36
C LYS D 149 1.39 15.18 28.69
N ILE D 150 0.34 15.44 27.90
CA ILE D 150 -0.51 14.37 27.37
C ILE D 150 -0.67 14.55 25.87
N GLY D 151 -0.50 13.48 25.10
CA GLY D 151 -0.54 13.56 23.66
C GLY D 151 -0.24 12.23 22.99
N ASN D 152 -0.01 12.29 21.69
CA ASN D 152 0.40 11.11 20.93
C ASN D 152 1.91 10.99 20.95
N VAL D 153 2.38 9.76 20.81
CA VAL D 153 3.75 9.51 20.37
C VAL D 153 3.70 8.82 19.01
N PHE D 154 4.83 8.88 18.32
CA PHE D 154 5.08 8.17 17.07
C PHE D 154 6.11 7.11 17.37
N SER D 155 5.73 5.84 17.17
CA SER D 155 6.64 4.70 17.33
C SER D 155 7.32 4.39 15.99
N SER D 156 8.63 4.54 15.93
CA SER D 156 9.32 4.32 14.66
C SER D 156 10.11 3.02 14.70
N ASP D 157 10.20 2.35 13.56
CA ASP D 157 11.19 1.30 13.38
C ASP D 157 12.62 1.83 13.29
N PHE D 158 12.81 3.14 13.13
CA PHE D 158 14.14 3.70 12.89
C PHE D 158 14.55 4.56 14.07
N PHE D 159 15.68 4.21 14.68
CA PHE D 159 16.34 5.16 15.58
C PHE D 159 17.06 6.23 14.78
N TYR D 160 17.67 5.84 13.65
CA TYR D 160 18.38 6.76 12.76
C TYR D 160 17.43 7.00 11.59
N SER D 161 16.64 8.05 11.71
CA SER D 161 15.48 8.25 10.84
C SER D 161 15.91 8.64 9.42
N PHE D 162 15.12 8.19 8.45
CA PHE D 162 15.22 8.69 7.09
C PHE D 162 14.17 9.74 6.79
N GLU D 163 13.47 10.23 7.82
CA GLU D 163 12.31 11.10 7.61
C GLU D 163 12.29 12.24 8.62
N THR D 164 13.46 12.78 8.97
CA THR D 164 13.49 13.87 9.95
C THR D 164 12.80 15.13 9.44
N HIS D 165 12.71 15.30 8.12
CA HIS D 165 11.93 16.38 7.52
C HIS D 165 10.46 16.32 7.92
N ALA D 166 10.00 15.21 8.49
CA ALA D 166 8.60 15.03 8.79
C ALA D 166 8.25 15.31 10.25
N PHE D 167 9.24 15.59 11.10
CA PHE D 167 8.95 15.78 12.51
C PHE D 167 8.04 16.97 12.75
N ASP D 168 8.13 17.99 11.89
CA ASP D 168 7.27 19.14 12.04
C ASP D 168 5.79 18.78 11.79
N LEU D 169 5.53 17.94 10.80
CA LEU D 169 4.15 17.49 10.57
C LEU D 169 3.64 16.64 11.71
N MET D 170 4.47 15.73 12.22
CA MET D 170 4.09 14.92 13.37
C MET D 170 3.67 15.80 14.54
N ALA D 171 4.49 16.81 14.85
CA ALA D 171 4.20 17.74 15.95
C ALA D 171 2.88 18.44 15.75
N GLN D 172 2.60 18.88 14.51
CA GLN D 172 1.32 19.52 14.24
C GLN D 172 0.15 18.61 14.57
N TYR D 173 0.25 17.32 14.26
CA TYR D 173 -0.83 16.38 14.60
C TYR D 173 -0.76 15.86 16.02
N ASN D 174 -0.25 16.69 16.94
CA ASN D 174 -0.24 16.37 18.38
C ASN D 174 0.62 15.14 18.72
N HIS D 175 1.76 14.99 18.04
CA HIS D 175 2.76 14.02 18.43
C HIS D 175 3.84 14.77 19.18
N LEU D 176 4.00 14.44 20.45
CA LEU D 176 4.88 15.20 21.31
C LEU D 176 6.31 14.68 21.28
N ALA D 177 6.50 13.43 20.88
CA ALA D 177 7.80 12.80 20.95
C ALA D 177 7.79 11.52 20.13
N ILE D 178 9.00 11.01 19.87
CA ILE D 178 9.22 9.78 19.13
C ILE D 178 9.88 8.78 20.07
N GLU D 179 9.43 7.53 19.99
CA GLU D 179 10.15 6.40 20.56
C GLU D 179 9.88 5.21 19.63
N MET D 180 10.10 3.98 20.11
CA MET D 180 10.21 2.87 19.17
C MET D 180 9.43 1.63 19.54
N GLU D 181 8.55 1.68 20.55
CA GLU D 181 7.82 0.48 20.95
C GLU D 181 6.37 0.67 21.33
N ALA D 182 5.90 1.87 21.64
CA ALA D 182 4.59 2.00 22.28
C ALA D 182 3.48 1.49 21.37
N ALA D 183 3.55 1.78 20.07
CA ALA D 183 2.55 1.24 19.15
C ALA D 183 2.45 -0.28 19.25
N GLY D 184 3.56 -0.95 19.53
CA GLY D 184 3.56 -2.40 19.68
C GLY D 184 3.00 -2.86 21.02
N LEU D 185 3.41 -2.16 22.09
CA LEU D 185 2.83 -2.40 23.40
C LEU D 185 1.31 -2.31 23.35
N TYR D 186 0.79 -1.22 22.78
CA TYR D 186 -0.64 -0.98 22.77
C TYR D 186 -1.39 -2.01 21.94
N ALA D 187 -0.89 -2.33 20.74
CA ALA D 187 -1.61 -3.28 19.87
C ALA D 187 -1.61 -4.68 20.46
N THR D 188 -0.50 -5.08 21.09
CA THR D 188 -0.44 -6.39 21.74
C THR D 188 -1.43 -6.47 22.89
N ALA D 189 -1.47 -5.45 23.74
CA ALA D 189 -2.42 -5.46 24.85
C ALA D 189 -3.86 -5.36 24.32
N MET D 190 -4.07 -4.63 23.22
CA MET D 190 -5.37 -4.64 22.58
C MET D 190 -5.70 -6.03 22.05
N GLU D 191 -4.73 -6.68 21.40
CA GLU D 191 -4.95 -8.05 20.91
C GLU D 191 -5.32 -9.00 22.04
N LEU D 192 -4.62 -8.91 23.19
CA LEU D 192 -4.75 -9.90 24.25
C LEU D 192 -5.55 -9.39 25.44
N ASN D 193 -6.37 -8.36 25.25
CA ASN D 193 -7.42 -8.00 26.20
C ASN D 193 -6.83 -7.68 27.58
N ALA D 194 -5.67 -7.04 27.60
CA ALA D 194 -4.98 -6.56 28.79
C ALA D 194 -4.88 -5.04 28.78
N LYS D 195 -4.43 -4.50 29.91
CA LYS D 195 -4.36 -3.07 30.12
C LYS D 195 -2.93 -2.58 30.02
N ALA D 196 -2.73 -1.45 29.36
CA ALA D 196 -1.39 -0.95 29.06
C ALA D 196 -1.35 0.57 28.99
N LEU D 197 -0.17 1.13 29.26
CA LEU D 197 0.06 2.57 29.17
C LEU D 197 1.55 2.79 28.96
N CYS D 198 1.87 3.90 28.32
CA CYS D 198 3.25 4.26 28.01
C CYS D 198 3.54 5.65 28.56
N LEU D 199 4.59 5.75 29.38
CA LEU D 199 5.06 7.03 29.90
C LEU D 199 6.47 7.27 29.39
N CYS D 200 6.75 8.53 29.06
CA CYS D 200 7.99 8.94 28.41
C CYS D 200 8.59 10.14 29.13
N SER D 201 9.87 10.07 29.44
CA SER D 201 10.61 11.22 29.98
C SER D 201 11.41 11.86 28.86
N VAL D 202 11.39 13.18 28.79
CA VAL D 202 12.10 13.89 27.73
C VAL D 202 13.54 14.11 28.17
N SER D 203 14.47 13.53 27.41
CA SER D 203 15.91 13.67 27.62
C SER D 203 16.58 14.50 26.55
N ASP D 204 16.10 14.42 25.31
CA ASP D 204 16.64 15.15 24.18
C ASP D 204 15.49 15.73 23.39
N HIS D 205 15.60 17.00 23.04
CA HIS D 205 14.65 17.62 22.13
C HIS D 205 15.23 17.54 20.72
N LEU D 206 14.55 16.83 19.83
CA LEU D 206 15.10 16.62 18.49
C LEU D 206 15.02 17.86 17.61
N ILE D 207 14.30 18.90 18.02
CA ILE D 207 14.20 20.09 17.17
C ILE D 207 15.25 21.11 17.61
N THR D 208 15.15 21.53 18.87
CA THR D 208 16.11 22.48 19.43
C THR D 208 17.46 21.84 19.75
N LYS D 209 17.51 20.52 19.86
CA LYS D 209 18.72 19.76 20.16
C LYS D 209 19.25 20.03 21.57
N GLU D 210 18.45 20.65 22.45
CA GLU D 210 18.77 20.67 23.86
C GLU D 210 18.88 19.25 24.38
N ALA D 211 19.73 19.06 25.39
CA ALA D 211 19.93 17.75 25.99
C ALA D 211 20.17 17.94 27.48
N LEU D 212 19.68 16.97 28.26
CA LEU D 212 19.92 17.00 29.70
C LEU D 212 21.34 16.49 30.02
N SER D 213 21.92 17.07 31.05
CA SER D 213 23.18 16.51 31.55
C SER D 213 22.89 15.28 32.41
N PRO D 214 23.70 14.21 32.29
CA PRO D 214 23.41 12.95 33.01
C PRO D 214 23.14 13.12 34.50
N LYS D 215 23.56 14.25 35.09
CA LYS D 215 23.17 14.56 36.47
C LYS D 215 21.67 14.85 36.57
N GLU D 216 21.07 15.41 35.51
CA GLU D 216 19.63 15.59 35.44
C GLU D 216 18.91 14.40 34.82
N ARG D 217 19.61 13.62 33.99
CA ARG D 217 18.96 12.47 33.34
C ARG D 217 18.58 11.40 34.36
N ILE D 218 19.44 11.14 35.33
CA ILE D 218 19.05 10.29 36.45
C ILE D 218 18.03 11.02 37.31
N GLU D 219 18.14 12.34 37.42
CA GLU D 219 17.24 13.11 38.26
C GLU D 219 15.81 13.06 37.73
N SER D 220 15.64 13.23 36.42
CA SER D 220 14.31 13.23 35.85
C SER D 220 13.76 11.82 35.71
N PHE D 221 14.61 10.83 35.45
CA PHE D 221 14.13 9.47 35.32
C PHE D 221 13.54 8.97 36.64
N ASP D 222 14.16 9.34 37.77
CA ASP D 222 13.63 8.95 39.07
C ASP D 222 12.22 9.48 39.27
N ASN D 223 12.01 10.76 38.92
CA ASN D 223 10.69 11.35 39.02
C ASN D 223 9.65 10.47 38.34
N MET D 224 9.99 9.94 37.15
CA MET D 224 9.06 9.12 36.38
C MET D 224 8.86 7.76 37.01
N ILE D 225 9.93 7.12 37.49
CA ILE D 225 9.81 5.81 38.14
C ILE D 225 8.87 5.89 39.33
N ILE D 226 8.96 6.98 40.08
CA ILE D 226 8.15 7.13 41.29
C ILE D 226 6.69 7.31 40.93
N LEU D 227 6.41 8.21 39.98
CA LEU D 227 5.07 8.33 39.43
C LEU D 227 4.51 6.97 39.05
N ALA D 228 5.32 6.14 38.39
CA ALA D 228 4.81 4.84 37.94
C ALA D 228 4.62 3.89 39.10
N LEU D 229 5.55 3.86 40.06
CA LEU D 229 5.35 2.99 41.21
C LEU D 229 4.14 3.45 42.03
N GLU D 230 3.98 4.76 42.17
CA GLU D 230 2.84 5.29 42.91
C GLU D 230 1.52 4.84 42.31
N MET D 231 1.38 4.93 40.99
CA MET D 231 0.08 4.58 40.43
C MET D 231 -0.18 3.09 40.47
N MET D 232 0.81 2.26 40.75
CA MET D 232 0.54 0.85 40.97
C MET D 232 0.24 0.53 42.43
N SER D 233 0.38 1.49 43.33
CA SER D 233 0.17 1.26 44.76
C SER D 233 -1.28 0.93 45.04
N MET E 1 -39.00 1.44 3.27
CA MET E 1 -38.12 1.96 4.31
C MET E 1 -36.73 1.41 4.20
N THR E 2 -35.76 2.31 4.23
CA THR E 2 -34.35 2.03 4.46
C THR E 2 -33.92 2.97 5.57
N PRO E 3 -32.72 2.77 6.12
CA PRO E 3 -32.28 3.67 7.21
C PRO E 3 -32.15 5.11 6.77
N HIS E 4 -31.98 5.39 5.48
CA HIS E 4 -31.69 6.75 5.07
C HIS E 4 -32.73 7.36 4.15
N ILE E 5 -33.74 6.59 3.76
CA ILE E 5 -34.82 7.06 2.87
C ILE E 5 -36.14 6.53 3.42
N ASN E 6 -37.13 7.42 3.61
CA ASN E 6 -38.43 7.02 4.13
C ASN E 6 -39.50 7.09 3.06
N ALA E 7 -39.11 6.93 1.81
CA ALA E 7 -40.13 6.92 0.78
C ALA E 7 -40.85 5.58 0.78
N LYS E 8 -42.04 5.60 0.20
CA LYS E 8 -42.75 4.35 -0.06
C LYS E 8 -42.01 3.60 -1.15
N ILE E 9 -42.10 2.28 -1.09
CA ILE E 9 -41.62 1.46 -2.19
C ILE E 9 -42.52 1.73 -3.39
N GLY E 10 -41.92 1.81 -4.57
CA GLY E 10 -42.65 2.30 -5.72
C GLY E 10 -42.69 3.82 -5.87
N ASP E 11 -42.19 4.58 -4.91
CA ASP E 11 -42.25 6.04 -5.04
C ASP E 11 -41.28 6.58 -6.09
N PHE E 12 -40.15 5.92 -6.31
CA PHE E 12 -39.17 6.43 -7.26
C PHE E 12 -39.48 5.94 -8.65
N TYR E 13 -39.32 6.82 -9.65
CA TYR E 13 -39.31 6.38 -11.02
C TYR E 13 -37.96 5.72 -11.30
N PRO E 14 -37.86 4.92 -12.37
CA PRO E 14 -36.59 4.22 -12.64
C PRO E 14 -35.44 5.14 -13.08
N GLN E 15 -35.71 6.40 -13.37
CA GLN E 15 -34.67 7.37 -13.71
C GLN E 15 -34.62 8.40 -12.60
N CYS E 16 -33.43 8.62 -12.03
CA CYS E 16 -33.26 9.54 -10.91
C CYS E 16 -32.10 10.49 -11.19
N LEU E 17 -32.34 11.79 -11.02
CA LEU E 17 -31.29 12.79 -10.94
C LEU E 17 -30.81 12.91 -9.50
N LEU E 18 -29.51 13.19 -9.33
CA LEU E 18 -28.91 13.30 -8.01
C LEU E 18 -28.16 14.63 -7.87
N CYS E 19 -28.25 15.24 -6.69
CA CYS E 19 -27.38 16.34 -6.31
C CYS E 19 -26.91 16.11 -4.89
N GLY E 20 -25.69 16.57 -4.57
CA GLY E 20 -25.25 16.52 -3.19
C GLY E 20 -26.06 17.42 -2.28
N ASP E 21 -26.52 18.56 -2.78
CA ASP E 21 -27.25 19.55 -2.01
C ASP E 21 -28.75 19.29 -2.10
N PRO E 22 -29.42 18.88 -1.03
CA PRO E 22 -30.88 18.69 -1.12
C PRO E 22 -31.65 19.95 -1.46
N LEU E 23 -31.12 21.13 -1.14
CA LEU E 23 -31.78 22.37 -1.55
C LEU E 23 -31.66 22.56 -3.07
N ARG E 24 -30.64 22.01 -3.70
CA ARG E 24 -30.64 21.99 -5.16
C ARG E 24 -31.72 21.06 -5.70
N VAL E 25 -31.95 19.93 -5.04
CA VAL E 25 -33.02 19.02 -5.45
C VAL E 25 -34.38 19.71 -5.33
N SER E 26 -34.60 20.44 -4.23
CA SER E 26 -35.84 21.18 -4.07
C SER E 26 -36.02 22.21 -5.18
N TYR E 27 -34.95 22.94 -5.48
CA TYR E 27 -35.01 23.98 -6.52
C TYR E 27 -35.44 23.39 -7.86
N ILE E 28 -34.89 22.23 -8.23
CA ILE E 28 -35.27 21.61 -9.50
C ILE E 28 -36.71 21.16 -9.48
N ALA E 29 -37.15 20.55 -8.36
CA ALA E 29 -38.53 20.11 -8.24
C ALA E 29 -39.50 21.25 -8.49
N LYS E 30 -39.24 22.40 -7.87
CA LYS E 30 -40.26 23.45 -7.91
C LYS E 30 -40.24 24.20 -9.23
N LYS E 31 -39.10 24.25 -9.92
CA LYS E 31 -38.97 25.06 -11.12
C LYS E 31 -39.17 24.29 -12.42
N PHE E 32 -38.80 23.02 -12.50
CA PHE E 32 -38.80 22.29 -13.76
C PHE E 32 -39.73 21.10 -13.80
N LEU E 33 -40.29 20.66 -12.69
CA LEU E 33 -41.11 19.46 -12.67
C LEU E 33 -42.60 19.78 -12.51
N GLN E 34 -43.42 18.91 -13.08
CA GLN E 34 -44.87 18.99 -13.00
C GLN E 34 -45.35 18.12 -11.84
N ASP E 35 -46.19 18.70 -10.98
CA ASP E 35 -46.89 17.94 -9.94
C ASP E 35 -45.92 17.19 -9.05
N ALA E 36 -44.85 17.88 -8.65
CA ALA E 36 -43.79 17.26 -7.88
C ALA E 36 -44.24 17.07 -6.44
N LYS E 37 -44.01 15.88 -5.89
CA LYS E 37 -44.21 15.67 -4.47
C LYS E 37 -42.92 15.25 -3.79
N GLU E 38 -42.79 15.66 -2.53
CA GLU E 38 -41.69 15.17 -1.71
C GLU E 38 -41.98 13.73 -1.27
N ILE E 39 -41.03 12.82 -1.52
CA ILE E 39 -41.21 11.42 -1.19
C ILE E 39 -40.32 10.95 -0.05
N THR E 40 -39.27 11.70 0.30
CA THR E 40 -38.41 11.31 1.40
C THR E 40 -37.76 12.55 2.00
N ASN E 41 -37.43 12.45 3.30
CA ASN E 41 -36.78 13.60 3.95
C ASN E 41 -35.94 13.21 5.16
N VAL E 42 -35.46 11.96 5.25
CA VAL E 42 -34.61 11.56 6.37
C VAL E 42 -33.37 12.44 6.41
N ARG E 43 -32.96 12.83 7.62
CA ARG E 43 -31.77 13.63 7.82
C ARG E 43 -31.78 14.90 6.98
N ASN E 44 -32.99 15.40 6.67
CA ASN E 44 -33.20 16.60 5.86
C ASN E 44 -32.72 16.43 4.42
N MET E 45 -32.47 15.20 4.02
CA MET E 45 -31.97 14.92 2.67
C MET E 45 -33.17 14.63 1.78
N LEU E 46 -33.57 15.64 1.01
CA LEU E 46 -34.84 15.63 0.32
C LEU E 46 -34.80 14.77 -0.94
N GLY E 47 -35.89 14.07 -1.19
CA GLY E 47 -36.11 13.44 -2.47
C GLY E 47 -37.51 13.75 -2.97
N PHE E 48 -37.68 13.67 -4.29
CA PHE E 48 -38.89 14.11 -4.97
C PHE E 48 -39.21 13.19 -6.12
N SER E 49 -40.50 13.05 -6.40
CA SER E 49 -40.96 12.49 -7.66
C SER E 49 -41.93 13.45 -8.33
N GLY E 50 -41.92 13.41 -9.66
CA GLY E 50 -42.79 14.24 -10.46
C GLY E 50 -42.60 13.87 -11.92
N LYS E 51 -43.06 14.77 -12.80
CA LYS E 51 -42.95 14.58 -14.23
C LYS E 51 -42.20 15.74 -14.87
N TYR E 52 -41.49 15.44 -15.94
CA TYR E 52 -40.86 16.44 -16.79
C TYR E 52 -41.48 16.30 -18.16
N LYS E 53 -42.27 17.32 -18.56
CA LYS E 53 -43.00 17.33 -19.83
C LYS E 53 -43.75 16.02 -20.05
N GLY E 54 -44.46 15.58 -19.01
CA GLY E 54 -45.28 14.40 -19.10
C GLY E 54 -44.62 13.09 -18.65
N LYS E 55 -43.30 13.04 -18.53
CA LYS E 55 -42.64 11.78 -18.21
C LYS E 55 -42.09 11.78 -16.80
N GLY E 56 -42.32 10.68 -16.09
CA GLY E 56 -41.93 10.58 -14.70
C GLY E 56 -40.42 10.63 -14.50
N ILE E 57 -40.01 11.25 -13.40
CA ILE E 57 -38.60 11.29 -13.04
C ILE E 57 -38.50 11.59 -11.55
N SER E 58 -37.41 11.15 -10.95
CA SER E 58 -37.18 11.36 -9.54
C SER E 58 -35.91 12.19 -9.32
N LEU E 59 -35.85 12.84 -8.16
CA LEU E 59 -34.70 13.62 -7.73
C LEU E 59 -34.30 13.17 -6.34
N MET E 60 -33.00 13.12 -6.07
CA MET E 60 -32.56 12.70 -4.74
C MET E 60 -31.25 13.37 -4.35
N GLY E 61 -31.20 13.86 -3.12
CA GLY E 61 -29.95 14.35 -2.58
C GLY E 61 -29.14 13.20 -2.00
N HIS E 62 -27.81 13.38 -1.96
CA HIS E 62 -26.95 12.32 -1.44
C HIS E 62 -25.79 12.84 -0.59
N GLY E 63 -25.83 14.10 -0.17
CA GLY E 63 -24.80 14.64 0.69
C GLY E 63 -23.46 14.75 -0.02
N MET E 64 -22.41 14.94 0.78
CA MET E 64 -21.07 15.18 0.26
C MET E 64 -20.15 14.01 0.60
N GLY E 65 -19.18 13.77 -0.28
CA GLY E 65 -18.21 12.69 -0.10
C GLY E 65 -18.68 11.33 -0.59
N ILE E 66 -17.72 10.46 -0.93
CA ILE E 66 -18.00 9.15 -1.51
C ILE E 66 -18.87 8.30 -0.58
N ALA E 67 -18.54 8.28 0.71
CA ALA E 67 -19.28 7.48 1.68
C ALA E 67 -20.76 7.87 1.71
N SER E 68 -21.05 9.16 1.71
CA SER E 68 -22.46 9.57 1.75
C SER E 68 -23.15 9.27 0.42
N CYS E 69 -22.52 9.64 -0.70
CA CYS E 69 -23.11 9.31 -1.99
C CYS E 69 -23.43 7.81 -2.06
N THR E 70 -22.47 6.96 -1.64
CA THR E 70 -22.62 5.52 -1.75
C THR E 70 -23.82 4.99 -0.94
N ILE E 71 -24.03 5.51 0.27
CA ILE E 71 -25.19 5.08 1.06
C ILE E 71 -26.48 5.27 0.27
N TYR E 72 -26.71 6.48 -0.21
CA TYR E 72 -27.96 6.79 -0.87
C TYR E 72 -28.13 6.01 -2.16
N VAL E 73 -27.07 5.92 -3.00
CA VAL E 73 -27.33 5.28 -4.28
C VAL E 73 -27.50 3.77 -4.10
N THR E 74 -26.78 3.17 -3.14
CA THR E 74 -27.04 1.77 -2.80
C THR E 74 -28.53 1.56 -2.50
N GLU E 75 -29.09 2.40 -1.63
CA GLU E 75 -30.49 2.21 -1.25
C GLU E 75 -31.42 2.50 -2.42
N LEU E 76 -31.07 3.46 -3.28
CA LEU E 76 -31.91 3.76 -4.45
C LEU E 76 -32.04 2.54 -5.37
N ILE E 77 -30.94 1.81 -5.57
CA ILE E 77 -30.92 0.70 -6.52
C ILE E 77 -31.52 -0.55 -5.91
N LYS E 78 -31.03 -0.93 -4.72
CA LYS E 78 -31.45 -2.21 -4.13
C LYS E 78 -32.86 -2.15 -3.57
N THR E 79 -33.22 -1.07 -2.89
CA THR E 79 -34.59 -1.02 -2.36
C THR E 79 -35.56 -0.41 -3.36
N TYR E 80 -35.27 0.78 -3.88
CA TYR E 80 -36.26 1.52 -4.66
C TYR E 80 -36.17 1.27 -6.16
N GLN E 81 -35.32 0.32 -6.58
CA GLN E 81 -35.31 -0.19 -7.96
C GLN E 81 -35.00 0.88 -8.98
N VAL E 82 -34.26 1.92 -8.58
CA VAL E 82 -33.80 2.93 -9.52
C VAL E 82 -32.79 2.29 -10.47
N LYS E 83 -32.96 2.55 -11.77
CA LYS E 83 -32.15 1.90 -12.82
C LYS E 83 -31.14 2.81 -13.51
N GLU E 84 -31.43 4.12 -13.65
CA GLU E 84 -30.50 5.09 -14.25
C GLU E 84 -30.33 6.24 -13.28
N LEU E 85 -29.06 6.54 -12.94
CA LEU E 85 -28.73 7.57 -11.98
C LEU E 85 -27.83 8.60 -12.65
N LEU E 86 -28.29 9.84 -12.71
CA LEU E 86 -27.60 10.93 -13.41
C LEU E 86 -27.30 12.03 -12.42
N ARG E 87 -26.04 12.22 -12.12
CA ARG E 87 -25.62 13.12 -11.07
C ARG E 87 -25.16 14.46 -11.64
N ILE E 88 -25.75 15.54 -11.15
CA ILE E 88 -25.40 16.87 -11.63
C ILE E 88 -24.92 17.72 -10.46
N GLY E 89 -23.93 18.55 -10.72
CA GLY E 89 -23.36 19.34 -9.65
C GLY E 89 -22.26 20.21 -10.18
N THR E 90 -21.65 20.93 -9.25
CA THR E 90 -20.55 21.82 -9.55
C THR E 90 -19.23 21.12 -9.26
N CYS E 91 -18.18 21.65 -9.85
CA CYS E 91 -16.84 21.16 -9.57
C CYS E 91 -15.92 22.37 -9.64
N GLY E 92 -14.66 22.15 -9.18
CA GLY E 92 -13.62 23.11 -9.38
C GLY E 92 -12.70 22.65 -10.50
N ALA E 93 -12.66 23.45 -11.58
CA ALA E 93 -11.82 23.15 -12.73
C ALA E 93 -10.33 23.22 -12.38
N ILE E 94 -9.53 22.33 -12.98
CA ILE E 94 -8.08 22.31 -12.77
C ILE E 94 -7.35 22.31 -14.10
N SER E 95 -8.07 22.20 -15.18
CA SER E 95 -7.41 22.14 -16.47
C SER E 95 -7.64 23.42 -17.25
N PRO E 96 -6.64 23.90 -17.98
CA PRO E 96 -6.83 25.10 -18.81
C PRO E 96 -7.78 24.85 -19.97
N LYS E 97 -8.21 23.60 -20.21
CA LYS E 97 -9.12 23.25 -21.29
C LYS E 97 -10.58 23.54 -20.96
N VAL E 98 -10.91 23.96 -19.73
CA VAL E 98 -12.29 24.23 -19.38
C VAL E 98 -12.36 25.56 -18.64
N GLY E 99 -13.49 26.24 -18.80
CA GLY E 99 -13.71 27.50 -18.10
C GLY E 99 -15.05 27.52 -17.39
N LEU E 100 -15.41 28.67 -16.84
CA LEU E 100 -16.69 28.80 -16.15
C LEU E 100 -17.84 28.57 -17.12
N LYS E 101 -18.92 27.98 -16.59
CA LYS E 101 -20.12 27.59 -17.34
C LYS E 101 -19.92 26.33 -18.18
N ASP E 102 -18.67 25.92 -18.43
CA ASP E 102 -18.46 24.66 -19.12
C ASP E 102 -19.13 23.53 -18.35
N ILE E 103 -19.67 22.58 -19.10
CA ILE E 103 -20.29 21.40 -18.53
C ILE E 103 -19.38 20.24 -18.85
N ILE E 104 -19.01 19.47 -17.83
CA ILE E 104 -18.07 18.37 -17.95
C ILE E 104 -18.85 17.08 -17.83
N MET E 105 -18.66 16.18 -18.79
CA MET E 105 -19.09 14.81 -18.68
C MET E 105 -17.90 13.98 -18.25
N ALA E 106 -18.02 13.32 -17.12
CA ALA E 106 -16.93 12.56 -16.51
C ALA E 106 -16.96 11.13 -17.06
N THR E 107 -16.11 10.84 -18.05
CA THR E 107 -15.99 9.48 -18.55
C THR E 107 -15.11 8.62 -17.67
N GLY E 108 -14.52 9.19 -16.62
CA GLY E 108 -13.79 8.43 -15.62
C GLY E 108 -13.64 9.28 -14.39
N ALA E 109 -13.56 8.62 -13.24
CA ALA E 109 -13.45 9.28 -11.94
C ALA E 109 -12.33 8.61 -11.16
N SER E 110 -11.17 9.24 -11.16
CA SER E 110 -10.04 8.89 -10.31
C SER E 110 -10.33 9.31 -8.88
N THR E 111 -9.54 8.78 -7.94
CA THR E 111 -9.84 9.10 -6.56
C THR E 111 -8.61 8.90 -5.70
N ASP E 112 -8.60 9.59 -4.55
CA ASP E 112 -7.66 9.31 -3.48
C ASP E 112 -8.33 8.56 -2.33
N SER E 113 -9.56 8.08 -2.53
CA SER E 113 -10.21 7.24 -1.55
C SER E 113 -9.58 5.85 -1.56
N LYS E 114 -9.74 5.13 -0.47
CA LYS E 114 -9.37 3.72 -0.45
C LYS E 114 -10.54 2.80 -0.77
N THR E 115 -11.75 3.35 -1.00
CA THR E 115 -12.97 2.54 -1.07
C THR E 115 -12.96 1.58 -2.25
N ASN E 116 -12.39 1.97 -3.38
CA ASN E 116 -12.39 1.06 -4.52
C ASN E 116 -11.33 0.00 -4.38
N ARG E 117 -10.24 0.28 -3.65
CA ARG E 117 -9.30 -0.80 -3.33
C ARG E 117 -9.95 -1.83 -2.40
N VAL E 118 -10.70 -1.34 -1.40
CA VAL E 118 -11.44 -2.23 -0.51
C VAL E 118 -12.47 -3.06 -1.28
N ARG E 119 -13.16 -2.44 -2.26
CA ARG E 119 -14.16 -3.18 -3.04
C ARG E 119 -13.54 -4.21 -3.98
N PHE E 120 -12.30 -3.99 -4.41
CA PHE E 120 -11.78 -4.58 -5.63
C PHE E 120 -10.32 -4.97 -5.44
N LEU E 121 -10.09 -5.85 -4.46
CA LEU E 121 -8.92 -6.71 -4.35
C LEU E 121 -7.65 -5.93 -4.14
N ASN E 122 -7.77 -4.69 -3.67
CA ASN E 122 -6.66 -3.77 -3.48
C ASN E 122 -5.91 -3.48 -4.77
N HIS E 123 -6.57 -3.65 -5.92
CA HIS E 123 -6.03 -3.25 -7.22
C HIS E 123 -6.57 -1.87 -7.61
N ASP E 124 -6.42 -1.50 -8.88
CA ASP E 124 -6.95 -0.23 -9.40
C ASP E 124 -8.26 -0.54 -10.09
N LEU E 125 -9.38 -0.06 -9.53
CA LEU E 125 -10.66 -0.09 -10.23
C LEU E 125 -10.76 1.16 -11.08
N SER E 126 -10.99 0.97 -12.38
CA SER E 126 -11.19 2.13 -13.27
C SER E 126 -12.67 2.47 -13.23
N ALA E 127 -13.01 3.49 -12.43
CA ALA E 127 -14.41 3.84 -12.16
C ALA E 127 -14.97 4.63 -13.32
N THR E 128 -15.97 4.07 -14.02
CA THR E 128 -16.49 4.60 -15.27
C THR E 128 -18.01 4.63 -15.28
N PRO E 129 -18.59 5.52 -16.09
CA PRO E 129 -20.04 5.56 -16.26
C PRO E 129 -20.52 4.54 -17.27
N ASP E 130 -21.85 4.40 -17.32
CA ASP E 130 -22.49 3.54 -18.30
C ASP E 130 -22.43 4.17 -19.69
N PHE E 131 -21.94 3.40 -20.68
CA PHE E 131 -21.65 3.99 -21.98
C PHE E 131 -22.89 4.55 -22.65
N GLU E 132 -24.01 3.84 -22.56
CA GLU E 132 -25.21 4.31 -23.24
C GLU E 132 -25.65 5.67 -22.69
N LEU E 133 -25.56 5.84 -21.36
CA LEU E 133 -25.91 7.10 -20.75
C LEU E 133 -25.02 8.24 -21.24
N SER E 134 -23.72 7.98 -21.37
CA SER E 134 -22.84 9.03 -21.83
C SER E 134 -23.11 9.34 -23.31
N LEU E 135 -23.53 8.34 -24.07
CA LEU E 135 -23.98 8.58 -25.44
C LEU E 135 -25.22 9.47 -25.47
N ARG E 136 -26.21 9.14 -24.65
CA ARG E 136 -27.42 9.95 -24.60
C ARG E 136 -27.11 11.40 -24.21
N ALA E 137 -26.20 11.59 -23.25
CA ALA E 137 -25.82 12.96 -22.86
C ALA E 137 -25.12 13.68 -24.00
N TYR E 138 -24.22 12.98 -24.70
CA TYR E 138 -23.59 13.57 -25.88
C TYR E 138 -24.63 14.02 -26.90
N GLN E 139 -25.60 13.16 -27.20
CA GLN E 139 -26.55 13.49 -28.25
C GLN E 139 -27.47 14.63 -27.82
N THR E 140 -27.99 14.56 -26.59
CA THR E 140 -28.90 15.60 -26.09
C THR E 140 -28.22 16.97 -26.05
N ALA E 141 -26.96 17.00 -25.60
CA ALA E 141 -26.20 18.25 -25.63
C ALA E 141 -26.15 18.83 -27.02
N LYS E 142 -25.85 17.98 -28.02
CA LYS E 142 -25.78 18.44 -29.41
C LYS E 142 -27.09 19.07 -29.84
N ARG E 143 -28.17 18.31 -29.68
CA ARG E 143 -29.53 18.81 -29.85
C ARG E 143 -29.74 20.19 -29.24
N LEU E 144 -29.28 20.37 -28.01
CA LEU E 144 -29.44 21.63 -27.29
C LEU E 144 -28.34 22.65 -27.59
N GLY E 145 -27.47 22.36 -28.54
CA GLY E 145 -26.34 23.23 -28.81
C GLY E 145 -25.48 23.51 -27.59
N ILE E 146 -25.35 22.54 -26.67
CA ILE E 146 -24.38 22.63 -25.57
C ILE E 146 -23.08 21.99 -26.00
N ASP E 147 -21.97 22.70 -25.81
CA ASP E 147 -20.64 22.16 -26.12
C ASP E 147 -20.11 21.44 -24.89
N LEU E 148 -20.14 20.12 -24.93
CA LEU E 148 -19.82 19.30 -23.76
C LEU E 148 -18.32 19.08 -23.67
N LYS E 149 -17.73 19.43 -22.53
CA LYS E 149 -16.36 19.04 -22.26
C LYS E 149 -16.36 17.64 -21.66
N ILE E 150 -15.40 16.82 -22.07
CA ILE E 150 -15.44 15.40 -21.79
C ILE E 150 -14.06 14.97 -21.31
N GLY E 151 -14.01 14.30 -20.16
CA GLY E 151 -12.74 13.81 -19.63
C GLY E 151 -12.93 13.18 -18.28
N ASN E 152 -11.80 12.97 -17.58
CA ASN E 152 -11.88 12.46 -16.23
C ASN E 152 -12.13 13.59 -15.24
N VAL E 153 -12.64 13.22 -14.08
CA VAL E 153 -12.62 14.07 -12.90
C VAL E 153 -11.87 13.31 -11.82
N PHE E 154 -11.36 14.06 -10.86
CA PHE E 154 -10.74 13.50 -9.68
C PHE E 154 -11.73 13.64 -8.52
N SER E 155 -12.14 12.48 -7.93
CA SER E 155 -13.08 12.43 -6.82
C SER E 155 -12.28 12.33 -5.53
N SER E 156 -12.27 13.39 -4.74
CA SER E 156 -11.39 13.49 -3.59
C SER E 156 -12.18 13.33 -2.30
N ASP E 157 -11.53 12.71 -1.29
CA ASP E 157 -12.06 12.76 0.07
C ASP E 157 -11.87 14.11 0.74
N PHE E 158 -11.18 15.05 0.10
CA PHE E 158 -10.79 16.31 0.72
C PHE E 158 -11.37 17.47 -0.07
N PHE E 159 -12.23 18.26 0.58
CA PHE E 159 -12.55 19.57 0.00
C PHE E 159 -11.39 20.52 0.19
N TYR E 160 -10.83 20.54 1.41
CA TYR E 160 -9.66 21.34 1.75
C TYR E 160 -8.44 20.44 1.55
N SER E 161 -7.91 20.45 0.32
CA SER E 161 -6.91 19.49 -0.11
C SER E 161 -5.55 19.76 0.54
N PHE E 162 -4.76 18.69 0.69
CA PHE E 162 -3.37 18.77 1.13
C PHE E 162 -2.40 18.47 -0.01
N GLU E 163 -2.88 18.47 -1.26
CA GLU E 163 -2.08 18.11 -2.43
C GLU E 163 -2.39 19.05 -3.59
N THR E 164 -2.64 20.33 -3.27
CA THR E 164 -2.85 21.33 -4.31
C THR E 164 -1.68 21.38 -5.29
N HIS E 165 -0.46 21.07 -4.83
CA HIS E 165 0.70 20.97 -5.71
C HIS E 165 0.53 19.92 -6.81
N ALA E 166 -0.38 18.95 -6.61
CA ALA E 166 -0.59 17.89 -7.57
C ALA E 166 -1.63 18.23 -8.62
N PHE E 167 -2.30 19.39 -8.50
CA PHE E 167 -3.40 19.67 -9.41
C PHE E 167 -2.91 19.66 -10.85
N ASP E 168 -1.71 20.18 -11.08
CA ASP E 168 -1.20 20.29 -12.44
C ASP E 168 -0.95 18.91 -13.04
N LEU E 169 -0.41 17.97 -12.26
CA LEU E 169 -0.23 16.61 -12.76
C LEU E 169 -1.57 15.97 -13.08
N MET E 170 -2.58 16.21 -12.24
CA MET E 170 -3.93 15.72 -12.54
C MET E 170 -4.41 16.25 -13.89
N ALA E 171 -4.26 17.57 -14.11
CA ALA E 171 -4.70 18.13 -15.37
C ALA E 171 -3.92 17.54 -16.54
N GLN E 172 -2.66 17.22 -16.33
CA GLN E 172 -1.89 16.63 -17.41
C GLN E 172 -2.49 15.30 -17.84
N TYR E 173 -3.02 14.54 -16.88
CA TYR E 173 -3.65 13.25 -17.15
C TYR E 173 -5.13 13.34 -17.49
N ASN E 174 -5.57 14.47 -18.06
CA ASN E 174 -6.93 14.62 -18.57
C ASN E 174 -8.00 14.59 -17.48
N HIS E 175 -7.67 15.06 -16.27
CA HIS E 175 -8.68 15.36 -15.26
C HIS E 175 -9.07 16.82 -15.41
N LEU E 176 -10.32 17.06 -15.83
CA LEU E 176 -10.80 18.41 -16.11
C LEU E 176 -11.20 19.16 -14.84
N ALA E 177 -11.67 18.46 -13.82
CA ALA E 177 -12.11 19.14 -12.61
C ALA E 177 -12.03 18.18 -11.43
N ILE E 178 -12.21 18.74 -10.24
CA ILE E 178 -12.23 17.97 -9.00
C ILE E 178 -13.61 18.07 -8.39
N GLU E 179 -14.11 16.94 -7.89
CA GLU E 179 -15.29 16.92 -7.04
C GLU E 179 -15.11 15.75 -6.06
N MET E 180 -16.21 15.27 -5.48
CA MET E 180 -16.08 14.45 -4.28
C MET E 180 -16.94 13.18 -4.24
N GLU E 181 -17.66 12.83 -5.29
CA GLU E 181 -18.59 11.70 -5.22
C GLU E 181 -18.55 10.76 -6.42
N ALA E 182 -18.12 11.22 -7.59
CA ALA E 182 -18.32 10.46 -8.82
C ALA E 182 -17.66 9.08 -8.77
N ALA E 183 -16.47 8.97 -8.16
CA ALA E 183 -15.87 7.65 -8.07
C ALA E 183 -16.77 6.69 -7.30
N GLY E 184 -17.53 7.20 -6.33
CA GLY E 184 -18.41 6.34 -5.55
C GLY E 184 -19.70 6.01 -6.26
N LEU E 185 -20.32 7.00 -6.89
CA LEU E 185 -21.45 6.71 -7.76
C LEU E 185 -21.08 5.64 -8.79
N TYR E 186 -19.99 5.87 -9.52
CA TYR E 186 -19.59 4.94 -10.57
C TYR E 186 -19.33 3.54 -10.01
N ALA E 187 -18.54 3.43 -8.93
CA ALA E 187 -18.21 2.09 -8.43
C ALA E 187 -19.45 1.39 -7.85
N THR E 188 -20.32 2.14 -7.15
CA THR E 188 -21.55 1.54 -6.64
C THR E 188 -22.48 1.12 -7.78
N ALA E 189 -22.61 1.96 -8.82
CA ALA E 189 -23.45 1.56 -9.95
C ALA E 189 -22.87 0.33 -10.65
N MET E 190 -21.54 0.22 -10.71
CA MET E 190 -20.90 -0.95 -11.28
C MET E 190 -21.17 -2.17 -10.42
N GLU E 191 -20.97 -2.03 -9.12
CA GLU E 191 -21.26 -3.11 -8.17
C GLU E 191 -22.68 -3.65 -8.34
N LEU E 192 -23.67 -2.75 -8.53
CA LEU E 192 -25.06 -3.17 -8.47
C LEU E 192 -25.74 -3.19 -9.83
N ASN E 193 -24.99 -3.17 -10.92
CA ASN E 193 -25.51 -3.36 -12.28
C ASN E 193 -26.56 -2.29 -12.64
N ALA E 194 -26.33 -1.05 -12.21
CA ALA E 194 -27.14 0.08 -12.63
C ALA E 194 -26.35 0.96 -13.60
N LYS E 195 -27.04 1.91 -14.22
CA LYS E 195 -26.43 2.83 -15.16
C LYS E 195 -26.24 4.19 -14.48
N ALA E 196 -24.99 4.66 -14.41
CA ALA E 196 -24.71 5.95 -13.80
C ALA E 196 -23.98 6.84 -14.79
N LEU E 197 -24.08 8.14 -14.54
CA LEU E 197 -23.34 9.17 -15.25
C LEU E 197 -23.22 10.39 -14.33
N CYS E 198 -22.13 11.12 -14.46
CA CYS E 198 -21.94 12.35 -13.73
C CYS E 198 -21.63 13.50 -14.68
N LEU E 199 -22.37 14.59 -14.52
CA LEU E 199 -22.16 15.86 -15.22
C LEU E 199 -21.76 16.93 -14.23
N CYS E 200 -20.82 17.78 -14.60
CA CYS E 200 -20.26 18.78 -13.69
C CYS E 200 -20.27 20.15 -14.34
N SER E 201 -20.76 21.16 -13.62
CA SER E 201 -20.69 22.56 -14.05
C SER E 201 -19.52 23.28 -13.39
N VAL E 202 -18.75 24.02 -14.18
CA VAL E 202 -17.58 24.72 -13.67
C VAL E 202 -18.05 26.04 -13.08
N SER E 203 -18.14 26.11 -11.75
CA SER E 203 -18.42 27.38 -11.09
C SER E 203 -17.13 28.17 -10.84
N ASP E 204 -16.07 27.48 -10.43
CA ASP E 204 -14.80 28.09 -10.03
C ASP E 204 -13.65 27.38 -10.73
N HIS E 205 -12.58 28.13 -10.98
CA HIS E 205 -11.34 27.55 -11.47
C HIS E 205 -10.34 27.50 -10.33
N LEU E 206 -9.92 26.30 -9.95
CA LEU E 206 -8.98 26.16 -8.84
C LEU E 206 -7.58 26.70 -9.16
N ILE E 207 -7.23 26.87 -10.43
CA ILE E 207 -5.86 27.28 -10.75
C ILE E 207 -5.83 28.80 -10.92
N THR E 208 -6.61 29.30 -11.86
CA THR E 208 -6.60 30.74 -12.14
C THR E 208 -7.58 31.52 -11.27
N LYS E 209 -8.40 30.84 -10.47
CA LYS E 209 -9.28 31.40 -9.45
C LYS E 209 -10.43 32.23 -10.01
N GLU E 210 -10.63 32.22 -11.33
CA GLU E 210 -11.83 32.84 -11.88
C GLU E 210 -13.08 32.24 -11.23
N ALA E 211 -14.15 33.01 -11.24
CA ALA E 211 -15.37 32.59 -10.57
C ALA E 211 -16.56 33.24 -11.25
N LEU E 212 -17.68 32.55 -11.23
CA LEU E 212 -18.93 33.13 -11.71
C LEU E 212 -19.59 33.90 -10.58
N SER E 213 -20.28 34.97 -10.95
CA SER E 213 -21.14 35.68 -10.02
C SER E 213 -22.30 34.79 -9.59
N PRO E 214 -22.62 34.72 -8.27
CA PRO E 214 -23.74 33.85 -7.84
C PRO E 214 -25.04 34.12 -8.59
N LYS E 215 -25.07 35.19 -9.38
CA LYS E 215 -26.13 35.38 -10.38
C LYS E 215 -25.83 34.57 -11.66
N GLU E 216 -24.55 34.39 -12.02
CA GLU E 216 -24.21 33.62 -13.20
C GLU E 216 -24.12 32.12 -12.91
N ARG E 217 -23.99 31.73 -11.64
CA ARG E 217 -24.11 30.33 -11.27
C ARG E 217 -25.51 29.80 -11.50
N ILE E 218 -26.51 30.50 -10.94
CA ILE E 218 -27.89 30.05 -11.05
C ILE E 218 -28.27 29.79 -12.51
N GLU E 219 -27.79 30.65 -13.41
CA GLU E 219 -28.12 30.48 -14.82
C GLU E 219 -27.41 29.26 -15.40
N SER E 220 -26.13 29.06 -15.05
CA SER E 220 -25.35 27.99 -15.67
C SER E 220 -25.76 26.63 -15.13
N PHE E 221 -26.08 26.56 -13.84
CA PHE E 221 -26.61 25.30 -13.31
C PHE E 221 -27.91 24.92 -14.02
N ASP E 222 -28.72 25.92 -14.39
CA ASP E 222 -30.00 25.68 -15.08
C ASP E 222 -29.80 24.98 -16.41
N ASN E 223 -28.83 25.47 -17.20
CA ASN E 223 -28.45 24.81 -18.43
C ASN E 223 -28.16 23.33 -18.20
N MET E 224 -27.38 23.03 -17.16
CA MET E 224 -27.07 21.65 -16.83
C MET E 224 -28.33 20.90 -16.40
N ILE E 225 -29.22 21.57 -15.65
CA ILE E 225 -30.47 20.92 -15.25
C ILE E 225 -31.26 20.50 -16.48
N ILE E 226 -31.39 21.43 -17.44
CA ILE E 226 -32.16 21.15 -18.65
C ILE E 226 -31.52 20.00 -19.41
N LEU E 227 -30.19 19.98 -19.49
CA LEU E 227 -29.49 18.89 -20.18
C LEU E 227 -29.86 17.56 -19.58
N ALA E 228 -29.84 17.47 -18.24
CA ALA E 228 -30.11 16.23 -17.53
C ALA E 228 -31.57 15.80 -17.68
N LEU E 229 -32.51 16.71 -17.44
CA LEU E 229 -33.91 16.37 -17.65
C LEU E 229 -34.15 15.92 -19.09
N GLU E 230 -33.68 16.71 -20.06
CA GLU E 230 -33.93 16.38 -21.45
C GLU E 230 -33.33 15.02 -21.81
N MET E 231 -32.14 14.69 -21.32
CA MET E 231 -31.62 13.39 -21.72
C MET E 231 -32.37 12.24 -21.09
N MET E 232 -33.19 12.47 -20.06
CA MET E 232 -34.08 11.44 -19.57
C MET E 232 -35.41 11.38 -20.33
N SER E 233 -35.63 12.23 -21.33
CA SER E 233 -36.98 12.44 -21.88
C SER E 233 -37.43 11.34 -22.85
N MET F 1 2.25 -25.77 -28.29
CA MET F 1 1.54 -26.35 -27.14
C MET F 1 1.28 -25.35 -25.99
N THR F 2 1.52 -24.07 -26.26
CA THR F 2 1.07 -22.96 -25.42
C THR F 2 0.65 -21.85 -26.37
N PRO F 3 -0.12 -20.87 -25.88
CA PRO F 3 -0.53 -19.77 -26.76
C PRO F 3 0.63 -19.00 -27.37
N HIS F 4 1.83 -19.07 -26.78
CA HIS F 4 2.92 -18.16 -27.17
C HIS F 4 4.15 -18.90 -27.67
N ILE F 5 4.12 -20.23 -27.77
CA ILE F 5 5.25 -21.03 -28.19
C ILE F 5 4.71 -22.20 -29.01
N ASN F 6 5.22 -22.37 -30.24
CA ASN F 6 4.71 -23.43 -31.12
C ASN F 6 5.73 -24.53 -31.35
N ALA F 7 6.68 -24.72 -30.44
CA ALA F 7 7.60 -25.83 -30.57
C ALA F 7 6.90 -27.14 -30.22
N LYS F 8 7.52 -28.23 -30.66
CA LYS F 8 7.09 -29.56 -30.26
C LYS F 8 7.62 -29.89 -28.88
N ILE F 9 6.79 -30.60 -28.10
CA ILE F 9 7.25 -31.08 -26.80
C ILE F 9 8.51 -31.89 -27.00
N GLY F 10 9.55 -31.58 -26.24
CA GLY F 10 10.84 -32.17 -26.41
C GLY F 10 11.82 -31.35 -27.22
N ASP F 11 11.35 -30.36 -28.00
CA ASP F 11 12.27 -29.60 -28.85
C ASP F 11 13.29 -28.83 -28.04
N PHE F 12 12.94 -28.43 -26.80
CA PHE F 12 13.83 -27.63 -25.97
C PHE F 12 14.76 -28.52 -25.17
N TYR F 13 16.02 -28.13 -25.13
CA TYR F 13 16.95 -28.70 -24.20
C TYR F 13 16.65 -28.18 -22.80
N PRO F 14 17.20 -28.80 -21.75
CA PRO F 14 16.88 -28.35 -20.40
C PRO F 14 17.66 -27.14 -19.94
N GLN F 15 18.73 -26.76 -20.66
CA GLN F 15 19.41 -25.48 -20.47
C GLN F 15 18.99 -24.53 -21.58
N CYS F 16 18.49 -23.36 -21.20
CA CYS F 16 18.04 -22.38 -22.19
C CYS F 16 18.59 -21.01 -21.84
N LEU F 17 19.18 -20.35 -22.84
CA LEU F 17 19.70 -19.00 -22.73
C LEU F 17 18.63 -18.02 -23.24
N LEU F 18 18.44 -16.92 -22.50
CA LEU F 18 17.35 -15.99 -22.78
C LEU F 18 17.88 -14.61 -23.10
N CYS F 19 17.22 -13.95 -24.05
CA CYS F 19 17.42 -12.52 -24.33
C CYS F 19 16.06 -11.89 -24.54
N GLY F 20 15.95 -10.59 -24.25
CA GLY F 20 14.72 -9.90 -24.58
C GLY F 20 14.48 -9.85 -26.08
N ASP F 21 15.53 -9.57 -26.84
CA ASP F 21 15.45 -9.26 -28.27
C ASP F 21 15.54 -10.55 -29.08
N PRO F 22 14.48 -10.99 -29.75
CA PRO F 22 14.56 -12.26 -30.49
C PRO F 22 15.59 -12.24 -31.61
N LEU F 23 15.95 -11.06 -32.12
CA LEU F 23 16.97 -10.99 -33.17
C LEU F 23 18.36 -11.22 -32.60
N ARG F 24 18.55 -10.86 -31.33
CA ARG F 24 19.76 -11.29 -30.64
C ARG F 24 19.82 -12.81 -30.53
N VAL F 25 18.66 -13.44 -30.25
CA VAL F 25 18.58 -14.90 -30.18
C VAL F 25 18.89 -15.51 -31.55
N SER F 26 18.39 -14.90 -32.62
CA SER F 26 18.69 -15.36 -33.97
C SER F 26 20.17 -15.25 -34.29
N TYR F 27 20.79 -14.12 -33.91
CA TYR F 27 22.23 -13.92 -34.06
C TYR F 27 23.04 -15.04 -33.40
N ILE F 28 22.88 -15.19 -32.08
CA ILE F 28 23.63 -16.20 -31.32
C ILE F 28 23.54 -17.56 -31.99
N ALA F 29 22.33 -17.94 -32.40
CA ALA F 29 22.13 -19.26 -33.02
C ALA F 29 23.01 -19.43 -34.25
N LYS F 30 22.95 -18.45 -35.17
CA LYS F 30 23.67 -18.57 -36.43
C LYS F 30 25.17 -18.44 -36.26
N LYS F 31 25.62 -17.63 -35.30
CA LYS F 31 27.05 -17.35 -35.19
C LYS F 31 27.77 -18.30 -34.24
N PHE F 32 27.10 -18.81 -33.19
CA PHE F 32 27.78 -19.57 -32.15
C PHE F 32 27.37 -21.03 -32.03
N LEU F 33 26.30 -21.47 -32.68
CA LEU F 33 25.75 -22.81 -32.45
C LEU F 33 25.85 -23.71 -33.68
N GLN F 34 26.00 -25.01 -33.43
CA GLN F 34 25.99 -26.03 -34.47
C GLN F 34 24.58 -26.57 -34.69
N ASP F 35 24.26 -26.88 -35.94
CA ASP F 35 23.01 -27.55 -36.28
C ASP F 35 21.82 -26.82 -35.66
N ALA F 36 21.86 -25.50 -35.66
CA ALA F 36 20.79 -24.72 -35.04
C ALA F 36 19.50 -24.86 -35.83
N LYS F 37 18.42 -25.21 -35.14
CA LYS F 37 17.10 -25.29 -35.71
C LYS F 37 16.19 -24.29 -34.99
N GLU F 38 15.30 -23.67 -35.76
CA GLU F 38 14.28 -22.81 -35.20
C GLU F 38 13.10 -23.66 -34.74
N ILE F 39 12.80 -23.63 -33.44
CA ILE F 39 11.75 -24.47 -32.90
C ILE F 39 10.47 -23.71 -32.57
N THR F 40 10.55 -22.38 -32.40
CA THR F 40 9.33 -21.62 -32.17
C THR F 40 9.45 -20.21 -32.74
N ASN F 41 8.31 -19.65 -33.11
CA ASN F 41 8.32 -18.31 -33.72
C ASN F 41 6.98 -17.59 -33.56
N VAL F 42 6.12 -18.01 -32.62
CA VAL F 42 4.91 -17.25 -32.35
C VAL F 42 5.25 -15.80 -32.04
N ARG F 43 4.47 -14.89 -32.62
CA ARG F 43 4.61 -13.46 -32.35
C ARG F 43 6.00 -12.94 -32.69
N ASN F 44 6.66 -13.56 -33.67
CA ASN F 44 8.03 -13.26 -34.09
C ASN F 44 9.04 -13.50 -32.99
N MET F 45 8.63 -14.10 -31.89
CA MET F 45 9.52 -14.37 -30.76
C MET F 45 10.19 -15.71 -31.02
N LEU F 46 11.47 -15.66 -31.40
CA LEU F 46 12.18 -16.83 -31.91
C LEU F 46 12.82 -17.64 -30.79
N GLY F 47 12.64 -18.96 -30.85
CA GLY F 47 13.40 -19.88 -30.03
C GLY F 47 14.18 -20.85 -30.90
N PHE F 48 15.32 -21.32 -30.37
CA PHE F 48 16.26 -22.14 -31.12
C PHE F 48 16.76 -23.32 -30.28
N SER F 49 17.17 -24.38 -30.97
CA SER F 49 17.88 -25.50 -30.36
C SER F 49 19.09 -25.86 -31.22
N GLY F 50 20.25 -25.99 -30.59
CA GLY F 50 21.44 -26.33 -31.31
C GLY F 50 22.45 -26.89 -30.34
N LYS F 51 23.71 -26.96 -30.81
CA LYS F 51 24.78 -27.51 -30.01
C LYS F 51 25.93 -26.52 -29.95
N TYR F 52 26.72 -26.64 -28.89
CA TYR F 52 27.89 -25.81 -28.66
C TYR F 52 28.91 -26.73 -28.01
N LYS F 53 29.94 -27.10 -28.78
CA LYS F 53 30.93 -28.09 -28.35
C LYS F 53 30.26 -29.42 -27.99
N GLY F 54 29.39 -29.87 -28.89
CA GLY F 54 28.71 -31.14 -28.75
C GLY F 54 27.52 -31.17 -27.82
N LYS F 55 27.32 -30.13 -27.02
CA LYS F 55 26.33 -30.14 -25.95
C LYS F 55 25.10 -29.33 -26.34
N GLY F 56 23.92 -29.90 -26.06
CA GLY F 56 22.68 -29.26 -26.45
C GLY F 56 22.44 -27.96 -25.69
N ILE F 57 21.96 -26.97 -26.42
CA ILE F 57 21.62 -25.65 -25.89
C ILE F 57 20.36 -25.19 -26.59
N SER F 58 19.48 -24.55 -25.83
CA SER F 58 18.33 -23.88 -26.40
C SER F 58 18.44 -22.38 -26.12
N LEU F 59 17.73 -21.61 -26.93
CA LEU F 59 17.72 -20.16 -26.88
C LEU F 59 16.27 -19.70 -27.03
N MET F 60 15.90 -18.64 -26.32
CA MET F 60 14.53 -18.16 -26.43
C MET F 60 14.49 -16.67 -26.16
N GLY F 61 13.67 -15.94 -26.93
CA GLY F 61 13.42 -14.54 -26.64
C GLY F 61 12.22 -14.41 -25.72
N HIS F 62 12.21 -13.33 -24.91
CA HIS F 62 11.14 -13.15 -23.94
C HIS F 62 10.51 -11.75 -23.96
N GLY F 63 10.88 -10.89 -24.91
CA GLY F 63 10.29 -9.56 -24.97
C GLY F 63 10.72 -8.67 -23.80
N MET F 64 10.08 -7.52 -23.70
CA MET F 64 10.45 -6.49 -22.74
C MET F 64 9.46 -6.43 -21.58
N GLY F 65 9.97 -6.37 -20.36
CA GLY F 65 9.14 -6.21 -19.20
C GLY F 65 8.87 -7.52 -18.48
N ILE F 66 8.66 -7.40 -17.16
CA ILE F 66 8.37 -8.55 -16.29
C ILE F 66 7.19 -9.39 -16.82
N ALA F 67 6.10 -8.73 -17.20
CA ALA F 67 4.90 -9.47 -17.64
C ALA F 67 5.18 -10.33 -18.87
N SER F 68 5.83 -9.76 -19.88
CA SER F 68 6.16 -10.55 -21.07
C SER F 68 7.17 -11.64 -20.72
N CYS F 69 8.19 -11.31 -19.93
CA CYS F 69 9.20 -12.29 -19.52
C CYS F 69 8.55 -13.45 -18.77
N THR F 70 7.75 -13.12 -17.76
CA THR F 70 7.05 -14.13 -16.99
C THR F 70 6.26 -15.10 -17.88
N ILE F 71 5.56 -14.57 -18.88
CA ILE F 71 4.82 -15.45 -19.80
C ILE F 71 5.73 -16.52 -20.40
N TYR F 72 6.88 -16.13 -20.94
CA TYR F 72 7.71 -17.12 -21.61
C TYR F 72 8.43 -18.03 -20.62
N VAL F 73 8.90 -17.49 -19.49
CA VAL F 73 9.58 -18.34 -18.51
C VAL F 73 8.62 -19.40 -17.96
N THR F 74 7.38 -19.01 -17.67
CA THR F 74 6.41 -19.98 -17.17
C THR F 74 6.23 -21.12 -18.16
N GLU F 75 6.03 -20.77 -19.43
CA GLU F 75 5.78 -21.78 -20.46
C GLU F 75 7.00 -22.67 -20.68
N LEU F 76 8.21 -22.11 -20.72
CA LEU F 76 9.41 -22.94 -20.84
C LEU F 76 9.48 -23.98 -19.74
N ILE F 77 9.33 -23.54 -18.47
CA ILE F 77 9.50 -24.45 -17.35
C ILE F 77 8.40 -25.52 -17.35
N LYS F 78 7.14 -25.10 -17.55
CA LYS F 78 5.98 -25.95 -17.31
C LYS F 78 5.70 -26.88 -18.49
N THR F 79 5.62 -26.33 -19.69
CA THR F 79 5.31 -27.16 -20.85
C THR F 79 6.57 -27.82 -21.43
N TYR F 80 7.70 -27.12 -21.45
CA TYR F 80 8.89 -27.60 -22.15
C TYR F 80 9.98 -28.08 -21.22
N GLN F 81 9.70 -28.17 -19.92
CA GLN F 81 10.55 -28.92 -19.00
C GLN F 81 11.95 -28.33 -18.92
N VAL F 82 12.10 -27.02 -19.14
CA VAL F 82 13.41 -26.38 -19.00
C VAL F 82 13.75 -26.23 -17.51
N LYS F 83 15.01 -26.51 -17.16
CA LYS F 83 15.45 -26.50 -15.76
C LYS F 83 16.41 -25.38 -15.41
N GLU F 84 17.20 -24.89 -16.37
CA GLU F 84 18.11 -23.79 -16.10
C GLU F 84 17.81 -22.69 -17.11
N LEU F 85 17.71 -21.45 -16.62
CA LEU F 85 17.37 -20.31 -17.46
C LEU F 85 18.41 -19.24 -17.21
N LEU F 86 19.19 -18.89 -18.24
CA LEU F 86 20.25 -17.91 -18.13
C LEU F 86 19.92 -16.73 -19.03
N ARG F 87 19.70 -15.57 -18.42
CA ARG F 87 19.32 -14.38 -19.15
C ARG F 87 20.56 -13.52 -19.33
N ILE F 88 20.81 -13.08 -20.56
CA ILE F 88 21.87 -12.12 -20.83
C ILE F 88 21.30 -10.98 -21.66
N GLY F 89 21.73 -9.76 -21.34
CA GLY F 89 21.28 -8.60 -22.08
C GLY F 89 22.09 -7.38 -21.71
N THR F 90 21.60 -6.22 -22.15
CA THR F 90 22.19 -4.95 -21.78
C THR F 90 21.46 -4.35 -20.58
N CYS F 91 22.03 -3.25 -20.07
CA CYS F 91 21.50 -2.55 -18.92
C CYS F 91 22.18 -1.19 -18.83
N GLY F 92 21.43 -0.21 -18.34
CA GLY F 92 21.99 1.09 -18.02
C GLY F 92 22.62 1.11 -16.63
N ALA F 93 23.92 1.31 -16.56
CA ALA F 93 24.61 1.39 -15.28
C ALA F 93 24.21 2.65 -14.53
N ILE F 94 24.30 2.60 -13.21
CA ILE F 94 23.90 3.73 -12.37
C ILE F 94 24.85 3.85 -11.20
N SER F 95 25.80 2.97 -11.12
CA SER F 95 26.74 2.98 -10.02
C SER F 95 28.12 3.43 -10.48
N PRO F 96 28.84 4.22 -9.68
CA PRO F 96 30.24 4.53 -10.05
C PRO F 96 31.12 3.29 -10.10
N LYS F 97 30.71 2.20 -9.46
CA LYS F 97 31.52 0.99 -9.35
C LYS F 97 31.56 0.17 -10.63
N VAL F 98 30.90 0.62 -11.70
CA VAL F 98 30.92 -0.10 -12.96
C VAL F 98 31.07 0.92 -14.08
N GLY F 99 31.74 0.52 -15.16
CA GLY F 99 31.84 1.35 -16.33
C GLY F 99 31.50 0.56 -17.57
N LEU F 100 31.68 1.17 -18.73
CA LEU F 100 31.38 0.50 -19.99
C LEU F 100 32.18 -0.80 -20.11
N LYS F 101 31.59 -1.75 -20.85
CA LYS F 101 32.10 -3.10 -21.14
C LYS F 101 31.97 -4.04 -19.96
N ASP F 102 31.49 -3.58 -18.80
CA ASP F 102 31.37 -4.43 -17.63
C ASP F 102 30.22 -5.41 -17.76
N ILE F 103 30.44 -6.63 -17.24
CA ILE F 103 29.39 -7.63 -17.10
C ILE F 103 29.00 -7.70 -15.62
N ILE F 104 27.70 -7.56 -15.35
CA ILE F 104 27.16 -7.60 -13.99
C ILE F 104 26.43 -8.93 -13.80
N MET F 105 26.68 -9.57 -12.66
CA MET F 105 25.86 -10.67 -12.17
C MET F 105 24.88 -10.13 -11.14
N ALA F 106 23.60 -10.38 -11.37
CA ALA F 106 22.53 -9.85 -10.52
C ALA F 106 22.21 -10.87 -9.44
N THR F 107 22.79 -10.69 -8.25
CA THR F 107 22.47 -11.56 -7.12
C THR F 107 21.16 -11.18 -6.45
N GLY F 108 20.52 -10.10 -6.89
CA GLY F 108 19.22 -9.69 -6.41
C GLY F 108 18.59 -8.72 -7.37
N ALA F 109 17.27 -8.78 -7.51
CA ALA F 109 16.55 -7.92 -8.46
C ALA F 109 15.43 -7.20 -7.69
N SER F 110 15.64 -5.91 -7.40
CA SER F 110 14.61 -5.03 -6.88
C SER F 110 13.65 -4.62 -8.00
N THR F 111 12.53 -3.99 -7.62
CA THR F 111 11.53 -3.68 -8.65
C THR F 111 10.55 -2.62 -8.15
N ASP F 112 10.00 -1.86 -9.11
CA ASP F 112 8.88 -0.97 -8.83
C ASP F 112 7.55 -1.60 -9.24
N SER F 113 7.59 -2.84 -9.72
CA SER F 113 6.41 -3.60 -10.09
C SER F 113 5.63 -4.02 -8.84
N LYS F 114 4.34 -4.30 -9.02
CA LYS F 114 3.51 -4.91 -7.98
C LYS F 114 3.43 -6.42 -8.12
N THR F 115 4.08 -7.03 -9.14
CA THR F 115 3.88 -8.45 -9.39
C THR F 115 4.29 -9.31 -8.19
N ASN F 116 5.38 -8.96 -7.52
CA ASN F 116 5.80 -9.84 -6.45
C ASN F 116 5.00 -9.61 -5.18
N ARG F 117 4.43 -8.42 -5.00
CA ARG F 117 3.49 -8.25 -3.90
C ARG F 117 2.23 -9.07 -4.13
N VAL F 118 1.82 -9.22 -5.40
CA VAL F 118 0.64 -10.01 -5.73
C VAL F 118 0.92 -11.49 -5.51
N ARG F 119 2.11 -11.95 -5.94
CA ARG F 119 2.48 -13.35 -5.73
C ARG F 119 2.73 -13.68 -4.28
N PHE F 120 3.18 -12.72 -3.47
CA PHE F 120 3.86 -13.03 -2.21
C PHE F 120 3.26 -12.22 -1.05
N LEU F 121 1.95 -12.36 -0.84
CA LEU F 121 1.31 -11.98 0.43
C LEU F 121 1.28 -10.48 0.67
N ASN F 122 1.49 -9.68 -0.38
CA ASN F 122 1.68 -8.23 -0.28
C ASN F 122 2.85 -7.85 0.59
N HIS F 123 3.76 -8.79 0.84
CA HIS F 123 5.00 -8.54 1.58
C HIS F 123 6.13 -8.26 0.59
N ASP F 124 7.36 -8.18 1.11
CA ASP F 124 8.56 -7.96 0.28
C ASP F 124 9.16 -9.31 -0.10
N LEU F 125 9.11 -9.66 -1.38
CA LEU F 125 9.83 -10.83 -1.88
C LEU F 125 11.24 -10.41 -2.28
N SER F 126 12.26 -11.05 -1.71
CA SER F 126 13.62 -10.81 -2.18
C SER F 126 13.90 -11.74 -3.36
N ALA F 127 13.83 -11.20 -4.59
CA ALA F 127 13.98 -11.98 -5.82
C ALA F 127 15.46 -12.24 -6.08
N THR F 128 15.87 -13.50 -6.02
CA THR F 128 17.27 -13.89 -6.09
C THR F 128 17.46 -15.03 -7.09
N PRO F 129 18.65 -15.15 -7.67
CA PRO F 129 18.91 -16.26 -8.59
C PRO F 129 19.24 -17.54 -7.83
N ASP F 130 19.35 -18.62 -8.57
CA ASP F 130 19.85 -19.88 -8.04
C ASP F 130 21.34 -19.76 -7.71
N PHE F 131 21.74 -20.20 -6.50
CA PHE F 131 23.12 -20.00 -6.09
C PHE F 131 24.12 -20.81 -6.94
N GLU F 132 23.81 -22.07 -7.23
CA GLU F 132 24.76 -22.89 -7.99
C GLU F 132 25.03 -22.27 -9.35
N LEU F 133 23.98 -21.75 -10.00
CA LEU F 133 24.16 -21.01 -11.24
C LEU F 133 25.07 -19.80 -11.03
N SER F 134 24.92 -19.10 -9.90
CA SER F 134 25.74 -17.93 -9.66
CA SER F 134 25.74 -17.93 -9.64
C SER F 134 27.20 -18.31 -9.42
N LEU F 135 27.44 -19.44 -8.77
CA LEU F 135 28.81 -19.89 -8.54
C LEU F 135 29.43 -20.37 -9.86
N ARG F 136 28.63 -21.04 -10.69
CA ARG F 136 29.09 -21.44 -12.00
C ARG F 136 29.49 -20.23 -12.83
N ALA F 137 28.73 -19.14 -12.73
CA ALA F 137 29.08 -17.91 -13.46
C ALA F 137 30.34 -17.28 -12.90
N TYR F 138 30.51 -17.29 -11.57
CA TYR F 138 31.71 -16.71 -10.98
C TYR F 138 32.96 -17.50 -11.41
N GLN F 139 32.87 -18.83 -11.46
CA GLN F 139 34.02 -19.65 -11.79
C GLN F 139 34.34 -19.58 -13.27
N THR F 140 33.31 -19.64 -14.13
CA THR F 140 33.55 -19.50 -15.56
C THR F 140 34.15 -18.15 -15.90
N ALA F 141 33.64 -17.08 -15.29
CA ALA F 141 34.22 -15.75 -15.51
C ALA F 141 35.68 -15.74 -15.09
N LYS F 142 35.96 -16.22 -13.87
CA LYS F 142 37.34 -16.28 -13.41
C LYS F 142 38.21 -17.05 -14.39
N ARG F 143 37.72 -18.18 -14.89
CA ARG F 143 38.51 -19.00 -15.81
C ARG F 143 38.78 -18.26 -17.11
N LEU F 144 37.78 -17.57 -17.64
CA LEU F 144 37.93 -16.75 -18.83
C LEU F 144 38.66 -15.44 -18.56
N GLY F 145 39.05 -15.18 -17.31
CA GLY F 145 39.65 -13.90 -16.98
C GLY F 145 38.71 -12.72 -17.11
N ILE F 146 37.43 -12.90 -16.81
CA ILE F 146 36.43 -11.82 -16.88
C ILE F 146 36.25 -11.26 -15.46
N ASP F 147 36.26 -9.94 -15.35
CA ASP F 147 36.18 -9.29 -14.04
C ASP F 147 34.71 -9.06 -13.70
N LEU F 148 34.11 -10.06 -13.07
CA LEU F 148 32.67 -10.04 -12.80
C LEU F 148 32.35 -9.00 -11.74
N LYS F 149 31.41 -8.11 -12.08
CA LYS F 149 30.83 -7.18 -11.13
C LYS F 149 29.55 -7.78 -10.57
N ILE F 150 29.44 -7.81 -9.24
CA ILE F 150 28.34 -8.50 -8.58
C ILE F 150 27.55 -7.52 -7.72
N GLY F 151 26.23 -7.62 -7.76
CA GLY F 151 25.37 -6.74 -6.99
C GLY F 151 23.93 -6.87 -7.43
N ASN F 152 23.08 -5.97 -6.90
CA ASN F 152 21.68 -5.94 -7.33
C ASN F 152 21.55 -5.23 -8.68
N VAL F 153 20.48 -5.54 -9.40
CA VAL F 153 19.94 -4.65 -10.42
C VAL F 153 18.55 -4.20 -9.97
N PHE F 154 18.01 -3.20 -10.67
CA PHE F 154 16.64 -2.72 -10.42
C PHE F 154 15.80 -2.95 -11.66
N SER F 155 14.71 -3.72 -11.52
CA SER F 155 13.82 -4.08 -12.61
C SER F 155 12.60 -3.15 -12.58
N SER F 156 12.49 -2.28 -13.58
CA SER F 156 11.42 -1.29 -13.60
C SER F 156 10.37 -1.68 -14.62
N ASP F 157 9.14 -1.27 -14.33
CA ASP F 157 8.10 -1.25 -15.35
C ASP F 157 8.30 -0.12 -16.34
N PHE F 158 9.28 0.76 -16.13
CA PHE F 158 9.42 2.00 -16.90
C PHE F 158 10.78 2.05 -17.59
N PHE F 159 10.78 1.95 -18.91
CA PHE F 159 11.96 2.35 -19.67
C PHE F 159 12.17 3.85 -19.60
N TYR F 160 11.10 4.62 -19.83
CA TYR F 160 11.10 6.08 -19.72
C TYR F 160 10.68 6.39 -18.30
N SER F 161 11.67 6.56 -17.44
CA SER F 161 11.43 6.56 -16.01
C SER F 161 10.78 7.87 -15.59
N PHE F 162 9.83 7.78 -14.66
CA PHE F 162 9.32 8.95 -13.95
C PHE F 162 10.07 9.19 -12.64
N GLU F 163 11.15 8.45 -12.38
CA GLU F 163 11.85 8.52 -11.09
C GLU F 163 13.37 8.52 -11.28
N THR F 164 13.86 9.16 -12.35
CA THR F 164 15.31 9.22 -12.59
C THR F 164 16.06 9.84 -11.42
N HIS F 165 15.43 10.74 -10.68
CA HIS F 165 16.05 11.34 -9.50
C HIS F 165 16.39 10.33 -8.41
N ALA F 166 15.87 9.10 -8.49
CA ALA F 166 16.07 8.09 -7.47
C ALA F 166 17.27 7.20 -7.74
N PHE F 167 17.93 7.32 -8.91
CA PHE F 167 19.00 6.41 -9.28
C PHE F 167 20.19 6.52 -8.33
N ASP F 168 20.40 7.68 -7.73
CA ASP F 168 21.49 7.78 -6.77
C ASP F 168 21.19 6.95 -5.53
N LEU F 169 19.95 6.98 -5.04
CA LEU F 169 19.60 6.14 -3.90
C LEU F 169 19.71 4.65 -4.24
N MET F 170 19.30 4.26 -5.45
CA MET F 170 19.44 2.88 -5.87
C MET F 170 20.90 2.46 -5.91
N ALA F 171 21.77 3.30 -6.50
CA ALA F 171 23.18 2.96 -6.54
C ALA F 171 23.76 2.83 -5.13
N GLN F 172 23.38 3.73 -4.23
CA GLN F 172 23.87 3.66 -2.86
C GLN F 172 23.56 2.32 -2.24
N TYR F 173 22.37 1.80 -2.50
CA TYR F 173 21.96 0.49 -2.01
C TYR F 173 22.41 -0.63 -2.94
N ASN F 174 23.53 -0.45 -3.63
CA ASN F 174 24.19 -1.55 -4.33
C ASN F 174 23.35 -2.08 -5.50
N HIS F 175 22.59 -1.21 -6.15
CA HIS F 175 22.01 -1.52 -7.45
C HIS F 175 22.99 -1.02 -8.52
N LEU F 176 23.55 -1.93 -9.30
CA LEU F 176 24.62 -1.51 -10.21
C LEU F 176 24.08 -1.03 -11.53
N ALA F 177 22.89 -1.46 -11.91
CA ALA F 177 22.32 -1.01 -13.18
C ALA F 177 20.82 -1.28 -13.18
N ILE F 178 20.18 -0.82 -14.26
CA ILE F 178 18.72 -0.84 -14.41
C ILE F 178 18.36 -1.68 -15.64
N GLU F 179 17.38 -2.55 -15.49
CA GLU F 179 16.77 -3.19 -16.65
C GLU F 179 15.31 -3.47 -16.30
N MET F 180 14.71 -4.46 -16.95
CA MET F 180 13.25 -4.51 -16.89
C MET F 180 12.64 -5.91 -16.75
N GLU F 181 13.42 -6.97 -16.50
CA GLU F 181 12.81 -8.30 -16.41
C GLU F 181 13.34 -9.18 -15.29
N ALA F 182 14.53 -8.93 -14.76
CA ALA F 182 15.16 -9.87 -13.85
C ALA F 182 14.25 -10.23 -12.67
N ALA F 183 13.50 -9.26 -12.13
CA ALA F 183 12.66 -9.56 -10.97
C ALA F 183 11.58 -10.60 -11.32
N GLY F 184 11.07 -10.55 -12.54
CA GLY F 184 10.03 -11.47 -12.93
C GLY F 184 10.62 -12.81 -13.29
N LEU F 185 11.79 -12.79 -13.93
CA LEU F 185 12.52 -14.02 -14.17
C LEU F 185 12.81 -14.74 -12.85
N TYR F 186 13.39 -14.01 -11.89
CA TYR F 186 13.76 -14.63 -10.63
C TYR F 186 12.53 -15.12 -9.86
N ALA F 187 11.48 -14.31 -9.80
CA ALA F 187 10.31 -14.73 -9.04
C ALA F 187 9.59 -15.90 -9.71
N THR F 188 9.51 -15.91 -11.04
CA THR F 188 8.89 -17.04 -11.72
C THR F 188 9.71 -18.32 -11.51
N ALA F 189 11.04 -18.21 -11.59
CA ALA F 189 11.88 -19.36 -11.33
C ALA F 189 11.82 -19.80 -9.88
N MET F 190 11.65 -18.83 -8.97
CA MET F 190 11.35 -19.17 -7.57
C MET F 190 10.01 -19.88 -7.45
N GLU F 191 8.97 -19.35 -8.11
CA GLU F 191 7.63 -19.95 -8.06
C GLU F 191 7.62 -21.41 -8.51
N LEU F 192 8.32 -21.72 -9.61
CA LEU F 192 8.24 -23.02 -10.26
C LEU F 192 9.44 -23.91 -9.99
N ASN F 193 10.28 -23.55 -9.01
CA ASN F 193 11.41 -24.39 -8.58
C ASN F 193 12.32 -24.77 -9.77
N ALA F 194 12.78 -23.74 -10.47
CA ALA F 194 13.78 -23.88 -11.52
C ALA F 194 15.00 -22.99 -11.21
N LYS F 195 16.07 -23.18 -11.95
CA LYS F 195 17.33 -22.49 -11.69
C LYS F 195 17.50 -21.35 -12.69
N ALA F 196 17.75 -20.14 -12.18
CA ALA F 196 17.79 -18.96 -13.04
C ALA F 196 18.90 -18.00 -12.62
N LEU F 197 19.43 -17.28 -13.61
CA LEU F 197 20.41 -16.23 -13.35
C LEU F 197 20.32 -15.16 -14.44
N CYS F 198 20.72 -13.93 -14.09
CA CYS F 198 20.75 -12.80 -15.01
CA CYS F 198 20.76 -12.82 -15.03
C CYS F 198 22.16 -12.21 -15.09
N LEU F 199 22.63 -11.97 -16.31
CA LEU F 199 23.91 -11.30 -16.56
C LEU F 199 23.67 -10.07 -17.43
N CYS F 200 24.27 -8.95 -17.04
CA CYS F 200 24.05 -7.67 -17.68
C CYS F 200 25.36 -7.12 -18.21
N SER F 201 25.33 -6.64 -19.44
CA SER F 201 26.48 -5.97 -20.05
C SER F 201 26.22 -4.45 -20.09
N VAL F 202 27.20 -3.68 -19.64
CA VAL F 202 27.09 -2.23 -19.61
C VAL F 202 27.48 -1.66 -20.97
N SER F 203 26.51 -1.09 -21.68
CA SER F 203 26.79 -0.33 -22.88
C SER F 203 26.53 1.16 -22.74
N ASP F 204 25.76 1.57 -21.74
CA ASP F 204 25.51 2.98 -21.43
C ASP F 204 25.51 3.17 -19.92
N HIS F 205 25.95 4.35 -19.50
CA HIS F 205 26.05 4.68 -18.08
C HIS F 205 25.15 5.89 -17.83
N LEU F 206 23.90 5.61 -17.43
CA LEU F 206 22.84 6.60 -17.18
C LEU F 206 23.26 7.84 -16.41
N ILE F 207 24.34 7.76 -15.63
CA ILE F 207 24.76 8.90 -14.82
C ILE F 207 25.86 9.68 -15.55
N THR F 208 26.98 9.01 -15.85
CA THR F 208 28.11 9.70 -16.45
C THR F 208 27.95 9.90 -17.95
N LYS F 209 26.89 9.37 -18.55
CA LYS F 209 26.50 9.55 -19.95
C LYS F 209 27.47 8.92 -20.94
N GLU F 210 28.48 8.18 -20.48
CA GLU F 210 29.32 7.44 -21.42
C GLU F 210 28.49 6.44 -22.22
N ALA F 211 28.98 6.09 -23.41
CA ALA F 211 28.24 5.18 -24.28
C ALA F 211 29.18 4.51 -25.26
N LEU F 212 28.93 3.23 -25.52
CA LEU F 212 29.63 2.48 -26.55
C LEU F 212 29.07 2.82 -27.93
N SER F 213 29.92 2.75 -28.95
CA SER F 213 29.43 2.93 -30.31
C SER F 213 28.72 1.65 -30.75
N PRO F 214 27.95 1.72 -31.84
CA PRO F 214 27.31 0.49 -32.36
C PRO F 214 28.29 -0.66 -32.54
N LYS F 215 29.49 -0.40 -33.07
CA LYS F 215 30.45 -1.49 -33.22
C LYS F 215 31.07 -1.90 -31.89
N GLU F 216 31.12 -1.03 -30.89
CA GLU F 216 31.63 -1.54 -29.62
C GLU F 216 30.54 -2.29 -28.86
N ARG F 217 29.27 -1.96 -29.08
CA ARG F 217 28.19 -2.71 -28.47
C ARG F 217 28.21 -4.15 -28.95
N ILE F 218 28.36 -4.35 -30.27
CA ILE F 218 28.41 -5.71 -30.81
C ILE F 218 29.59 -6.47 -30.19
N GLU F 219 30.76 -5.83 -30.11
CA GLU F 219 31.96 -6.48 -29.59
C GLU F 219 31.77 -6.89 -28.14
N SER F 220 31.25 -5.96 -27.32
CA SER F 220 31.05 -6.20 -25.90
C SER F 220 30.07 -7.34 -25.65
N PHE F 221 28.90 -7.28 -26.28
CA PHE F 221 27.90 -8.30 -26.07
C PHE F 221 28.45 -9.69 -26.38
N ASP F 222 29.22 -9.82 -27.46
CA ASP F 222 29.83 -11.10 -27.80
C ASP F 222 30.61 -11.67 -26.62
N ASN F 223 31.34 -10.82 -25.90
CA ASN F 223 32.08 -11.28 -24.73
C ASN F 223 31.16 -11.87 -23.67
N MET F 224 29.92 -11.39 -23.59
CA MET F 224 28.97 -11.96 -22.64
C MET F 224 28.32 -13.21 -23.19
N ILE F 225 28.10 -13.28 -24.50
CA ILE F 225 27.54 -14.48 -25.09
C ILE F 225 28.44 -15.68 -24.82
N ILE F 226 29.77 -15.47 -24.86
CA ILE F 226 30.69 -16.60 -24.72
C ILE F 226 30.76 -17.06 -23.28
N LEU F 227 30.77 -16.13 -22.33
CA LEU F 227 30.66 -16.52 -20.93
C LEU F 227 29.42 -17.37 -20.70
N ALA F 228 28.26 -16.91 -21.21
CA ALA F 228 27.02 -17.69 -21.06
C ALA F 228 27.18 -19.09 -21.62
N LEU F 229 27.64 -19.20 -22.87
CA LEU F 229 27.81 -20.51 -23.50
C LEU F 229 28.80 -21.38 -22.72
N GLU F 230 29.96 -20.83 -22.40
CA GLU F 230 30.94 -21.54 -21.58
C GLU F 230 30.34 -22.00 -20.25
N MET F 231 29.38 -21.24 -19.69
CA MET F 231 28.78 -21.64 -18.42
C MET F 231 27.99 -22.91 -18.55
N MET F 232 27.47 -23.21 -19.73
CA MET F 232 26.60 -24.35 -19.93
C MET F 232 27.32 -25.59 -20.45
N SER F 233 28.64 -25.55 -20.59
CA SER F 233 29.38 -26.75 -21.02
C SER F 233 30.13 -27.42 -19.87
N1 HPA G . -5.13 -13.02 -19.96
C2 HPA G . -4.43 -11.92 -20.42
N3 HPA G . -4.37 -11.64 -21.77
C4 HPA G . -5.02 -12.44 -22.66
C5 HPA G . -5.73 -13.55 -22.21
C6 HPA G . -5.79 -13.84 -20.85
O6 HPA G . -6.26 -14.90 -20.44
N7 HPA G . -6.27 -14.15 -23.31
C8 HPA G . -5.90 -13.44 -24.39
N9 HPA G . -5.13 -12.39 -24.01
P PO4 H . -2.51 -9.06 -28.23
O1 PO4 H . -3.55 -8.67 -27.16
O2 PO4 H . -2.50 -7.98 -29.31
O3 PO4 H . -1.13 -9.19 -27.62
O4 PO4 H . -2.89 -10.39 -28.85
#